data_8KEF
#
_entry.id   8KEF
#
_cell.length_a   1.00
_cell.length_b   1.00
_cell.length_c   1.00
_cell.angle_alpha   90.00
_cell.angle_beta   90.00
_cell.angle_gamma   90.00
#
_symmetry.space_group_name_H-M   'P 1'
#
loop_
_entity.id
_entity.type
_entity.pdbx_description
1 polymer 'Neck gp7'
2 polymer 'Terminator gp8'
#
loop_
_entity_poly.entity_id
_entity_poly.type
_entity_poly.pdbx_seq_one_letter_code
_entity_poly.pdbx_strand_id
1 'polypeptide(L)'
;MLYSNLINVKQKVISIREKLGDPRLKSLVFEYPAGQLFRVTPKLKVSMVPKNMIGLPLDSKSNITISADDYYITDVSRNV
PEAAFRTRAWLDPVINDSGVIVSGINCRCHVINDKSGLSYDLILRKEREVRV
;
A,B,C,D,E,F
2 'polypeptide(L)'
;MTKPSLISAKILQHINSIVWLQSKGIQEPLKPDVIVNNVAYPPNVIAEKPVTNIEVITNSSMIENTGGVRQFLCKAVFEY
TIVWVFSREVYKTYHQIPRSQIQDLLVFCQQFVISAYQGIDPDITNIDLKPSQVLVKPTEDVNSDVSNSSSWSVVADLRF
MIEFLTSLDEFLPIDFNKIQPPTWELLDDLDPIVPEQPFTLNGLIISLNKSELPKVRADESDTYQLEEILYIPPTIEDQI
;
a,b,c,d,e,f
#
# COMPACT_ATOMS: atom_id res chain seq x y z
N LEU A 2 14.74 7.78 54.02
CA LEU A 2 16.06 7.07 53.80
C LEU A 2 16.10 6.24 52.52
N TYR A 3 15.00 5.53 52.13
CA TYR A 3 14.94 4.71 50.92
C TYR A 3 15.64 3.38 51.02
N SER A 4 16.36 3.10 52.13
CA SER A 4 17.09 1.86 52.33
C SER A 4 16.25 0.90 53.14
N ASN A 5 15.80 1.35 54.34
CA ASN A 5 14.87 0.61 55.18
C ASN A 5 13.43 0.67 54.67
N LEU A 6 13.10 1.66 53.82
CA LEU A 6 11.79 1.88 53.24
C LEU A 6 11.30 0.74 52.38
N ILE A 7 12.21 0.15 51.59
CA ILE A 7 11.94 -1.00 50.77
C ILE A 7 11.67 -2.24 51.60
N ASN A 8 12.45 -2.45 52.67
CA ASN A 8 12.30 -3.56 53.60
C ASN A 8 11.02 -3.47 54.43
N VAL A 9 10.66 -2.26 54.93
CA VAL A 9 9.40 -2.03 55.62
C VAL A 9 8.22 -2.20 54.67
N LYS A 10 8.35 -1.77 53.38
CA LYS A 10 7.39 -2.02 52.33
C LYS A 10 7.15 -3.50 52.09
N GLN A 11 8.22 -4.33 52.10
CA GLN A 11 8.12 -5.78 52.07
C GLN A 11 7.40 -6.35 53.28
N LYS A 12 7.71 -5.86 54.50
CA LYS A 12 7.03 -6.29 55.71
C LYS A 12 5.54 -5.97 55.74
N VAL A 13 5.14 -4.74 55.34
CA VAL A 13 3.75 -4.33 55.31
C VAL A 13 2.99 -5.02 54.21
N ILE A 14 3.65 -5.31 53.06
CA ILE A 14 3.00 -5.99 51.95
C ILE A 14 2.74 -7.44 52.25
N SER A 15 3.56 -8.07 53.14
CA SER A 15 3.47 -9.45 53.62
C SER A 15 2.19 -9.73 54.40
N ILE A 16 1.42 -8.67 54.72
CA ILE A 16 0.06 -8.74 55.23
C ILE A 16 -0.93 -9.20 54.19
N ARG A 17 -0.72 -8.88 52.90
CA ARG A 17 -1.64 -9.20 51.84
C ARG A 17 -1.86 -10.71 51.63
N GLU A 18 -0.74 -11.50 51.79
CA GLU A 18 -0.73 -12.96 51.73
C GLU A 18 -1.44 -13.66 52.86
N LYS A 19 -1.51 -13.03 54.05
CA LYS A 19 -2.26 -13.51 55.19
C LYS A 19 -3.76 -13.43 54.93
N LEU A 20 -4.19 -12.54 54.01
CA LEU A 20 -5.55 -12.51 53.52
C LEU A 20 -5.61 -13.32 52.24
N GLY A 21 -6.55 -14.27 52.12
CA GLY A 21 -6.61 -15.09 50.91
C GLY A 21 -7.28 -14.41 49.75
N ASP A 22 -6.51 -13.81 48.82
CA ASP A 22 -7.03 -13.26 47.58
C ASP A 22 -6.49 -14.04 46.37
N PRO A 23 -7.22 -14.19 45.25
CA PRO A 23 -6.81 -15.05 44.16
C PRO A 23 -5.88 -14.34 43.20
N ARG A 24 -5.65 -13.03 43.36
CA ARG A 24 -4.80 -12.28 42.44
C ARG A 24 -3.34 -12.49 42.72
N LEU A 25 -2.99 -13.00 43.92
CA LEU A 25 -1.64 -13.35 44.28
C LEU A 25 -1.05 -14.49 43.49
N LYS A 26 0.13 -14.26 42.90
CA LYS A 26 0.78 -15.27 42.12
C LYS A 26 2.23 -15.31 42.51
N SER A 27 2.82 -16.52 42.54
CA SER A 27 4.21 -16.65 42.95
C SER A 27 5.10 -16.41 41.77
N LEU A 28 6.05 -15.46 41.89
CA LEU A 28 6.98 -15.15 40.83
C LEU A 28 8.35 -15.67 41.22
N VAL A 29 9.05 -16.35 40.30
CA VAL A 29 10.43 -16.73 40.50
C VAL A 29 11.21 -16.29 39.28
N PHE A 30 12.51 -16.01 39.48
CA PHE A 30 13.50 -15.63 38.50
C PHE A 30 14.64 -16.61 38.61
N GLU A 31 15.59 -16.55 37.67
CA GLU A 31 16.76 -17.40 37.60
C GLU A 31 17.98 -16.49 37.48
N TYR A 32 18.05 -15.42 38.31
CA TYR A 32 19.10 -14.40 38.24
C TYR A 32 20.53 -14.93 38.25
N PRO A 33 20.97 -15.84 39.11
CA PRO A 33 22.28 -16.44 38.97
C PRO A 33 22.25 -17.48 37.87
N ALA A 34 23.40 -17.80 37.26
CA ALA A 34 23.46 -18.78 36.20
C ALA A 34 23.32 -20.23 36.67
N GLY A 35 22.08 -20.75 36.81
CA GLY A 35 21.80 -22.16 37.06
C GLY A 35 20.74 -22.42 38.08
N GLN A 36 20.67 -21.57 39.14
CA GLN A 36 19.71 -21.69 40.22
C GLN A 36 18.83 -20.47 40.31
N LEU A 37 17.86 -20.47 41.24
CA LEU A 37 16.71 -19.61 41.15
C LEU A 37 16.72 -18.52 42.20
N PHE A 38 16.05 -17.40 41.91
CA PHE A 38 15.87 -16.30 42.82
C PHE A 38 14.37 -16.08 42.95
N ARG A 39 13.80 -16.15 44.15
CA ARG A 39 12.38 -16.02 44.37
C ARG A 39 12.13 -14.70 45.03
N VAL A 40 11.15 -13.95 44.51
CA VAL A 40 10.67 -12.76 45.20
C VAL A 40 10.00 -13.18 46.50
N THR A 41 10.29 -12.45 47.60
CA THR A 41 9.73 -12.73 48.91
C THR A 41 8.23 -12.62 49.02
N PRO A 42 7.53 -11.56 48.59
CA PRO A 42 6.10 -11.50 48.77
C PRO A 42 5.42 -12.24 47.64
N LYS A 43 4.33 -12.93 47.93
CA LYS A 43 3.43 -13.47 46.96
C LYS A 43 2.55 -12.35 46.47
N LEU A 44 3.13 -11.45 45.68
CA LEU A 44 2.50 -10.31 45.09
C LEU A 44 1.38 -10.60 44.12
N LYS A 45 0.54 -9.58 43.89
CA LYS A 45 -0.56 -9.71 42.96
C LYS A 45 -0.19 -9.28 41.57
N VAL A 46 -0.94 -9.80 40.59
CA VAL A 46 -0.68 -9.50 39.20
C VAL A 46 -1.97 -9.56 38.44
N SER A 47 -2.17 -8.61 37.50
CA SER A 47 -3.33 -8.58 36.63
C SER A 47 -2.94 -9.08 35.26
N MET A 48 -3.93 -9.42 34.41
CA MET A 48 -3.69 -9.88 33.05
C MET A 48 -4.26 -8.84 32.13
N VAL A 49 -3.38 -8.17 31.35
CA VAL A 49 -3.77 -7.35 30.21
C VAL A 49 -4.31 -8.29 29.13
N PRO A 50 -5.39 -8.00 28.40
CA PRO A 50 -5.95 -8.91 27.44
C PRO A 50 -5.06 -9.12 26.24
N LYS A 51 -5.25 -10.26 25.59
CA LYS A 51 -4.48 -10.72 24.47
C LYS A 51 -4.65 -9.91 23.19
N ASN A 52 -3.63 -9.92 22.33
CA ASN A 52 -3.73 -9.32 21.03
C ASN A 52 -3.16 -10.25 19.98
N MET A 53 -3.83 -10.35 18.82
CA MET A 53 -3.42 -11.21 17.73
C MET A 53 -2.39 -10.48 16.89
N ILE A 54 -1.15 -11.00 16.82
CA ILE A 54 -0.04 -10.34 16.15
C ILE A 54 0.72 -11.36 15.32
N GLY A 55 1.59 -10.90 14.40
CA GLY A 55 2.49 -11.82 13.68
C GLY A 55 3.56 -12.41 14.55
N LEU A 56 4.34 -13.35 14.03
CA LEU A 56 5.41 -13.95 14.79
C LEU A 56 6.56 -12.96 15.10
N PRO A 57 7.14 -12.80 16.30
CA PRO A 57 8.23 -11.85 16.51
C PRO A 57 9.53 -12.38 15.91
N LEU A 58 9.62 -13.70 15.67
CA LEU A 58 10.74 -14.34 15.01
C LEU A 58 10.89 -13.94 13.55
N ASP A 59 9.77 -13.91 12.81
CA ASP A 59 9.69 -13.42 11.47
C ASP A 59 8.31 -12.79 11.45
N SER A 60 8.19 -11.46 11.32
CA SER A 60 6.94 -10.71 11.28
C SER A 60 6.13 -10.92 10.04
N LYS A 61 6.78 -11.02 8.87
CA LYS A 61 6.13 -11.18 7.60
C LYS A 61 6.10 -12.64 7.17
N SER A 62 5.47 -13.48 8.01
CA SER A 62 5.33 -14.90 7.78
C SER A 62 3.89 -15.27 7.97
N ASN A 63 3.53 -16.49 7.54
CA ASN A 63 2.22 -17.09 7.74
C ASN A 63 1.89 -17.38 9.21
N ILE A 64 2.88 -17.81 10.01
CA ILE A 64 2.73 -18.10 11.42
C ILE A 64 2.45 -16.84 12.22
N THR A 65 1.34 -16.86 12.97
CA THR A 65 0.93 -15.74 13.79
C THR A 65 0.73 -16.28 15.18
N ILE A 66 0.69 -15.41 16.19
CA ILE A 66 0.57 -15.80 17.57
C ILE A 66 -0.26 -14.78 18.29
N SER A 67 -0.59 -15.04 19.56
CA SER A 67 -1.30 -14.09 20.38
C SER A 67 -0.33 -13.70 21.46
N ALA A 68 -0.10 -12.40 21.66
CA ALA A 68 0.80 -11.93 22.68
C ALA A 68 0.02 -11.78 23.97
N ASP A 69 0.42 -12.55 25.00
CA ASP A 69 -0.23 -12.54 26.28
C ASP A 69 0.75 -11.96 27.28
N ASP A 70 0.33 -10.99 28.10
CA ASP A 70 1.22 -10.30 29.00
C ASP A 70 0.59 -10.22 30.39
N TYR A 71 1.41 -10.09 31.44
CA TYR A 71 0.96 -9.98 32.81
C TYR A 71 1.47 -8.72 33.45
N TYR A 72 0.65 -8.03 34.25
CA TYR A 72 1.01 -6.75 34.83
C TYR A 72 1.25 -6.89 36.32
N ILE A 73 2.53 -6.93 36.73
CA ILE A 73 2.96 -7.09 38.10
C ILE A 73 3.21 -5.73 38.68
N THR A 74 2.47 -5.39 39.75
CA THR A 74 2.34 -4.04 40.24
C THR A 74 3.28 -3.76 41.39
N ASP A 75 3.10 -4.46 42.52
CA ASP A 75 3.93 -4.24 43.69
C ASP A 75 5.10 -5.24 43.77
N VAL A 76 6.28 -4.95 43.18
CA VAL A 76 7.46 -5.83 43.29
C VAL A 76 8.62 -5.03 43.85
N SER A 77 9.20 -5.49 44.97
CA SER A 77 10.26 -4.75 45.65
C SER A 77 11.50 -4.47 44.79
N ARG A 78 12.23 -3.37 45.09
CA ARG A 78 13.48 -3.03 44.46
C ARG A 78 14.65 -3.83 45.01
N ASN A 79 14.47 -4.59 46.11
CA ASN A 79 15.52 -5.39 46.75
C ASN A 79 16.00 -6.52 45.87
N VAL A 80 15.18 -6.97 44.91
CA VAL A 80 15.58 -7.92 43.90
C VAL A 80 16.71 -7.38 43.03
N PRO A 81 17.70 -8.13 42.57
CA PRO A 81 18.73 -7.60 41.68
C PRO A 81 18.14 -7.14 40.36
N GLU A 82 18.61 -6.01 39.80
CA GLU A 82 18.18 -5.49 38.51
C GLU A 82 18.43 -6.49 37.38
N ALA A 83 19.59 -7.18 37.40
CA ALA A 83 19.98 -8.12 36.38
C ALA A 83 19.10 -9.36 36.31
N ALA A 84 18.27 -9.62 37.35
CA ALA A 84 17.25 -10.65 37.39
C ALA A 84 16.20 -10.45 36.31
N PHE A 85 15.96 -9.18 35.91
CA PHE A 85 14.96 -8.79 34.93
C PHE A 85 15.41 -9.12 33.51
N ARG A 86 16.70 -9.46 33.32
CA ARG A 86 17.24 -9.89 32.04
C ARG A 86 17.15 -11.38 31.86
N THR A 87 16.54 -12.08 32.82
CA THR A 87 16.45 -13.51 32.81
C THR A 87 14.98 -13.86 32.81
N ARG A 88 14.62 -15.02 32.23
CA ARG A 88 13.26 -15.53 32.23
C ARG A 88 12.65 -15.70 33.60
N ALA A 89 11.33 -15.48 33.68
CA ALA A 89 10.60 -15.51 34.90
C ALA A 89 9.49 -16.51 34.79
N TRP A 90 9.07 -17.03 35.96
CA TRP A 90 8.04 -18.02 36.02
C TRP A 90 6.99 -17.61 37.01
N LEU A 91 5.73 -17.70 36.58
CA LEU A 91 4.57 -17.43 37.40
C LEU A 91 3.94 -18.75 37.76
N ASP A 92 3.58 -18.90 39.04
CA ASP A 92 3.12 -20.13 39.68
C ASP A 92 3.97 -21.36 39.36
N PRO A 93 5.28 -21.37 39.60
CA PRO A 93 6.09 -22.53 39.32
C PRO A 93 6.04 -23.55 40.44
N VAL A 94 6.46 -24.78 40.13
CA VAL A 94 6.58 -25.86 41.10
C VAL A 94 8.03 -26.28 41.12
N ILE A 95 8.58 -26.43 42.35
CA ILE A 95 9.92 -26.89 42.59
C ILE A 95 9.78 -28.30 43.10
N ASN A 96 10.59 -29.22 42.57
CA ASN A 96 10.63 -30.60 43.02
C ASN A 96 11.59 -30.70 44.21
N ASP A 97 12.02 -31.93 44.57
CA ASP A 97 13.05 -32.26 45.53
C ASP A 97 14.41 -31.71 45.10
N SER A 98 14.67 -31.70 43.78
CA SER A 98 15.82 -31.07 43.16
C SER A 98 15.72 -29.54 43.05
N GLY A 99 16.74 -28.90 42.46
CA GLY A 99 16.75 -27.45 42.24
C GLY A 99 16.07 -27.00 40.96
N VAL A 100 15.47 -27.93 40.18
CA VAL A 100 14.83 -27.59 38.89
C VAL A 100 13.34 -27.35 39.08
N ILE A 101 12.68 -26.74 38.08
CA ILE A 101 11.25 -26.50 38.07
C ILE A 101 10.62 -27.31 36.95
N VAL A 102 9.48 -27.96 37.25
CA VAL A 102 8.79 -28.85 36.32
C VAL A 102 7.75 -28.08 35.52
N SER A 103 6.83 -27.40 36.21
CA SER A 103 5.63 -26.80 35.67
C SER A 103 5.67 -25.36 36.10
N GLY A 104 5.00 -24.49 35.33
CA GLY A 104 4.79 -23.10 35.65
C GLY A 104 4.52 -22.35 34.38
N ILE A 105 4.31 -21.04 34.50
CA ILE A 105 3.93 -20.20 33.39
C ILE A 105 5.13 -19.35 33.03
N ASN A 106 5.65 -19.54 31.81
CA ASN A 106 6.90 -18.94 31.38
C ASN A 106 6.67 -17.54 30.88
N CYS A 107 7.48 -16.57 31.34
CA CYS A 107 7.31 -15.18 30.98
C CYS A 107 8.66 -14.52 30.90
N ARG A 108 8.75 -13.41 30.16
CA ARG A 108 9.95 -12.63 30.02
C ARG A 108 9.61 -11.19 30.25
N CYS A 109 10.42 -10.43 31.01
CA CYS A 109 10.21 -9.01 31.27
C CYS A 109 10.18 -8.22 29.96
N HIS A 110 9.00 -7.65 29.63
CA HIS A 110 8.75 -6.96 28.38
C HIS A 110 9.01 -5.47 28.55
N VAL A 111 8.46 -4.86 29.62
CA VAL A 111 8.58 -3.43 29.85
C VAL A 111 8.70 -3.22 31.36
N ILE A 112 9.60 -2.30 31.76
CA ILE A 112 9.84 -1.92 33.14
C ILE A 112 9.25 -0.54 33.38
N ASN A 113 8.47 -0.39 34.46
CA ASN A 113 8.03 0.88 34.99
C ASN A 113 8.69 1.02 36.36
N ASP A 114 9.57 2.01 36.52
CA ASP A 114 10.34 2.24 37.72
C ASP A 114 10.19 3.67 38.24
N LYS A 115 9.04 4.32 37.97
CA LYS A 115 8.77 5.68 38.41
C LYS A 115 8.78 5.83 39.92
N SER A 116 8.18 4.88 40.64
CA SER A 116 8.25 4.84 42.09
C SER A 116 9.64 4.42 42.56
N GLY A 117 10.24 5.17 43.51
CA GLY A 117 11.63 4.94 43.95
C GLY A 117 11.83 3.80 44.91
N LEU A 118 10.74 3.20 45.41
CA LEU A 118 10.78 2.17 46.43
C LEU A 118 10.18 0.85 46.00
N SER A 119 9.66 0.67 44.77
CA SER A 119 9.15 -0.62 44.31
C SER A 119 9.33 -0.59 42.83
N TYR A 120 9.54 -1.66 42.09
CA TYR A 120 9.41 -1.74 40.65
C TYR A 120 7.95 -2.06 40.36
N ASP A 121 7.52 -1.90 39.10
CA ASP A 121 6.26 -2.33 38.56
C ASP A 121 6.66 -2.78 37.15
N LEU A 122 6.26 -3.97 36.71
CA LEU A 122 6.71 -4.47 35.44
C LEU A 122 5.63 -5.27 34.75
N ILE A 123 5.68 -5.24 33.42
CA ILE A 123 4.83 -6.07 32.60
C ILE A 123 5.73 -7.08 31.93
N LEU A 124 5.32 -8.35 31.98
CA LEU A 124 6.08 -9.45 31.46
C LEU A 124 5.24 -10.28 30.55
N ARG A 125 5.79 -10.56 29.35
CA ARG A 125 5.10 -11.23 28.28
C ARG A 125 5.33 -12.70 28.41
N LYS A 126 4.26 -13.49 28.30
CA LYS A 126 4.35 -14.93 28.21
C LYS A 126 5.12 -15.39 27.00
N GLU A 127 5.91 -16.45 27.18
CA GLU A 127 6.51 -17.16 26.07
C GLU A 127 5.47 -17.78 25.15
N ARG A 128 5.82 -17.91 23.87
CA ARG A 128 4.97 -18.51 22.85
C ARG A 128 4.69 -19.98 23.11
N GLU A 129 5.64 -20.67 23.76
CA GLU A 129 5.49 -22.02 24.21
C GLU A 129 5.63 -22.01 25.71
N VAL A 130 4.64 -22.55 26.43
CA VAL A 130 4.58 -22.55 27.88
C VAL A 130 4.52 -23.98 28.36
N ARG A 131 4.80 -24.22 29.65
CA ARG A 131 4.69 -25.54 30.22
C ARG A 131 3.28 -25.93 30.58
N VAL A 132 2.56 -25.06 31.31
CA VAL A 132 1.18 -25.23 31.69
C VAL A 132 0.44 -23.87 31.52
N LEU B 2 13.36 36.44 41.10
CA LEU B 2 14.59 36.89 40.35
C LEU B 2 15.01 35.95 39.24
N TYR B 3 14.92 34.60 39.42
CA TYR B 3 15.28 33.60 38.42
C TYR B 3 16.77 33.38 38.27
N SER B 4 17.62 34.17 38.94
CA SER B 4 19.07 34.06 38.86
C SER B 4 19.59 33.23 40.02
N ASN B 5 19.24 33.63 41.27
CA ASN B 5 19.53 32.88 42.47
C ASN B 5 18.60 31.68 42.66
N LEU B 6 17.43 31.68 41.99
CA LEU B 6 16.42 30.64 42.06
C LEU B 6 16.91 29.29 41.57
N ILE B 7 17.70 29.29 40.49
CA ILE B 7 18.30 28.11 39.94
C ILE B 7 19.36 27.52 40.87
N ASN B 8 20.18 28.40 41.49
CA ASN B 8 21.21 28.02 42.44
C ASN B 8 20.64 27.48 43.75
N VAL B 9 19.57 28.12 44.30
CA VAL B 9 18.86 27.62 45.46
C VAL B 9 18.17 26.30 45.16
N LYS B 10 17.61 26.14 43.93
CA LYS B 10 17.05 24.89 43.43
C LYS B 10 18.09 23.77 43.41
N GLN B 11 19.33 24.06 42.99
CA GLN B 11 20.46 23.15 43.08
C GLN B 11 20.81 22.78 44.52
N LYS B 12 20.85 23.77 45.44
CA LYS B 12 21.09 23.51 46.85
C LYS B 12 20.04 22.64 47.53
N VAL B 13 18.74 22.91 47.28
CA VAL B 13 17.66 22.13 47.86
C VAL B 13 17.58 20.76 47.25
N ILE B 14 17.91 20.60 45.95
CA ILE B 14 17.87 19.32 45.29
C ILE B 14 18.98 18.41 45.75
N SER B 15 20.13 18.99 46.21
CA SER B 15 21.32 18.32 46.75
C SER B 15 21.03 17.55 48.04
N ILE B 16 19.83 17.74 48.61
CA ILE B 16 19.27 16.93 49.68
C ILE B 16 18.89 15.54 49.23
N ARG B 17 18.46 15.36 47.97
CA ARG B 17 18.00 14.10 47.46
C ARG B 17 19.07 13.00 47.45
N GLU B 18 20.34 13.40 47.13
CA GLU B 18 21.53 12.55 47.16
C GLU B 18 21.97 12.09 48.52
N LYS B 19 21.67 12.87 49.58
CA LYS B 19 21.91 12.51 50.96
C LYS B 19 20.99 11.38 51.39
N LEU B 20 19.83 11.21 50.73
CA LEU B 20 18.98 10.07 50.90
C LEU B 20 19.32 9.06 49.82
N GLY B 21 19.57 7.79 50.19
CA GLY B 21 19.95 6.80 49.19
C GLY B 21 18.78 6.24 48.42
N ASP B 22 18.49 6.77 47.21
CA ASP B 22 17.50 6.23 46.31
C ASP B 22 18.16 5.67 45.02
N PRO B 23 17.65 4.62 44.37
CA PRO B 23 18.34 3.99 43.26
C PRO B 23 18.03 4.69 41.95
N ARG B 24 17.12 5.67 41.90
CA ARG B 24 16.76 6.34 40.67
C ARG B 24 17.77 7.38 40.26
N LEU B 25 18.64 7.81 41.22
CA LEU B 25 19.72 8.72 40.95
C LEU B 25 20.79 8.17 40.04
N LYS B 26 21.11 8.91 38.96
CA LYS B 26 22.12 8.50 38.03
C LYS B 26 23.01 9.67 37.74
N SER B 27 24.32 9.40 37.56
CA SER B 27 25.25 10.48 37.31
C SER B 27 25.27 10.79 35.85
N LEU B 28 25.03 12.06 35.47
CA LEU B 28 25.04 12.49 34.09
C LEU B 28 26.29 13.32 33.85
N VAL B 29 27.02 13.06 32.76
CA VAL B 29 28.10 13.92 32.33
C VAL B 29 27.90 14.25 30.87
N PHE B 30 28.40 15.42 30.45
CA PHE B 30 28.40 15.95 29.11
C PHE B 30 29.85 16.25 28.75
N GLU B 31 30.09 16.59 27.48
CA GLU B 31 31.40 16.91 26.94
C GLU B 31 31.28 18.25 26.23
N TYR B 32 30.62 19.26 26.88
CA TYR B 32 30.34 20.57 26.29
C TYR B 32 31.53 21.29 25.68
N PRO B 33 32.69 21.43 26.30
CA PRO B 33 33.85 21.96 25.62
C PRO B 33 34.46 20.90 24.71
N ALA B 34 35.20 21.30 23.67
CA ALA B 34 35.79 20.36 22.75
C ALA B 34 37.02 19.62 23.31
N GLY B 35 36.80 18.49 24.03
CA GLY B 35 37.86 17.58 24.44
C GLY B 35 37.72 17.07 25.85
N GLN B 36 37.22 17.93 26.78
CA GLN B 36 37.05 17.61 28.18
C GLN B 36 35.60 17.72 28.59
N LEU B 37 35.29 17.39 29.85
CA LEU B 37 33.95 17.03 30.25
C LEU B 37 33.30 18.08 31.11
N PHE B 38 31.96 18.12 31.10
CA PHE B 38 31.17 18.98 31.93
C PHE B 38 30.22 18.09 32.71
N ARG B 39 30.24 18.12 34.04
CA ARG B 39 29.42 17.27 34.86
C ARG B 39 28.34 18.10 35.49
N VAL B 40 27.09 17.62 35.43
CA VAL B 40 26.02 18.23 36.20
C VAL B 40 26.30 18.03 37.68
N THR B 41 26.08 19.09 38.48
CA THR B 41 26.31 19.05 39.93
C THR B 41 25.43 18.08 40.69
N PRO B 42 24.10 18.02 40.56
CA PRO B 42 23.34 17.11 41.37
C PRO B 42 23.33 15.75 40.70
N LYS B 43 23.37 14.69 41.50
CA LYS B 43 23.12 13.33 41.06
C LYS B 43 21.63 13.15 40.96
N LEU B 44 21.03 13.78 39.95
CA LEU B 44 19.63 13.76 39.64
C LEU B 44 19.06 12.39 39.29
N LYS B 45 17.72 12.29 39.41
CA LYS B 45 17.04 11.06 39.09
C LYS B 45 16.58 11.02 37.66
N VAL B 46 16.40 9.80 37.14
CA VAL B 46 15.99 9.61 35.77
C VAL B 46 15.17 8.35 35.68
N SER B 47 14.09 8.38 34.88
CA SER B 47 13.26 7.22 34.62
C SER B 47 13.58 6.66 33.25
N MET B 48 13.14 5.44 32.95
CA MET B 48 13.34 4.80 31.67
C MET B 48 11.97 4.62 31.04
N VAL B 49 11.73 5.32 29.92
CA VAL B 49 10.60 5.06 29.03
C VAL B 49 10.85 3.70 28.36
N PRO B 50 9.88 2.81 28.18
CA PRO B 50 10.11 1.50 27.62
C PRO B 50 10.49 1.55 26.17
N LYS B 51 11.18 0.49 25.73
CA LYS B 51 11.73 0.33 24.42
C LYS B 51 10.70 0.18 23.31
N ASN B 52 11.06 0.56 22.09
CA ASN B 52 10.22 0.31 20.94
C ASN B 52 11.07 -0.22 19.80
N MET B 53 10.53 -1.22 19.07
CA MET B 53 11.21 -1.85 17.96
C MET B 53 10.98 -1.03 16.71
N ILE B 54 12.05 -0.48 16.12
CA ILE B 54 11.96 0.43 14.98
C ILE B 54 13.02 0.07 13.96
N GLY B 55 12.92 0.59 12.72
CA GLY B 55 13.97 0.41 11.73
C GLY B 55 15.22 1.18 12.05
N LEU B 56 16.29 1.01 11.28
CA LEU B 56 17.52 1.73 11.52
C LEU B 56 17.39 3.24 11.22
N PRO B 57 17.84 4.22 12.02
CA PRO B 57 17.69 5.63 11.67
C PRO B 57 18.68 6.02 10.58
N LEU B 58 19.76 5.23 10.39
CA LEU B 58 20.74 5.41 9.34
C LEU B 58 20.17 5.16 7.95
N ASP B 59 19.38 4.08 7.79
CA ASP B 59 18.64 3.79 6.60
C ASP B 59 17.39 3.14 7.17
N SER B 60 16.21 3.77 7.03
CA SER B 60 14.93 3.30 7.52
C SER B 60 14.39 2.09 6.79
N LYS B 61 14.56 2.04 5.46
CA LYS B 61 14.07 0.98 4.63
C LYS B 61 15.15 -0.04 4.34
N SER B 62 15.68 -0.65 5.42
CA SER B 62 16.71 -1.66 5.36
C SER B 62 16.30 -2.83 6.20
N ASN B 63 17.01 -3.95 6.04
CA ASN B 63 16.83 -5.15 6.84
C ASN B 63 17.22 -4.98 8.31
N ILE B 64 18.27 -4.19 8.61
CA ILE B 64 18.74 -3.91 9.95
C ILE B 64 17.74 -3.07 10.72
N THR B 65 17.32 -3.59 11.88
CA THR B 65 16.37 -2.90 12.74
C THR B 65 17.02 -2.81 14.10
N ILE B 66 16.49 -1.94 14.97
CA ILE B 66 17.06 -1.70 16.27
C ILE B 66 15.93 -1.42 17.23
N SER B 67 16.25 -1.30 18.53
CA SER B 67 15.29 -0.93 19.53
C SER B 67 15.71 0.40 20.03
N ALA B 68 14.81 1.40 20.03
CA ALA B 68 15.14 2.71 20.52
C ALA B 68 14.89 2.76 22.00
N ASP B 69 15.94 3.01 22.78
CA ASP B 69 15.88 3.05 24.23
C ASP B 69 16.15 4.48 24.64
N ASP B 70 15.31 5.07 25.51
CA ASP B 70 15.42 6.45 25.87
C ASP B 70 15.31 6.60 27.39
N TYR B 71 15.88 7.69 27.94
CA TYR B 71 15.86 7.96 29.37
C TYR B 71 15.23 9.31 29.63
N TYR B 72 14.42 9.43 30.68
CA TYR B 72 13.68 10.66 30.97
C TYR B 72 14.25 11.35 32.20
N ILE B 73 15.05 12.40 31.98
CA ILE B 73 15.72 13.16 33.02
C ILE B 73 14.86 14.34 33.35
N THR B 74 14.43 14.44 34.62
CA THR B 74 13.36 15.31 35.04
C THR B 74 13.89 16.61 35.63
N ASP B 75 14.62 16.52 36.76
CA ASP B 75 15.13 17.71 37.41
C ASP B 75 16.60 17.99 37.02
N VAL B 76 16.86 18.78 35.94
CA VAL B 76 18.22 19.15 35.55
C VAL B 76 18.32 20.67 35.49
N SER B 77 19.24 21.27 36.25
CA SER B 77 19.35 22.72 36.34
C SER B 77 19.60 23.43 35.00
N ARG B 78 19.16 24.70 34.88
CA ARG B 78 19.41 25.54 33.74
C ARG B 78 20.81 26.15 33.74
N ASN B 79 21.57 26.00 34.85
CA ASN B 79 22.92 26.54 34.99
C ASN B 79 23.92 25.90 34.05
N VAL B 80 23.63 24.68 33.58
CA VAL B 80 24.41 24.02 32.56
C VAL B 80 24.37 24.79 31.24
N PRO B 81 25.41 24.89 30.43
CA PRO B 81 25.33 25.57 29.15
C PRO B 81 24.36 24.90 28.21
N GLU B 82 23.56 25.66 27.44
CA GLU B 82 22.63 25.14 26.45
C GLU B 82 23.32 24.29 25.39
N ALA B 83 24.51 24.73 24.93
CA ALA B 83 25.28 24.07 23.89
C ALA B 83 25.80 22.70 24.29
N ALA B 84 25.79 22.37 25.61
CA ALA B 84 26.09 21.06 26.16
C ALA B 84 25.14 19.99 25.65
N PHE B 85 23.89 20.40 25.33
CA PHE B 85 22.82 19.52 24.89
C PHE B 85 23.01 19.08 23.44
N ARG B 86 23.95 19.73 22.72
CA ARG B 86 24.30 19.37 21.35
C ARG B 86 25.44 18.38 21.32
N THR B 87 25.89 17.92 22.48
CA THR B 87 27.01 17.02 22.60
C THR B 87 26.51 15.77 23.28
N ARG B 88 27.14 14.61 22.98
CA ARG B 88 26.82 13.36 23.62
C ARG B 88 26.94 13.36 25.13
N ALA B 89 26.07 12.57 25.77
CA ALA B 89 25.97 12.52 27.19
C ALA B 89 26.18 11.11 27.66
N TRP B 90 26.63 10.97 28.91
CA TRP B 90 26.90 9.68 29.49
C TRP B 90 26.22 9.57 30.82
N LEU B 91 25.53 8.44 31.01
CA LEU B 91 24.86 8.09 32.25
C LEU B 91 25.68 7.03 32.92
N ASP B 92 25.90 7.18 34.24
CA ASP B 92 26.79 6.40 35.08
C ASP B 92 28.18 6.18 34.48
N PRO B 93 28.95 7.21 34.11
CA PRO B 93 30.27 7.01 33.56
C PRO B 93 31.31 6.83 34.63
N VAL B 94 32.48 6.30 34.23
CA VAL B 94 33.63 6.16 35.10
C VAL B 94 34.76 6.96 34.49
N ILE B 95 35.44 7.75 35.34
CA ILE B 95 36.58 8.55 34.98
C ILE B 95 37.77 7.84 35.57
N ASN B 96 38.85 7.68 34.79
CA ASN B 96 40.09 7.09 35.25
C ASN B 96 40.94 8.20 35.89
N ASP B 97 42.25 7.93 36.08
CA ASP B 97 43.28 8.87 36.49
C ASP B 97 43.48 9.99 35.47
N SER B 98 43.31 9.66 34.17
CA SER B 98 43.27 10.59 33.07
C SER B 98 41.95 11.36 32.93
N GLY B 99 41.83 12.22 31.91
CA GLY B 99 40.61 12.97 31.63
C GLY B 99 39.61 12.23 30.77
N VAL B 100 39.86 10.96 30.40
CA VAL B 100 38.97 10.20 29.52
C VAL B 100 38.01 9.34 30.34
N ILE B 101 36.94 8.83 29.71
CA ILE B 101 35.98 7.93 30.33
C ILE B 101 36.07 6.57 29.66
N VAL B 102 36.06 5.49 30.49
CA VAL B 102 36.20 4.12 30.01
C VAL B 102 34.85 3.50 29.72
N SER B 103 33.96 3.50 30.71
CA SER B 103 32.71 2.78 30.74
C SER B 103 31.64 3.81 31.03
N GLY B 104 30.40 3.52 30.60
CA GLY B 104 29.23 4.30 30.89
C GLY B 104 28.20 4.03 29.85
N ILE B 105 27.04 4.68 29.97
CA ILE B 105 25.91 4.44 29.11
C ILE B 105 25.78 5.65 28.20
N ASN B 106 25.94 5.44 26.88
CA ASN B 106 26.02 6.51 25.91
C ASN B 106 24.65 6.95 25.49
N CYS B 107 24.39 8.26 25.49
CA CYS B 107 23.08 8.80 25.16
C CYS B 107 23.25 10.11 24.45
N ARG B 108 22.22 10.52 23.69
CA ARG B 108 22.21 11.77 22.99
C ARG B 108 20.89 12.45 23.26
N CYS B 109 20.88 13.77 23.53
CA CYS B 109 19.66 14.53 23.78
C CYS B 109 18.70 14.45 22.58
N HIS B 110 17.54 13.80 22.79
CA HIS B 110 16.58 13.53 21.75
C HIS B 110 15.53 14.64 21.70
N VAL B 111 14.98 15.01 22.87
CA VAL B 111 13.93 16.02 22.94
C VAL B 111 14.14 16.82 24.22
N ILE B 112 13.96 18.15 24.12
CA ILE B 112 14.09 19.09 25.22
C ILE B 112 12.69 19.55 25.63
N ASN B 113 12.39 19.51 26.93
CA ASN B 113 11.23 20.12 27.53
C ASN B 113 11.77 21.22 28.46
N ASP B 114 11.46 22.49 28.14
CA ASP B 114 11.95 23.65 28.85
C ASP B 114 10.82 24.57 29.30
N LYS B 115 9.62 24.01 29.54
CA LYS B 115 8.45 24.78 29.98
C LYS B 115 8.66 25.47 31.32
N SER B 116 9.29 24.78 32.29
CA SER B 116 9.68 25.37 33.54
C SER B 116 10.86 26.33 33.36
N GLY B 117 10.77 27.56 33.90
CA GLY B 117 11.79 28.59 33.68
C GLY B 117 13.04 28.47 34.51
N LEU B 118 13.06 27.54 35.47
CA LEU B 118 14.15 27.38 36.43
C LEU B 118 14.83 26.02 36.38
N SER B 119 14.42 25.06 35.53
CA SER B 119 15.10 23.78 35.42
C SER B 119 14.85 23.33 34.02
N TYR B 120 15.66 22.56 33.32
CA TYR B 120 15.36 21.86 32.10
C TYR B 120 14.77 20.52 32.52
N ASP B 121 14.13 19.80 31.58
CA ASP B 121 13.69 18.44 31.68
C ASP B 121 13.96 17.91 30.28
N LEU B 122 14.63 16.76 30.13
CA LEU B 122 14.99 16.29 28.82
C LEU B 122 14.92 14.80 28.73
N ILE B 123 14.62 14.31 27.52
CA ILE B 123 14.68 12.90 27.23
C ILE B 123 15.84 12.69 26.28
N LEU B 124 16.66 11.69 26.58
CA LEU B 124 17.86 11.41 25.83
C LEU B 124 17.88 9.96 25.44
N ARG B 125 18.14 9.72 24.14
CA ARG B 125 18.09 8.42 23.53
C ARG B 125 19.45 7.79 23.63
N LYS B 126 19.49 6.53 24.06
CA LYS B 126 20.70 5.72 24.02
C LYS B 126 21.21 5.54 22.61
N GLU B 127 22.55 5.56 22.48
CA GLU B 127 23.20 5.14 21.26
C GLU B 127 22.95 3.68 20.94
N ARG B 128 22.96 3.34 19.64
CA ARG B 128 22.77 1.98 19.15
C ARG B 128 23.88 1.04 19.59
N GLU B 129 25.09 1.59 19.78
CA GLU B 129 26.22 0.89 20.32
C GLU B 129 26.61 1.58 21.60
N VAL B 130 26.69 0.84 22.71
CA VAL B 130 26.97 1.38 24.03
C VAL B 130 28.21 0.71 24.56
N ARG B 131 28.84 1.29 25.61
CA ARG B 131 29.99 0.68 26.23
C ARG B 131 29.62 -0.42 27.21
N VAL B 132 28.69 -0.14 28.14
CA VAL B 132 28.18 -1.08 29.11
C VAL B 132 26.64 -0.90 29.21
N LEU C 2 -13.63 46.81 28.62
CA LEU C 2 -13.50 47.65 27.38
C LEU C 2 -12.74 46.96 26.25
N TYR C 3 -11.66 46.19 26.53
CA TYR C 3 -10.87 45.49 25.53
C TYR C 3 -9.92 46.36 24.74
N SER C 4 -9.96 47.70 24.91
CA SER C 4 -9.12 48.64 24.19
C SER C 4 -7.92 48.98 25.04
N ASN C 5 -8.16 49.47 26.28
CA ASN C 5 -7.12 49.71 27.27
C ASN C 5 -6.60 48.44 27.92
N LEU C 6 -7.37 47.33 27.85
CA LEU C 6 -7.04 46.04 28.43
C LEU C 6 -5.79 45.43 27.84
N ILE C 7 -5.60 45.56 26.53
CA ILE C 7 -4.43 45.10 25.83
C ILE C 7 -3.18 45.89 26.21
N ASN C 8 -3.33 47.22 26.35
CA ASN C 8 -2.25 48.12 26.76
C ASN C 8 -1.84 47.92 28.21
N VAL C 9 -2.81 47.74 29.14
CA VAL C 9 -2.52 47.40 30.53
C VAL C 9 -1.88 46.03 30.64
N LYS C 10 -2.32 45.05 29.81
CA LYS C 10 -1.70 43.74 29.68
C LYS C 10 -0.24 43.83 29.26
N GLN C 11 0.09 44.71 28.30
CA GLN C 11 1.46 45.03 27.93
C GLN C 11 2.26 45.64 29.08
N LYS C 12 1.67 46.61 29.82
CA LYS C 12 2.32 47.19 30.99
C LYS C 12 2.62 46.21 32.11
N VAL C 13 1.66 45.33 32.46
CA VAL C 13 1.84 44.34 33.51
C VAL C 13 2.78 43.25 33.08
N ILE C 14 2.80 42.89 31.77
CA ILE C 14 3.70 41.86 31.28
C ILE C 14 5.12 42.32 31.24
N SER C 15 5.37 43.66 31.10
CA SER C 15 6.67 44.34 31.08
C SER C 15 7.42 44.19 32.41
N ILE C 16 6.75 43.68 33.44
CA ILE C 16 7.35 43.23 34.69
C ILE C 16 8.19 41.99 34.53
N ARG C 17 7.82 41.07 33.62
CA ARG C 17 8.49 39.81 33.43
C ARG C 17 9.96 39.93 33.01
N GLU C 18 10.25 40.95 32.13
CA GLU C 18 11.58 41.32 31.67
C GLU C 18 12.50 41.92 32.71
N LYS C 19 11.93 42.57 33.74
CA LYS C 19 12.65 43.08 34.88
C LYS C 19 13.18 41.95 35.75
N LEU C 20 12.54 40.76 35.69
CA LEU C 20 13.06 39.55 36.29
C LEU C 20 13.84 38.80 35.23
N GLY C 21 15.10 38.39 35.52
CA GLY C 21 15.88 37.70 34.50
C GLY C 21 15.54 36.24 34.37
N ASP C 22 14.69 35.85 33.39
CA ASP C 22 14.41 34.47 33.07
C ASP C 22 14.92 34.12 31.66
N PRO C 23 15.37 32.88 31.37
CA PRO C 23 16.00 32.58 30.09
C PRO C 23 14.99 32.24 29.03
N ARG C 24 13.69 32.14 29.34
CA ARG C 24 12.68 31.77 28.37
C ARG C 24 12.28 32.94 27.49
N LEU C 25 12.60 34.18 27.93
CA LEU C 25 12.39 35.37 27.15
C LEU C 25 13.20 35.47 25.89
N LYS C 26 12.53 35.68 24.75
CA LYS C 26 13.21 35.80 23.49
C LYS C 26 12.66 36.99 22.76
N SER C 27 13.53 37.71 22.03
CA SER C 27 13.11 38.90 21.33
C SER C 27 12.53 38.51 20.00
N LEU C 28 11.29 38.92 19.70
CA LEU C 28 10.64 38.62 18.44
C LEU C 28 10.57 39.90 17.62
N VAL C 29 10.94 39.84 16.33
CA VAL C 29 10.72 40.94 15.42
C VAL C 29 10.02 40.40 14.19
N PHE C 30 9.25 41.27 13.53
CA PHE C 30 8.51 41.05 12.30
C PHE C 30 8.97 42.11 11.31
N GLU C 31 8.53 41.97 10.05
CA GLU C 31 8.86 42.88 8.97
C GLU C 31 7.54 43.28 8.31
N TYR C 32 6.51 43.65 9.13
CA TYR C 32 5.17 43.97 8.66
C TYR C 32 5.08 45.00 7.54
N PRO C 33 5.72 46.15 7.57
CA PRO C 33 5.75 47.01 6.41
C PRO C 33 6.74 46.48 5.38
N ALA C 34 6.59 46.83 4.10
CA ALA C 34 7.47 46.35 3.07
C ALA C 34 8.85 47.03 3.05
N GLY C 35 9.82 46.50 3.85
CA GLY C 35 11.22 46.89 3.80
C GLY C 35 11.86 47.07 5.14
N GLN C 36 11.10 47.57 6.15
CA GLN C 36 11.58 47.82 7.49
C GLN C 36 10.81 47.00 8.50
N LEU C 37 11.18 47.09 9.78
CA LEU C 37 10.85 46.08 10.76
C LEU C 37 9.84 46.56 11.77
N PHE C 38 9.08 45.63 12.36
CA PHE C 38 8.14 45.88 13.40
C PHE C 38 8.53 45.00 14.57
N ARG C 39 8.81 45.56 15.75
CA ARG C 39 9.25 44.81 16.90
C ARG C 39 8.14 44.77 17.90
N VAL C 40 7.84 43.57 18.44
CA VAL C 40 6.93 43.46 19.56
C VAL C 40 7.56 44.12 20.77
N THR C 41 6.76 44.91 21.52
CA THR C 41 7.23 45.61 22.71
C THR C 41 7.73 44.74 23.84
N PRO C 42 7.05 43.70 24.33
CA PRO C 42 7.55 42.94 25.44
C PRO C 42 8.51 41.90 24.92
N LYS C 43 9.58 41.63 25.68
CA LYS C 43 10.45 40.50 25.47
C LYS C 43 9.78 39.29 26.07
N LEU C 44 8.73 38.82 25.39
CA LEU C 44 7.94 37.68 25.75
C LEU C 44 8.66 36.34 25.78
N LYS C 45 8.06 35.38 26.48
CA LYS C 45 8.63 34.06 26.57
C LYS C 45 8.10 33.13 25.51
N VAL C 46 8.89 32.10 25.20
CA VAL C 46 8.52 31.15 24.17
C VAL C 46 9.10 29.81 24.52
N SER C 47 8.32 28.73 24.30
CA SER C 47 8.77 27.37 24.50
C SER C 47 9.09 26.73 23.17
N MET C 48 9.80 25.60 23.17
CA MET C 48 10.14 24.86 21.97
C MET C 48 9.43 23.54 22.03
N VAL C 49 8.47 23.32 21.10
CA VAL C 49 7.89 22.02 20.83
C VAL C 49 8.98 21.14 20.20
N PRO C 50 9.15 19.86 20.53
CA PRO C 50 10.23 19.05 20.00
C PRO C 50 10.07 18.78 18.52
N LYS C 51 11.21 18.50 17.88
CA LYS C 51 11.34 18.27 16.47
C LYS C 51 10.67 17.00 15.96
N ASN C 52 10.29 17.00 14.68
CA ASN C 52 9.79 15.80 14.05
C ASN C 52 10.42 15.65 12.68
N MET C 53 10.80 14.40 12.33
CA MET C 53 11.44 14.09 11.07
C MET C 53 10.36 13.89 10.02
N ILE C 54 10.35 14.75 8.97
CA ILE C 54 9.32 14.75 7.95
C ILE C 54 9.96 14.89 6.59
N GLY C 55 9.21 14.62 5.50
CA GLY C 55 9.69 14.89 4.15
C GLY C 55 9.80 16.36 3.83
N LEU C 56 10.35 16.72 2.67
CA LEU C 56 10.47 18.11 2.30
C LEU C 56 9.10 18.77 2.00
N PRO C 57 8.72 19.96 2.46
CA PRO C 57 7.41 20.53 2.13
C PRO C 57 7.38 21.03 0.70
N LEU C 58 8.56 21.27 0.09
CA LEU C 58 8.71 21.65 -1.30
C LEU C 58 8.30 20.56 -2.27
N ASP C 59 8.73 19.32 -2.00
CA ASP C 59 8.32 18.14 -2.70
C ASP C 59 8.28 17.10 -1.60
N SER C 60 7.11 16.56 -1.23
CA SER C 60 6.92 15.56 -0.19
C SER C 60 7.46 14.20 -0.53
N LYS C 61 7.31 13.76 -1.79
CA LYS C 61 7.73 12.47 -2.25
C LYS C 61 9.08 12.54 -2.94
N SER C 62 10.09 13.01 -2.19
CA SER C 62 11.45 13.14 -2.65
C SER C 62 12.37 12.50 -1.65
N ASN C 63 13.64 12.29 -2.04
CA ASN C 63 14.70 11.80 -1.19
C ASN C 63 15.08 12.76 -0.06
N ILE C 64 15.07 14.09 -0.31
CA ILE C 64 15.38 15.12 0.65
C ILE C 64 14.33 15.18 1.75
N THR C 65 14.77 15.05 3.00
CA THR C 65 13.91 15.11 4.16
C THR C 65 14.47 16.16 5.07
N ILE C 66 13.67 16.63 6.03
CA ILE C 66 14.07 17.69 6.93
C ILE C 66 13.44 17.42 8.28
N SER C 67 13.80 18.24 9.28
CA SER C 67 13.21 18.15 10.59
C SER C 67 12.46 19.43 10.77
N ALA C 68 11.16 19.36 11.12
CA ALA C 68 10.36 20.54 11.33
C ALA C 68 10.51 20.96 12.77
N ASP C 69 11.05 22.18 12.97
CA ASP C 69 11.30 22.73 14.29
C ASP C 69 10.36 23.91 14.46
N ASP C 70 9.62 23.99 15.58
CA ASP C 70 8.62 25.01 15.77
C ASP C 70 8.79 25.63 17.17
N TYR C 71 8.32 26.87 17.35
CA TYR C 71 8.40 27.57 18.61
C TYR C 71 7.02 28.01 19.05
N TYR C 72 6.71 27.91 20.35
CA TYR C 72 5.39 28.20 20.87
C TYR C 72 5.40 29.49 21.67
N ILE C 73 4.93 30.59 21.06
CA ILE C 73 4.88 31.91 21.65
C ILE C 73 3.53 32.11 22.26
N THR C 74 3.50 32.36 23.58
CA THR C 74 2.30 32.26 24.39
C THR C 74 1.66 33.61 24.60
N ASP C 75 2.37 34.54 25.29
CA ASP C 75 1.81 35.84 25.57
C ASP C 75 2.28 36.90 24.55
N VAL C 76 1.55 37.11 23.42
CA VAL C 76 1.88 38.15 22.45
C VAL C 76 0.68 39.06 22.26
N SER C 77 0.85 40.37 22.50
CA SER C 77 -0.27 41.33 22.44
C SER C 77 -1.00 41.38 21.09
N ARG C 78 -2.30 41.74 21.12
CA ARG C 78 -3.11 41.95 19.94
C ARG C 78 -2.85 43.30 19.28
N ASN C 79 -2.08 44.21 19.94
CA ASN C 79 -1.77 45.55 19.42
C ASN C 79 -0.92 45.51 18.17
N VAL C 80 -0.17 44.42 17.96
CA VAL C 80 0.56 44.19 16.73
C VAL C 80 -0.39 44.08 15.53
N PRO C 81 -0.09 44.57 14.33
CA PRO C 81 -0.97 44.40 13.19
C PRO C 81 -1.14 42.93 12.83
N GLU C 82 -2.36 42.50 12.45
CA GLU C 82 -2.65 41.14 12.02
C GLU C 82 -1.82 40.73 10.81
N ALA C 83 -1.64 41.65 9.84
CA ALA C 83 -0.93 41.41 8.60
C ALA C 83 0.57 41.15 8.81
N ALA C 84 1.12 41.48 10.00
CA ALA C 84 2.47 41.15 10.43
C ALA C 84 2.72 39.66 10.46
N PHE C 85 1.66 38.86 10.72
CA PHE C 85 1.70 37.43 10.85
C PHE C 85 1.84 36.74 9.50
N ARG C 86 1.64 37.49 8.39
CA ARG C 86 1.83 37.00 7.04
C ARG C 86 3.24 37.23 6.55
N THR C 87 4.11 37.74 7.42
CA THR C 87 5.47 38.08 7.06
C THR C 87 6.36 37.28 7.95
N ARG C 88 7.59 36.94 7.48
CA ARG C 88 8.59 36.25 8.26
C ARG C 88 8.98 36.93 9.56
N ALA C 89 9.29 36.11 10.56
CA ALA C 89 9.60 36.57 11.87
C ALA C 89 10.97 36.09 12.27
N TRP C 90 11.60 36.84 13.19
CA TRP C 90 12.92 36.52 13.65
C TRP C 90 12.94 36.49 15.15
N LEU C 91 13.53 35.43 15.70
CA LEU C 91 13.73 35.25 17.11
C LEU C 91 15.19 35.48 17.41
N ASP C 92 15.46 36.25 18.47
CA ASP C 92 16.76 36.78 18.86
C ASP C 92 17.56 37.41 17.72
N PRO C 93 17.04 38.39 16.99
CA PRO C 93 17.79 39.00 15.91
C PRO C 93 18.73 40.08 16.41
N VAL C 94 19.70 40.45 15.56
CA VAL C 94 20.62 41.54 15.82
C VAL C 94 20.43 42.57 14.73
N ILE C 95 20.33 43.85 15.14
CA ILE C 95 20.22 44.98 14.26
C ILE C 95 21.56 45.66 14.29
N ASN C 96 22.09 46.02 13.12
CA ASN C 96 23.34 46.76 13.00
C ASN C 96 23.03 48.26 13.13
N ASP C 97 23.98 49.12 12.73
CA ASP C 97 23.87 50.55 12.58
C ASP C 97 22.83 50.93 11.52
N SER C 98 22.73 50.11 10.45
CA SER C 98 21.70 50.18 9.43
C SER C 98 20.35 49.61 9.87
N GLY C 99 19.35 49.63 8.96
CA GLY C 99 18.02 49.07 9.22
C GLY C 99 17.90 47.59 8.94
N VAL C 100 18.99 46.89 8.57
CA VAL C 100 18.96 45.46 8.23
C VAL C 100 19.33 44.62 9.44
N ILE C 101 19.04 43.31 9.39
CA ILE C 101 19.39 42.35 10.42
C ILE C 101 20.40 41.36 9.86
N VAL C 102 21.44 41.07 10.65
CA VAL C 102 22.54 40.20 10.24
C VAL C 102 22.26 38.75 10.63
N SER C 103 22.00 38.51 11.91
CA SER C 103 21.92 37.21 12.54
C SER C 103 20.58 37.15 13.22
N GLY C 104 20.06 35.93 13.40
CA GLY C 104 18.87 35.65 14.16
C GLY C 104 18.30 34.34 13.70
N ILE C 105 17.18 33.93 14.30
CA ILE C 105 16.58 32.65 14.05
C ILE C 105 15.33 32.89 13.24
N ASN C 106 15.31 32.36 12.00
CA ASN C 106 14.26 32.65 11.04
C ASN C 106 13.07 31.75 11.26
N CYS C 107 11.86 32.32 11.30
CA CYS C 107 10.66 31.57 11.57
C CYS C 107 9.51 32.15 10.78
N ARG C 108 8.47 31.34 10.54
CA ARG C 108 7.28 31.78 9.85
C ARG C 108 6.09 31.33 10.66
N CYS C 109 5.06 32.19 10.83
CA CYS C 109 3.84 31.85 11.56
C CYS C 109 3.13 30.65 10.92
N HIS C 110 3.10 29.52 11.66
CA HIS C 110 2.57 28.26 11.19
C HIS C 110 1.10 28.14 11.56
N VAL C 111 0.75 28.42 12.82
CA VAL C 111 -0.62 28.27 13.31
C VAL C 111 -0.88 29.39 14.30
N ILE C 112 -2.08 29.99 14.23
CA ILE C 112 -2.53 31.05 15.10
C ILE C 112 -3.57 30.49 16.06
N ASN C 113 -3.42 30.76 17.37
CA ASN C 113 -4.40 30.53 18.39
C ASN C 113 -4.81 31.91 18.90
N ASP C 114 -6.08 32.29 18.69
CA ASP C 114 -6.61 33.59 19.05
C ASP C 114 -7.87 33.49 19.90
N LYS C 115 -8.00 32.40 20.69
CA LYS C 115 -9.15 32.18 21.57
C LYS C 115 -9.31 33.26 22.62
N SER C 116 -8.20 33.69 23.24
CA SER C 116 -8.21 34.81 24.15
C SER C 116 -8.39 36.14 23.41
N GLY C 117 -9.32 37.00 23.85
CA GLY C 117 -9.68 38.23 23.14
C GLY C 117 -8.72 39.39 23.33
N LEU C 118 -7.74 39.25 24.23
CA LEU C 118 -6.82 40.32 24.60
C LEU C 118 -5.36 40.00 24.33
N SER C 119 -4.98 38.82 23.81
CA SER C 119 -3.59 38.51 23.48
C SER C 119 -3.67 37.52 22.36
N TYR C 120 -2.76 37.40 21.42
CA TYR C 120 -2.62 36.29 20.51
C TYR C 120 -1.74 35.26 21.22
N ASP C 121 -1.71 34.02 20.71
CA ASP C 121 -0.81 32.96 21.07
C ASP C 121 -0.54 32.29 19.73
N LEU C 122 0.73 32.05 19.36
CA LEU C 122 1.02 31.52 18.06
C LEU C 122 2.18 30.57 18.09
N ILE C 123 2.16 29.61 17.17
CA ILE C 123 3.27 28.72 16.96
C ILE C 123 3.85 29.06 15.60
N LEU C 124 5.18 29.19 15.55
CA LEU C 124 5.88 29.58 14.37
C LEU C 124 6.99 28.62 14.09
N ARG C 125 7.04 28.14 12.83
CA ARG C 125 7.93 27.12 12.38
C ARG C 125 9.20 27.78 11.89
N LYS C 126 10.35 27.25 12.32
CA LYS C 126 11.63 27.62 11.79
C LYS C 126 11.76 27.34 10.31
N GLU C 127 12.42 28.25 9.59
CA GLU C 127 12.84 28.00 8.23
C GLU C 127 13.84 26.85 8.14
N ARG C 128 13.84 26.14 7.00
CA ARG C 128 14.74 25.04 6.72
C ARG C 128 16.19 25.47 6.67
N GLU C 129 16.43 26.72 6.26
CA GLU C 129 17.73 27.34 6.27
C GLU C 129 17.65 28.53 7.20
N VAL C 130 18.54 28.59 8.20
CA VAL C 130 18.53 29.63 9.22
C VAL C 130 19.87 30.35 9.17
N ARG C 131 19.95 31.54 9.78
CA ARG C 131 21.20 32.26 9.86
C ARG C 131 22.12 31.75 10.96
N VAL C 132 21.60 31.62 12.19
CA VAL C 132 22.30 31.10 13.34
C VAL C 132 21.36 30.14 14.11
N LEU D 2 -39.23 28.49 29.08
CA LEU D 2 -40.12 28.57 27.86
C LEU D 2 -39.40 28.27 26.55
N TYR D 3 -38.13 28.72 26.36
CA TYR D 3 -37.35 28.48 25.14
C TYR D 3 -37.74 29.35 23.96
N SER D 4 -38.82 30.15 24.06
CA SER D 4 -39.29 31.01 22.99
C SER D 4 -38.74 32.41 23.19
N ASN D 5 -38.99 33.01 24.38
CA ASN D 5 -38.43 34.28 24.78
C ASN D 5 -36.96 34.19 25.20
N LEU D 6 -36.49 32.97 25.54
CA LEU D 6 -35.13 32.68 25.98
C LEU D 6 -34.08 32.99 24.93
N ILE D 7 -34.38 32.69 23.66
CA ILE D 7 -33.54 32.99 22.54
C ILE D 7 -33.44 34.48 22.28
N ASN D 8 -34.57 35.20 22.39
CA ASN D 8 -34.64 36.65 22.22
C ASN D 8 -33.94 37.41 23.34
N VAL D 9 -34.10 36.98 24.62
CA VAL D 9 -33.37 37.53 25.75
C VAL D 9 -31.89 37.25 25.63
N LYS D 10 -31.49 36.04 25.14
CA LYS D 10 -30.12 35.68 24.82
C LYS D 10 -29.50 36.61 23.78
N GLN D 11 -30.27 36.98 22.73
CA GLN D 11 -29.88 38.00 21.77
C GLN D 11 -29.70 39.37 22.40
N LYS D 12 -30.63 39.80 23.27
CA LYS D 12 -30.51 41.07 23.98
C LYS D 12 -29.30 41.17 24.91
N VAL D 13 -29.02 40.11 25.70
CA VAL D 13 -27.89 40.08 26.61
C VAL D 13 -26.58 39.97 25.86
N ILE D 14 -26.56 39.25 24.71
CA ILE D 14 -25.35 39.10 23.92
C ILE D 14 -24.98 40.37 23.22
N SER D 15 -25.97 41.25 22.91
CA SER D 15 -25.84 42.57 22.27
C SER D 15 -25.03 43.56 23.12
N ILE D 16 -24.73 43.19 24.38
CA ILE D 16 -23.78 43.86 25.24
C ILE D 16 -22.35 43.68 24.80
N ARG D 17 -21.99 42.53 24.19
CA ARG D 17 -20.65 42.21 23.80
C ARG D 17 -20.06 43.18 22.75
N GLU D 18 -20.94 43.61 21.78
CA GLU D 18 -20.63 44.59 20.76
C GLU D 18 -20.39 46.01 21.24
N LYS D 19 -21.01 46.38 22.37
CA LYS D 19 -20.79 47.65 23.04
C LYS D 19 -19.39 47.72 23.63
N LEU D 20 -18.77 46.55 23.93
CA LEU D 20 -17.38 46.47 24.29
C LEU D 20 -16.58 46.18 23.05
N GLY D 21 -15.51 46.95 22.76
CA GLY D 21 -14.75 46.71 21.54
C GLY D 21 -13.76 45.58 21.66
N ASP D 22 -14.12 44.36 21.19
CA ASP D 22 -13.21 43.24 21.11
C ASP D 22 -12.95 42.85 19.63
N PRO D 23 -11.78 42.33 19.24
CA PRO D 23 -11.46 42.12 17.84
C PRO D 23 -11.96 40.77 17.36
N ARG D 24 -12.50 39.91 18.24
CA ARG D 24 -12.96 38.59 17.84
C ARG D 24 -14.31 38.62 17.18
N LEU D 25 -15.05 39.74 17.35
CA LEU D 25 -16.32 39.96 16.69
C LEU D 25 -16.24 40.10 15.20
N LYS D 26 -17.03 39.30 14.47
CA LYS D 26 -17.03 39.34 13.03
C LYS D 26 -18.46 39.35 12.56
N SER D 27 -18.74 40.10 11.48
CA SER D 27 -20.10 40.19 10.98
C SER D 27 -20.37 39.02 10.07
N LEU D 28 -21.44 38.26 10.34
CA LEU D 28 -21.82 37.13 9.53
C LEU D 28 -23.08 37.49 8.76
N VAL D 29 -23.12 37.19 7.45
CA VAL D 29 -24.33 37.32 6.67
C VAL D 29 -24.53 36.02 5.92
N PHE D 30 -25.80 35.70 5.63
CA PHE D 30 -26.28 34.57 4.88
C PHE D 30 -27.12 35.10 3.74
N GLU D 31 -27.52 34.21 2.81
CA GLU D 31 -28.32 34.54 1.65
C GLU D 31 -29.50 33.56 1.64
N TYR D 32 -30.17 33.37 2.81
CA TYR D 32 -31.25 32.39 2.98
C TYR D 32 -32.38 32.48 1.97
N PRO D 33 -32.97 33.61 1.64
CA PRO D 33 -33.92 33.68 0.54
C PRO D 33 -33.18 33.66 -0.79
N ALA D 34 -33.83 33.25 -1.88
CA ALA D 34 -33.20 33.19 -3.17
C ALA D 34 -33.00 34.56 -3.84
N GLY D 35 -31.88 35.27 -3.54
CA GLY D 35 -31.47 36.49 -4.24
C GLY D 35 -30.98 37.58 -3.34
N GLN D 36 -31.57 37.72 -2.13
CA GLN D 36 -31.23 38.74 -1.16
C GLN D 36 -30.75 38.12 0.13
N LEU D 37 -30.34 38.95 1.10
CA LEU D 37 -29.48 38.52 2.18
C LEU D 37 -30.19 38.46 3.50
N PHE D 38 -29.70 37.62 4.42
CA PHE D 38 -30.19 37.50 5.77
C PHE D 38 -29.00 37.74 6.68
N ARG D 39 -29.04 38.73 7.58
CA ARG D 39 -27.95 39.06 8.45
C ARG D 39 -28.30 38.64 9.84
N VAL D 40 -27.36 37.96 10.51
CA VAL D 40 -27.50 37.70 11.93
C VAL D 40 -27.44 39.01 12.69
N THR D 41 -28.35 39.19 13.68
CA THR D 41 -28.41 40.40 14.49
C THR D 41 -27.18 40.69 15.32
N PRO D 42 -26.59 39.80 16.12
CA PRO D 42 -25.46 40.17 16.92
C PRO D 42 -24.21 40.05 16.09
N LYS D 43 -23.25 40.96 16.29
CA LYS D 43 -21.91 40.85 15.78
C LYS D 43 -21.15 39.91 16.68
N LEU D 44 -21.48 38.62 16.58
CA LEU D 44 -20.89 37.55 17.31
C LEU D 44 -19.41 37.31 17.08
N LYS D 45 -18.78 36.61 18.04
CA LYS D 45 -17.38 36.29 17.94
C LYS D 45 -17.15 34.96 17.27
N VAL D 46 -15.94 34.81 16.70
CA VAL D 46 -15.59 33.59 16.00
C VAL D 46 -14.10 33.37 16.13
N SER D 47 -13.70 32.11 16.34
CA SER D 47 -12.30 31.72 16.40
C SER D 47 -11.90 31.06 15.10
N MET D 48 -10.60 30.91 14.85
CA MET D 48 -10.08 30.26 13.65
C MET D 48 -9.36 29.02 14.10
N VAL D 49 -9.89 27.84 13.71
CA VAL D 49 -9.20 26.56 13.81
C VAL D 49 -8.04 26.59 12.80
N PRO D 50 -6.84 26.11 13.09
CA PRO D 50 -5.72 26.20 12.18
C PRO D 50 -5.90 25.34 10.95
N LYS D 51 -5.20 25.74 9.88
CA LYS D 51 -5.26 25.15 8.58
C LYS D 51 -4.69 23.75 8.49
N ASN D 52 -5.17 22.95 7.53
CA ASN D 52 -4.60 21.66 7.26
C ASN D 52 -4.43 21.48 5.76
N MET D 53 -3.29 20.89 5.34
CA MET D 53 -2.97 20.67 3.95
C MET D 53 -3.62 19.38 3.50
N ILE D 54 -4.55 19.44 2.53
CA ILE D 54 -5.33 18.30 2.09
C ILE D 54 -5.40 18.30 0.58
N GLY D 55 -5.83 17.17 -0.04
CA GLY D 55 -6.08 17.14 -1.48
C GLY D 55 -7.28 17.94 -1.89
N LEU D 56 -7.54 18.08 -3.19
CA LEU D 56 -8.69 18.81 -3.66
C LEU D 56 -10.03 18.09 -3.34
N PRO D 57 -11.11 18.68 -2.82
CA PRO D 57 -12.34 17.94 -2.56
C PRO D 57 -13.08 17.64 -3.85
N LEU D 58 -12.78 18.38 -4.94
CA LEU D 58 -13.32 18.16 -6.26
C LEU D 58 -12.86 16.85 -6.89
N ASP D 59 -11.55 16.55 -6.77
CA ASP D 59 -10.97 15.30 -7.15
C ASP D 59 -9.89 15.12 -6.09
N SER D 60 -10.00 14.13 -5.21
CA SER D 60 -9.05 13.82 -4.14
C SER D 60 -7.72 13.29 -4.61
N LYS D 61 -7.73 12.43 -5.64
CA LYS D 61 -6.55 11.80 -6.17
C LYS D 61 -6.04 12.54 -7.39
N SER D 62 -5.71 13.83 -7.21
CA SER D 62 -5.20 14.69 -8.23
C SER D 62 -3.96 15.38 -7.72
N ASN D 63 -3.21 16.01 -8.63
CA ASN D 63 -2.05 16.84 -8.32
C ASN D 63 -2.38 18.11 -7.54
N ILE D 64 -3.53 18.76 -7.83
CA ILE D 64 -3.99 19.96 -7.17
C ILE D 64 -4.37 19.68 -5.72
N THR D 65 -3.75 20.42 -4.80
CA THR D 65 -4.00 20.28 -3.38
C THR D 65 -4.36 21.65 -2.88
N ILE D 66 -4.96 21.73 -1.69
CA ILE D 66 -5.42 22.98 -1.12
C ILE D 66 -5.24 22.92 0.37
N SER D 67 -5.49 24.04 1.06
CA SER D 67 -5.45 24.08 2.50
C SER D 67 -6.86 24.35 2.93
N ALA D 68 -7.41 23.52 3.83
CA ALA D 68 -8.75 23.71 4.31
C ALA D 68 -8.70 24.64 5.50
N ASP D 69 -9.37 25.80 5.38
CA ASP D 69 -9.40 26.81 6.41
C ASP D 69 -10.83 26.89 6.92
N ASP D 70 -11.04 26.85 8.24
CA ASP D 70 -12.36 26.80 8.81
C ASP D 70 -12.47 27.82 9.94
N TYR D 71 -13.70 28.28 10.24
CA TYR D 71 -13.96 29.23 11.30
C TYR D 71 -14.96 28.68 12.29
N TYR D 72 -14.75 28.91 13.59
CA TYR D 72 -15.58 28.34 14.63
C TYR D 72 -16.45 29.41 15.27
N ILE D 73 -17.74 29.45 14.88
CA ILE D 73 -18.72 30.41 15.35
C ILE D 73 -19.47 29.80 16.49
N THR D 74 -19.39 30.45 17.67
CA THR D 74 -19.77 29.86 18.93
C THR D 74 -21.18 30.26 19.33
N ASP D 75 -21.40 31.57 19.58
CA ASP D 75 -22.70 32.04 20.01
C ASP D 75 -23.54 32.56 18.83
N VAL D 76 -24.35 31.72 18.15
CA VAL D 76 -25.23 32.17 17.07
C VAL D 76 -26.66 31.76 17.39
N SER D 77 -27.59 32.73 17.45
CA SER D 77 -28.97 32.45 17.86
C SER D 77 -29.70 31.43 16.98
N ARG D 78 -30.68 30.72 17.57
CA ARG D 78 -31.55 29.79 16.87
C ARG D 78 -32.65 30.49 16.09
N ASN D 79 -32.85 31.82 16.28
CA ASN D 79 -33.89 32.60 15.61
C ASN D 79 -33.68 32.70 14.11
N VAL D 80 -32.44 32.52 13.64
CA VAL D 80 -32.12 32.42 12.24
C VAL D 80 -32.80 31.21 11.60
N PRO D 81 -33.30 31.23 10.37
CA PRO D 81 -33.88 30.04 9.75
C PRO D 81 -32.86 28.93 9.59
N GLU D 82 -33.23 27.67 9.83
CA GLU D 82 -32.37 26.51 9.65
C GLU D 82 -31.87 26.39 8.21
N ALA D 83 -32.73 26.65 7.22
CA ALA D 83 -32.42 26.53 5.82
C ALA D 83 -31.37 27.53 5.34
N ALA D 84 -31.09 28.59 6.13
CA ALA D 84 -30.01 29.55 5.92
C ALA D 84 -28.64 28.88 5.93
N PHE D 85 -28.51 27.77 6.68
CA PHE D 85 -27.28 27.03 6.86
C PHE D 85 -26.94 26.20 5.62
N ARG D 86 -27.90 26.05 4.68
CA ARG D 86 -27.69 25.37 3.41
C ARG D 86 -27.23 26.31 2.33
N THR D 87 -27.00 27.58 2.69
CA THR D 87 -26.63 28.59 1.74
C THR D 87 -25.30 29.13 2.18
N ARG D 88 -24.48 29.62 1.23
CA ARG D 88 -23.21 30.25 1.50
C ARG D 88 -23.28 31.43 2.45
N ALA D 89 -22.21 31.59 3.25
CA ALA D 89 -22.14 32.59 4.26
C ALA D 89 -20.93 33.45 4.02
N TRP D 90 -21.00 34.70 4.52
CA TRP D 90 -19.93 35.64 4.36
C TRP D 90 -19.57 36.24 5.68
N LEU D 91 -18.27 36.27 5.96
CA LEU D 91 -17.70 36.87 7.15
C LEU D 91 -17.05 38.17 6.74
N ASP D 92 -17.30 39.23 7.52
CA ASP D 92 -16.95 40.61 7.26
C ASP D 92 -17.28 41.09 5.84
N PRO D 93 -18.54 41.00 5.37
CA PRO D 93 -18.87 41.46 4.04
C PRO D 93 -19.13 42.94 4.00
N VAL D 94 -19.11 43.52 2.79
CA VAL D 94 -19.45 44.91 2.55
C VAL D 94 -20.62 44.93 1.60
N ILE D 95 -21.63 45.76 1.94
CA ILE D 95 -22.82 45.97 1.14
C ILE D 95 -22.64 47.34 0.53
N ASN D 96 -22.91 47.46 -0.77
CA ASN D 96 -22.88 48.73 -1.48
C ASN D 96 -24.23 49.42 -1.31
N ASP D 97 -24.52 50.44 -2.14
CA ASP D 97 -25.78 51.12 -2.30
C ASP D 97 -26.88 50.17 -2.80
N SER D 98 -26.49 49.21 -3.66
CA SER D 98 -27.33 48.11 -4.11
C SER D 98 -27.49 46.99 -3.08
N GLY D 99 -28.23 45.92 -3.45
CA GLY D 99 -28.43 44.76 -2.59
C GLY D 99 -27.35 43.70 -2.69
N VAL D 100 -26.28 43.94 -3.49
CA VAL D 100 -25.21 42.96 -3.69
C VAL D 100 -24.05 43.21 -2.73
N ILE D 101 -23.15 42.23 -2.58
CA ILE D 101 -21.95 42.35 -1.76
C ILE D 101 -20.72 42.28 -2.66
N VAL D 102 -19.75 43.17 -2.40
CA VAL D 102 -18.54 43.29 -3.22
C VAL D 102 -17.43 42.42 -2.67
N SER D 103 -17.08 42.60 -1.39
CA SER D 103 -15.93 42.05 -0.73
C SER D 103 -16.45 41.32 0.48
N GLY D 104 -15.69 40.32 0.95
CA GLY D 104 -15.94 39.61 2.17
C GLY D 104 -15.27 38.27 2.10
N ILE D 105 -15.41 37.47 3.15
CA ILE D 105 -14.74 36.20 3.27
C ILE D 105 -15.76 35.12 3.10
N ASN D 106 -15.62 34.31 2.04
CA ASN D 106 -16.62 33.35 1.63
C ASN D 106 -16.48 32.06 2.42
N CYS D 107 -17.58 31.55 2.96
CA CYS D 107 -17.55 30.35 3.78
C CYS D 107 -18.82 29.56 3.56
N ARG D 108 -18.77 28.26 3.86
CA ARG D 108 -19.91 27.38 3.77
C ARG D 108 -20.01 26.59 5.04
N CYS D 109 -21.22 26.41 5.61
CA CYS D 109 -21.43 25.63 6.83
C CYS D 109 -20.96 24.18 6.65
N HIS D 110 -19.90 23.80 7.38
CA HIS D 110 -19.25 22.52 7.27
C HIS D 110 -19.86 21.54 8.26
N VAL D 111 -20.00 21.95 9.53
CA VAL D 111 -20.49 21.08 10.59
C VAL D 111 -21.33 21.93 11.53
N ILE D 112 -22.48 21.38 11.97
CA ILE D 112 -23.41 22.01 12.90
C ILE D 112 -23.29 21.33 14.25
N ASN D 113 -23.14 22.12 15.33
CA ASN D 113 -23.25 21.68 16.69
C ASN D 113 -24.49 22.39 17.26
N ASP D 114 -25.52 21.62 17.62
CA ASP D 114 -26.79 22.12 18.10
C ASP D 114 -27.19 21.50 19.44
N LYS D 115 -26.19 21.10 20.26
CA LYS D 115 -26.44 20.50 21.57
C LYS D 115 -27.18 21.42 22.52
N SER D 116 -26.80 22.70 22.56
CA SER D 116 -27.52 23.70 23.31
C SER D 116 -28.86 24.04 22.65
N GLY D 117 -29.96 24.05 23.43
CA GLY D 117 -31.31 24.21 22.89
C GLY D 117 -31.72 25.64 22.55
N LEU D 118 -30.88 26.62 22.92
CA LEU D 118 -31.18 28.03 22.78
C LEU D 118 -30.20 28.80 21.90
N SER D 119 -29.14 28.18 21.33
CA SER D 119 -28.22 28.87 20.43
C SER D 119 -27.71 27.80 19.52
N TYR D 120 -27.33 28.01 18.28
CA TYR D 120 -26.53 27.11 17.47
C TYR D 120 -25.07 27.43 17.76
N ASP D 121 -24.16 26.54 17.36
CA ASP D 121 -22.73 26.72 17.34
C ASP D 121 -22.33 26.00 16.05
N LEU D 122 -21.54 26.61 15.17
CA LEU D 122 -21.25 26.01 13.90
C LEU D 122 -19.84 26.31 13.46
N ILE D 123 -19.28 25.36 12.71
CA ILE D 123 -17.99 25.57 12.07
C ILE D 123 -18.25 25.64 10.58
N LEU D 124 -17.67 26.65 9.93
CA LEU D 124 -17.87 26.91 8.54
C LEU D 124 -16.54 27.04 7.84
N ARG D 125 -16.41 26.30 6.72
CA ARG D 125 -15.20 26.17 5.97
C ARG D 125 -15.16 27.26 4.93
N LYS D 126 -14.03 27.96 4.83
CA LYS D 126 -13.77 28.88 3.76
C LYS D 126 -13.79 28.22 2.40
N GLU D 127 -14.33 28.93 1.41
CA GLU D 127 -14.20 28.55 0.02
C GLU D 127 -12.75 28.56 -0.44
N ARG D 128 -12.43 27.71 -1.42
CA ARG D 128 -11.11 27.60 -2.01
C ARG D 128 -10.69 28.87 -2.74
N GLU D 129 -11.68 29.60 -3.28
CA GLU D 129 -11.48 30.89 -3.88
C GLU D 129 -12.30 31.88 -3.09
N VAL D 130 -11.66 32.95 -2.60
CA VAL D 130 -12.28 33.95 -1.75
C VAL D 130 -12.16 35.30 -2.43
N ARG D 131 -12.95 36.29 -1.98
CA ARG D 131 -12.86 37.63 -2.52
C ARG D 131 -11.72 38.43 -1.92
N VAL D 132 -11.62 38.47 -0.59
CA VAL D 132 -10.56 39.12 0.15
C VAL D 132 -10.12 38.20 1.32
N LEU E 2 -37.84 -0.18 41.99
CA LEU E 2 -38.65 -1.25 41.31
C LEU E 2 -38.30 -1.43 39.84
N TYR E 3 -38.05 -0.34 39.07
CA TYR E 3 -37.69 -0.41 37.65
C TYR E 3 -38.87 -0.65 36.72
N SER E 4 -40.07 -0.92 37.25
CA SER E 4 -41.27 -1.19 36.46
C SER E 4 -42.08 0.08 36.31
N ASN E 5 -42.44 0.72 37.46
CA ASN E 5 -43.09 2.02 37.49
C ASN E 5 -42.13 3.17 37.21
N LEU E 6 -40.81 2.95 37.37
CA LEU E 6 -39.76 3.93 37.16
C LEU E 6 -39.69 4.44 35.74
N ILE E 7 -39.87 3.55 34.76
CA ILE E 7 -39.91 3.88 33.36
C ILE E 7 -41.13 4.72 33.00
N ASN E 8 -42.30 4.36 33.57
CA ASN E 8 -43.55 5.07 33.37
C ASN E 8 -43.56 6.45 34.01
N VAL E 9 -43.01 6.59 35.25
CA VAL E 9 -42.83 7.88 35.90
C VAL E 9 -41.83 8.73 35.14
N LYS E 10 -40.75 8.13 34.59
CA LYS E 10 -39.79 8.78 33.71
C LYS E 10 -40.45 9.35 32.46
N GLN E 11 -41.38 8.60 31.84
CA GLN E 11 -42.22 9.08 30.75
C GLN E 11 -43.11 10.24 31.16
N LYS E 12 -43.77 10.17 32.33
CA LYS E 12 -44.57 11.27 32.84
C LYS E 12 -43.80 12.55 33.12
N VAL E 13 -42.62 12.46 33.76
CA VAL E 13 -41.80 13.62 34.06
C VAL E 13 -41.16 14.19 32.81
N ILE E 14 -40.83 13.33 31.82
CA ILE E 14 -40.23 13.79 30.58
C ILE E 14 -41.22 14.53 29.71
N SER E 15 -42.54 14.20 29.83
CA SER E 15 -43.68 14.80 29.14
C SER E 15 -43.87 16.28 29.47
N ILE E 16 -43.14 16.78 30.48
CA ILE E 16 -42.98 18.19 30.79
C ILE E 16 -42.17 18.93 29.76
N ARG E 17 -41.18 18.28 29.12
CA ARG E 17 -40.29 18.91 28.19
C ARG E 17 -40.99 19.46 26.94
N GLU E 18 -42.02 18.71 26.44
CA GLU E 18 -42.89 19.09 25.33
C GLU E 18 -43.80 20.25 25.58
N LYS E 19 -44.19 20.48 26.84
CA LYS E 19 -44.96 21.63 27.27
C LYS E 19 -44.14 22.91 27.17
N LEU E 20 -42.80 22.80 27.21
CA LEU E 20 -41.91 23.89 26.92
C LEU E 20 -41.50 23.80 25.46
N GLY E 21 -41.64 24.89 24.69
CA GLY E 21 -41.30 24.82 23.27
C GLY E 21 -39.82 24.93 22.99
N ASP E 22 -39.12 23.79 22.81
CA ASP E 22 -37.74 23.75 22.38
C ASP E 22 -37.60 23.13 20.97
N PRO E 23 -36.65 23.53 20.12
CA PRO E 23 -36.61 23.07 18.74
C PRO E 23 -35.87 21.74 18.62
N ARG E 24 -35.27 21.21 19.69
CA ARG E 24 -34.52 19.96 19.61
C ARG E 24 -35.42 18.76 19.63
N LEU E 25 -36.69 18.94 20.06
CA LEU E 25 -37.69 17.89 20.03
C LEU E 25 -38.10 17.44 18.65
N LYS E 26 -38.01 16.12 18.40
CA LYS E 26 -38.36 15.58 17.12
C LYS E 26 -39.24 14.37 17.34
N SER E 27 -40.23 14.18 16.46
CA SER E 27 -41.15 13.05 16.62
C SER E 27 -40.54 11.84 16.00
N LEU E 28 -40.43 10.73 16.76
CA LEU E 28 -39.88 9.49 16.26
C LEU E 28 -41.01 8.49 16.13
N VAL E 29 -41.09 7.78 15.00
CA VAL E 29 -42.00 6.67 14.84
C VAL E 29 -41.22 5.48 14.33
N PHE E 30 -41.70 4.27 14.66
CA PHE E 30 -41.19 2.97 14.27
C PHE E 30 -42.33 2.24 13.60
N GLU E 31 -42.02 1.07 13.00
CA GLU E 31 -42.96 0.22 12.32
C GLU E 31 -42.81 -1.18 12.88
N TYR E 32 -42.74 -1.31 14.24
CA TYR E 32 -42.48 -2.58 14.93
C TYR E 32 -43.38 -3.74 14.53
N PRO E 33 -44.70 -3.65 14.44
CA PRO E 33 -45.49 -4.72 13.89
C PRO E 33 -45.39 -4.72 12.37
N ALA E 34 -45.62 -5.86 11.71
CA ALA E 34 -45.52 -5.95 10.28
C ALA E 34 -46.69 -5.29 9.52
N GLY E 35 -46.60 -3.97 9.25
CA GLY E 35 -47.53 -3.26 8.37
C GLY E 35 -47.96 -1.91 8.89
N GLN E 36 -48.13 -1.78 10.23
CA GLN E 36 -48.56 -0.56 10.88
C GLN E 36 -47.52 -0.07 11.86
N LEU E 37 -47.77 1.09 12.49
CA LEU E 37 -46.72 1.88 13.08
C LEU E 37 -46.76 1.87 14.59
N PHE E 38 -45.61 2.10 15.24
CA PHE E 38 -45.48 2.22 16.65
C PHE E 38 -44.84 3.57 16.92
N ARG E 39 -45.48 4.46 17.69
CA ARG E 39 -44.98 5.78 17.95
C ARG E 39 -44.51 5.85 19.37
N VAL E 40 -43.30 6.39 19.59
CA VAL E 40 -42.86 6.70 20.93
C VAL E 40 -43.74 7.80 21.51
N THR E 41 -44.14 7.64 22.79
CA THR E 41 -44.99 8.61 23.47
C THR E 41 -44.39 9.99 23.65
N PRO E 42 -43.17 10.22 24.14
CA PRO E 42 -42.70 11.56 24.33
C PRO E 42 -42.11 12.06 23.03
N LYS E 43 -42.30 13.34 22.73
CA LYS E 43 -41.61 14.05 21.68
C LYS E 43 -40.23 14.41 22.19
N LEU E 44 -39.38 13.39 22.32
CA LEU E 44 -38.02 13.48 22.77
C LEU E 44 -37.09 14.32 21.91
N LYS E 45 -35.97 14.74 22.52
CA LYS E 45 -34.98 15.52 21.81
C LYS E 45 -33.92 14.66 21.19
N VAL E 46 -33.28 15.20 20.15
CA VAL E 46 -32.25 14.49 19.43
C VAL E 46 -31.25 15.47 18.89
N SER E 47 -29.95 15.12 18.96
CA SER E 47 -28.88 15.92 18.41
C SER E 47 -28.42 15.31 17.10
N MET E 48 -27.65 16.07 16.30
CA MET E 48 -27.11 15.59 15.04
C MET E 48 -25.60 15.56 15.19
N VAL E 49 -25.01 14.35 15.15
CA VAL E 49 -23.57 14.15 14.99
C VAL E 49 -23.21 14.60 13.57
N PRO E 50 -22.10 15.30 13.31
CA PRO E 50 -21.79 15.79 11.99
C PRO E 50 -21.45 14.68 11.02
N LYS E 51 -21.63 14.99 9.74
CA LYS E 51 -21.46 14.09 8.63
C LYS E 51 -20.04 13.65 8.38
N ASN E 52 -19.86 12.48 7.77
CA ASN E 52 -18.56 12.03 7.35
C ASN E 52 -18.65 11.46 5.94
N MET E 53 -17.65 11.76 5.10
CA MET E 53 -17.60 11.31 3.72
C MET E 53 -16.99 9.93 3.69
N ILE E 54 -17.75 8.92 3.23
CA ILE E 54 -17.33 7.53 3.25
C ILE E 54 -17.70 6.87 1.94
N GLY E 55 -17.15 5.68 1.64
CA GLY E 55 -17.56 4.91 0.47
C GLY E 55 -18.95 4.34 0.61
N LEU E 56 -19.49 3.73 -0.45
CA LEU E 56 -20.80 3.13 -0.38
C LEU E 56 -20.86 1.89 0.54
N PRO E 57 -21.81 1.66 1.45
CA PRO E 57 -21.80 0.46 2.29
C PRO E 57 -22.23 -0.76 1.48
N LEU E 58 -22.92 -0.54 0.34
CA LEU E 58 -23.31 -1.59 -0.59
C LEU E 58 -22.13 -2.25 -1.28
N ASP E 59 -21.17 -1.45 -1.75
CA ASP E 59 -19.92 -1.89 -2.28
C ASP E 59 -18.97 -0.81 -1.82
N SER E 60 -18.01 -1.10 -0.92
CA SER E 60 -17.03 -0.18 -0.38
C SER E 60 -15.99 0.28 -1.37
N LYS E 61 -15.51 -0.63 -2.23
CA LYS E 61 -14.49 -0.36 -3.20
C LYS E 61 -15.09 -0.06 -4.56
N SER E 62 -15.92 1.00 -4.61
CA SER E 62 -16.57 1.46 -5.81
C SER E 62 -16.37 2.94 -5.94
N ASN E 63 -16.68 3.48 -7.13
CA ASN E 63 -16.66 4.90 -7.42
C ASN E 63 -17.71 5.71 -6.64
N ILE E 64 -18.92 5.15 -6.43
CA ILE E 64 -20.00 5.77 -5.69
C ILE E 64 -19.65 5.91 -4.22
N THR E 65 -19.72 7.15 -3.72
CA THR E 65 -19.44 7.45 -2.33
C THR E 65 -20.64 8.19 -1.80
N ILE E 66 -20.77 8.27 -0.47
CA ILE E 66 -21.91 8.88 0.17
C ILE E 66 -21.43 9.56 1.43
N SER E 67 -22.33 10.30 2.10
CA SER E 67 -22.03 10.92 3.36
C SER E 67 -22.90 10.25 4.36
N ALA E 68 -22.32 9.73 5.46
CA ALA E 68 -23.09 9.07 6.48
C ALA E 68 -23.57 10.10 7.47
N ASP E 69 -24.89 10.25 7.59
CA ASP E 69 -25.51 11.22 8.47
C ASP E 69 -26.23 10.44 9.55
N ASP E 70 -26.01 10.79 10.83
CA ASP E 70 -26.56 10.05 11.94
C ASP E 70 -27.20 11.00 12.95
N TYR E 71 -28.16 10.50 13.74
CA TYR E 71 -28.86 11.29 14.74
C TYR E 71 -28.71 10.65 16.10
N TYR E 72 -28.51 11.44 17.16
CA TYR E 72 -28.26 10.93 18.50
C TYR E 72 -29.46 11.17 19.39
N ILE E 73 -30.26 10.12 19.63
CA ILE E 73 -31.47 10.17 20.43
C ILE E 73 -31.11 9.73 21.82
N THR E 74 -31.35 10.62 22.80
CA THR E 74 -30.80 10.51 24.13
C THR E 74 -31.78 9.89 25.10
N ASP E 75 -32.92 10.58 25.34
CA ASP E 75 -33.90 10.09 26.28
C ASP E 75 -35.04 9.33 25.58
N VAL E 76 -34.94 7.99 25.39
CA VAL E 76 -36.00 7.19 24.80
C VAL E 76 -36.37 6.06 25.75
N SER E 77 -37.64 5.97 26.17
CA SER E 77 -38.06 4.98 27.17
C SER E 77 -37.80 3.52 26.77
N ARG E 78 -37.62 2.65 27.77
CA ARG E 78 -37.48 1.22 27.59
C ARG E 78 -38.81 0.52 27.36
N ASN E 79 -39.96 1.23 27.54
CA ASN E 79 -41.30 0.67 27.36
C ASN E 79 -41.60 0.28 25.93
N VAL E 80 -40.88 0.87 24.96
CA VAL E 80 -40.95 0.48 23.58
C VAL E 80 -40.46 -0.95 23.38
N PRO E 81 -41.01 -1.79 22.50
CA PRO E 81 -40.48 -3.13 22.28
C PRO E 81 -39.08 -3.10 21.74
N GLU E 82 -38.19 -4.00 22.19
CA GLU E 82 -36.82 -4.12 21.71
C GLU E 82 -36.76 -4.39 20.20
N ALA E 83 -37.66 -5.25 19.69
CA ALA E 83 -37.71 -5.65 18.30
C ALA E 83 -38.07 -4.52 17.35
N ALA E 84 -38.60 -3.39 17.88
CA ALA E 84 -38.85 -2.16 17.15
C ALA E 84 -37.58 -1.56 16.58
N PHE E 85 -36.44 -1.81 17.25
CA PHE E 85 -35.13 -1.28 16.90
C PHE E 85 -34.55 -2.00 15.69
N ARG E 86 -35.15 -3.15 15.29
CA ARG E 86 -34.75 -3.90 14.10
C ARG E 86 -35.51 -3.45 12.88
N THR E 87 -36.35 -2.42 13.02
CA THR E 87 -37.19 -1.94 11.95
C THR E 87 -36.82 -0.51 11.72
N ARG E 88 -36.99 -0.01 10.47
CA ARG E 88 -36.77 1.36 10.12
C ARG E 88 -37.56 2.37 10.92
N ALA E 89 -36.95 3.54 11.15
CA ALA E 89 -37.50 4.57 11.96
C ALA E 89 -37.61 5.84 11.16
N TRP E 90 -38.56 6.69 11.57
CA TRP E 90 -38.80 7.94 10.89
C TRP E 90 -38.80 9.06 11.88
N LEU E 91 -38.07 10.13 11.54
CA LEU E 91 -37.99 11.35 12.30
C LEU E 91 -38.80 12.40 11.58
N ASP E 92 -39.63 13.14 12.33
CA ASP E 92 -40.62 14.08 11.86
C ASP E 92 -41.51 13.55 10.73
N PRO E 93 -42.20 12.42 10.87
CA PRO E 93 -43.05 11.92 9.81
C PRO E 93 -44.41 12.56 9.81
N VAL E 94 -45.13 12.43 8.69
CA VAL E 94 -46.49 12.89 8.55
C VAL E 94 -47.35 11.68 8.24
N ILE E 95 -48.49 11.57 8.94
CA ILE E 95 -49.47 10.54 8.76
C ILE E 95 -50.63 11.20 8.06
N ASN E 96 -51.16 10.57 7.01
CA ASN E 96 -52.33 11.03 6.29
C ASN E 96 -53.58 10.53 7.02
N ASP E 97 -54.75 10.57 6.35
CA ASP E 97 -56.02 9.99 6.73
C ASP E 97 -55.94 8.47 6.84
N SER E 98 -55.14 7.85 5.95
CA SER E 98 -54.78 6.45 5.98
C SER E 98 -53.72 6.09 7.04
N GLY E 99 -53.33 4.80 7.10
CA GLY E 99 -52.29 4.33 8.02
C GLY E 99 -50.88 4.47 7.50
N VAL E 100 -50.67 5.05 6.30
CA VAL E 100 -49.35 5.17 5.69
C VAL E 100 -48.73 6.53 6.01
N ILE E 101 -47.41 6.68 5.79
CA ILE E 101 -46.68 7.91 5.98
C ILE E 101 -46.17 8.40 4.63
N VAL E 102 -46.34 9.71 4.37
CA VAL E 102 -45.96 10.32 3.09
C VAL E 102 -44.53 10.84 3.13
N SER E 103 -44.22 11.69 4.10
CA SER E 103 -43.00 12.46 4.20
C SER E 103 -42.42 12.16 5.56
N GLY E 104 -41.10 12.31 5.69
CA GLY E 104 -40.38 12.21 6.93
C GLY E 104 -38.95 11.89 6.63
N ILE E 105 -38.14 11.75 7.68
CA ILE E 105 -36.71 11.55 7.55
C ILE E 105 -36.42 10.12 7.92
N ASN E 106 -35.92 9.33 6.96
CA ASN E 106 -35.75 7.90 7.10
C ASN E 106 -34.46 7.58 7.80
N CYS E 107 -34.49 6.71 8.81
CA CYS E 107 -33.33 6.37 9.60
C CYS E 107 -33.41 4.93 10.02
N ARG E 108 -32.25 4.33 10.33
CA ARG E 108 -32.16 2.98 10.80
C ARG E 108 -31.29 2.95 12.03
N CYS E 109 -31.68 2.21 13.09
CA CYS E 109 -30.88 2.09 14.31
C CYS E 109 -29.49 1.53 14.02
N HIS E 110 -28.45 2.36 14.23
CA HIS E 110 -27.08 2.03 13.90
C HIS E 110 -26.38 1.43 15.11
N VAL E 111 -26.52 2.07 16.29
CA VAL E 111 -25.84 1.63 17.50
C VAL E 111 -26.78 1.90 18.67
N ILE E 112 -26.85 0.94 19.61
CA ILE E 112 -27.66 1.00 20.81
C ILE E 112 -26.73 1.23 22.00
N ASN E 113 -27.06 2.22 22.85
CA ASN E 113 -26.46 2.43 24.15
C ASN E 113 -27.58 2.18 25.17
N ASP E 114 -27.42 1.14 26.00
CA ASP E 114 -28.40 0.71 26.97
C ASP E 114 -27.82 0.60 28.38
N LYS E 115 -26.78 1.40 28.68
CA LYS E 115 -26.13 1.40 30.00
C LYS E 115 -27.06 1.78 31.13
N SER E 116 -27.91 2.80 30.91
CA SER E 116 -28.94 3.16 31.86
C SER E 116 -30.08 2.14 31.86
N GLY E 117 -30.50 1.66 33.04
CA GLY E 117 -31.48 0.58 33.15
C GLY E 117 -32.92 0.97 32.96
N LEU E 118 -33.20 2.29 32.86
CA LEU E 118 -34.55 2.83 32.79
C LEU E 118 -34.84 3.62 31.52
N SER E 119 -33.90 3.79 30.57
CA SER E 119 -34.17 4.48 29.32
C SER E 119 -33.23 3.88 28.33
N TYR E 120 -33.45 3.78 27.05
CA TYR E 120 -32.49 3.50 26.02
C TYR E 120 -31.90 4.85 25.60
N ASP E 121 -30.77 4.84 24.88
CA ASP E 121 -30.16 5.96 24.21
C ASP E 121 -29.64 5.31 22.93
N LEU E 122 -29.92 5.88 21.75
CA LEU E 122 -29.53 5.24 20.52
C LEU E 122 -29.12 6.25 19.48
N ILE E 123 -28.22 5.82 18.60
CA ILE E 123 -27.85 6.59 17.45
C ILE E 123 -28.37 5.86 16.24
N LEU E 124 -29.01 6.61 15.34
CA LEU E 124 -29.64 6.05 14.17
C LEU E 124 -29.20 6.80 12.95
N ARG E 125 -28.77 6.03 11.93
CA ARG E 125 -28.18 6.52 10.72
C ARG E 125 -29.27 6.76 9.72
N LYS E 126 -29.26 7.93 9.08
CA LYS E 126 -30.12 8.23 7.95
C LYS E 126 -29.88 7.29 6.79
N GLU E 127 -30.98 6.92 6.11
CA GLU E 127 -30.89 6.24 4.84
C GLU E 127 -30.23 7.11 3.77
N ARG E 128 -29.57 6.45 2.80
CA ARG E 128 -28.91 7.11 1.68
C ARG E 128 -29.89 7.85 0.78
N GLU E 129 -31.13 7.35 0.70
CA GLU E 129 -32.21 7.99 0.00
C GLU E 129 -33.28 8.29 1.02
N VAL E 130 -33.71 9.56 1.11
CA VAL E 130 -34.67 10.03 2.10
C VAL E 130 -35.85 10.61 1.37
N ARG E 131 -36.99 10.79 2.06
CA ARG E 131 -38.15 11.41 1.47
C ARG E 131 -38.06 12.93 1.45
N VAL E 132 -37.74 13.55 2.59
CA VAL E 132 -37.56 14.98 2.73
C VAL E 132 -36.31 15.23 3.62
N LEU F 2 -10.86 -10.54 54.47
CA LEU F 2 -10.56 -12.01 54.28
C LEU F 2 -10.55 -12.45 52.82
N TYR F 3 -11.48 -11.94 51.96
CA TYR F 3 -11.55 -12.29 50.54
C TYR F 3 -12.18 -13.63 50.25
N SER F 4 -12.49 -14.44 51.28
CA SER F 4 -13.08 -15.77 51.13
C SER F 4 -14.58 -15.67 51.29
N ASN F 5 -15.04 -15.11 52.44
CA ASN F 5 -16.44 -14.82 52.69
C ASN F 5 -16.94 -13.58 51.95
N LEU F 6 -16.02 -12.70 51.50
CA LEU F 6 -16.31 -11.47 50.79
C LEU F 6 -16.99 -11.69 49.46
N ILE F 7 -16.58 -12.72 48.73
CA ILE F 7 -17.17 -13.10 47.48
C ILE F 7 -18.58 -13.65 47.66
N ASN F 8 -18.79 -14.47 48.71
CA ASN F 8 -20.09 -15.03 49.06
C ASN F 8 -21.07 -13.99 49.56
N VAL F 9 -20.63 -13.02 50.41
CA VAL F 9 -21.45 -11.90 50.83
C VAL F 9 -21.78 -10.99 49.66
N LYS F 10 -20.82 -10.78 48.72
CA LYS F 10 -21.03 -10.07 47.47
C LYS F 10 -22.12 -10.71 46.61
N GLN F 11 -22.14 -12.06 46.53
CA GLN F 11 -23.22 -12.81 45.90
C GLN F 11 -24.56 -12.62 46.60
N LYS F 12 -24.59 -12.67 47.95
CA LYS F 12 -25.80 -12.41 48.71
C LYS F 12 -26.38 -11.01 48.54
N VAL F 13 -25.54 -9.96 48.58
CA VAL F 13 -25.98 -8.59 48.41
C VAL F 13 -26.37 -8.31 46.99
N ILE F 14 -25.71 -8.95 45.99
CA ILE F 14 -26.05 -8.74 44.59
C ILE F 14 -27.36 -9.38 44.23
N SER F 15 -27.78 -10.47 44.95
CA SER F 15 -29.03 -11.22 44.81
C SER F 15 -30.26 -10.36 45.11
N ILE F 16 -30.06 -9.16 45.65
CA ILE F 16 -31.06 -8.11 45.78
C ILE F 16 -31.47 -7.51 44.45
N ARG F 17 -30.54 -7.42 43.47
CA ARG F 17 -30.78 -6.80 42.21
C ARG F 17 -31.88 -7.47 41.37
N GLU F 18 -31.93 -8.84 41.44
CA GLU F 18 -32.94 -9.69 40.82
C GLU F 18 -34.33 -9.58 41.39
N LYS F 19 -34.44 -9.22 42.68
CA LYS F 19 -35.70 -8.94 43.34
C LYS F 19 -36.33 -7.67 42.82
N LEU F 20 -35.51 -6.75 42.26
CA LEU F 20 -35.99 -5.60 41.54
C LEU F 20 -36.02 -5.94 40.06
N GLY F 21 -37.16 -5.71 39.36
CA GLY F 21 -37.23 -6.08 37.96
C GLY F 21 -36.58 -5.07 37.04
N ASP F 22 -35.33 -5.30 36.62
CA ASP F 22 -34.65 -4.49 35.62
C ASP F 22 -34.37 -5.31 34.34
N PRO F 23 -34.37 -4.74 33.13
CA PRO F 23 -34.27 -5.52 31.90
C PRO F 23 -32.84 -5.81 31.54
N ARG F 24 -31.84 -5.26 32.25
CA ARG F 24 -30.44 -5.46 31.91
C ARG F 24 -29.93 -6.80 32.40
N LEU F 25 -30.66 -7.44 33.34
CA LEU F 25 -30.35 -8.77 33.82
C LEU F 25 -30.49 -9.85 32.80
N LYS F 26 -29.43 -10.65 32.61
CA LYS F 26 -29.46 -11.73 31.66
C LYS F 26 -28.89 -12.96 32.32
N SER F 27 -29.45 -14.13 31.99
CA SER F 27 -29.00 -15.37 32.60
C SER F 27 -27.81 -15.88 31.84
N LEU F 28 -26.68 -16.13 32.53
CA LEU F 28 -25.48 -16.65 31.92
C LEU F 28 -25.30 -18.09 32.36
N VAL F 29 -25.01 -19.00 31.42
CA VAL F 29 -24.62 -20.36 31.75
C VAL F 29 -23.34 -20.68 31.02
N PHE F 30 -22.55 -21.58 31.59
CA PHE F 30 -21.31 -22.12 31.08
C PHE F 30 -21.45 -23.62 31.04
N GLU F 31 -20.46 -24.31 30.43
CA GLU F 31 -20.42 -25.75 30.29
C GLU F 31 -19.07 -26.21 30.80
N TYR F 32 -18.63 -25.71 31.99
CA TYR F 32 -17.31 -25.98 32.56
C TYR F 32 -16.93 -27.45 32.67
N PRO F 33 -17.73 -28.37 33.18
CA PRO F 33 -17.39 -29.77 33.10
C PRO F 33 -17.67 -30.30 31.70
N ALA F 34 -17.02 -31.39 31.28
CA ALA F 34 -17.20 -31.94 29.96
C ALA F 34 -18.53 -32.70 29.78
N GLY F 35 -19.62 -31.97 29.42
CA GLY F 35 -20.89 -32.57 29.02
C GLY F 35 -22.10 -31.91 29.60
N GLN F 36 -22.01 -31.41 30.86
CA GLN F 36 -23.09 -30.77 31.57
C GLN F 36 -22.73 -29.35 31.94
N LEU F 37 -23.66 -28.62 32.56
CA LEU F 37 -23.62 -27.17 32.57
C LEU F 37 -23.31 -26.61 33.93
N PHE F 38 -22.74 -25.40 33.98
CA PHE F 38 -22.46 -24.68 35.18
C PHE F 38 -23.16 -23.34 35.06
N ARG F 39 -24.06 -22.98 35.98
CA ARG F 39 -24.81 -21.75 35.91
C ARG F 39 -24.30 -20.83 36.97
N VAL F 40 -24.06 -19.56 36.59
CA VAL F 40 -23.77 -18.53 37.57
C VAL F 40 -25.00 -18.29 38.41
N THR F 41 -24.82 -18.17 39.75
CA THR F 41 -25.91 -17.94 40.68
C THR F 41 -26.68 -16.66 40.50
N PRO F 42 -26.11 -15.46 40.38
CA PRO F 42 -26.91 -14.27 40.25
C PRO F 42 -27.29 -14.08 38.81
N LYS F 43 -28.51 -13.60 38.55
CA LYS F 43 -28.94 -13.12 37.27
C LYS F 43 -28.39 -11.73 37.08
N LEU F 44 -27.07 -11.65 36.87
CA LEU F 44 -26.33 -10.44 36.65
C LEU F 44 -26.70 -9.63 35.42
N LYS F 45 -26.31 -8.36 35.44
CA LYS F 45 -26.57 -7.48 34.33
C LYS F 45 -25.44 -7.45 33.34
N VAL F 46 -25.77 -7.09 32.09
CA VAL F 46 -24.79 -7.06 31.03
C VAL F 46 -25.18 -6.00 30.04
N SER F 47 -24.19 -5.24 29.54
CA SER F 47 -24.39 -4.22 28.52
C SER F 47 -23.93 -4.76 27.18
N MET F 48 -24.31 -4.10 26.08
CA MET F 48 -23.91 -4.48 24.74
C MET F 48 -23.05 -3.36 24.20
N VAL F 49 -21.75 -3.65 23.96
CA VAL F 49 -20.87 -2.81 23.19
C VAL F 49 -21.34 -2.85 21.73
N PRO F 50 -21.38 -1.75 20.96
CA PRO F 50 -21.90 -1.77 19.62
C PRO F 50 -21.03 -2.55 18.66
N LYS F 51 -21.66 -3.02 17.59
CA LYS F 51 -21.07 -3.85 16.58
C LYS F 51 -20.01 -3.17 15.73
N ASN F 52 -19.09 -3.97 15.18
CA ASN F 52 -18.12 -3.46 14.23
C ASN F 52 -18.01 -4.41 13.06
N MET F 53 -17.92 -3.86 11.83
CA MET F 53 -17.83 -4.63 10.62
C MET F 53 -16.37 -4.99 10.38
N ILE F 54 -16.05 -6.30 10.38
CA ILE F 54 -14.69 -6.79 10.28
C ILE F 54 -14.64 -7.96 9.31
N GLY F 55 -13.44 -8.36 8.86
CA GLY F 55 -13.29 -9.57 8.05
C GLY F 55 -13.53 -10.83 8.83
N LEU F 56 -13.54 -11.99 8.16
CA LEU F 56 -13.75 -13.25 8.84
C LEU F 56 -12.56 -13.63 9.76
N PRO F 57 -12.69 -14.08 11.01
CA PRO F 57 -11.52 -14.44 11.82
C PRO F 57 -10.93 -15.76 11.36
N LEU F 58 -11.72 -16.59 10.64
CA LEU F 58 -11.29 -17.83 10.04
C LEU F 58 -10.27 -17.66 8.93
N ASP F 59 -10.51 -16.68 8.04
CA ASP F 59 -9.59 -16.25 7.03
C ASP F 59 -9.86 -14.76 6.96
N SER F 60 -8.91 -13.90 7.34
CA SER F 60 -9.03 -12.45 7.33
C SER F 60 -9.06 -11.83 5.96
N LYS F 61 -8.26 -12.36 5.02
CA LYS F 61 -8.15 -11.85 3.68
C LYS F 61 -9.01 -12.63 2.72
N SER F 62 -10.33 -12.65 2.99
CA SER F 62 -11.32 -13.33 2.19
C SER F 62 -12.44 -12.39 1.90
N ASN F 63 -13.32 -12.77 0.95
CA ASN F 63 -14.53 -12.05 0.61
C ASN F 63 -15.58 -12.03 1.73
N ILE F 64 -15.71 -13.14 2.50
CA ILE F 64 -16.63 -13.26 3.60
C ILE F 64 -16.25 -12.34 4.75
N THR F 65 -17.18 -11.49 5.17
CA THR F 65 -16.98 -10.56 6.26
C THR F 65 -18.10 -10.78 7.23
N ILE F 66 -17.94 -10.30 8.47
CA ILE F 66 -18.91 -10.52 9.52
C ILE F 66 -18.94 -9.28 10.38
N SER F 67 -19.88 -9.24 11.35
CA SER F 67 -19.94 -8.16 12.30
C SER F 67 -19.65 -8.78 13.62
N ALA F 68 -18.67 -8.23 14.37
CA ALA F 68 -18.32 -8.76 15.66
C ALA F 68 -19.20 -8.10 16.70
N ASP F 69 -20.00 -8.92 17.40
CA ASP F 69 -20.92 -8.46 18.41
C ASP F 69 -20.44 -8.99 19.74
N ASP F 70 -20.33 -8.13 20.76
CA ASP F 70 -19.77 -8.51 22.03
C ASP F 70 -20.68 -8.02 23.17
N TYR F 71 -20.61 -8.68 24.34
CA TYR F 71 -21.40 -8.33 25.50
C TYR F 71 -20.50 -8.05 26.68
N TYR F 72 -20.81 -7.04 27.49
CA TYR F 72 -19.96 -6.61 28.60
C TYR F 72 -20.61 -6.98 29.92
N ILE F 73 -20.13 -8.07 30.55
CA ILE F 73 -20.63 -8.58 31.80
C ILE F 73 -19.78 -8.03 32.91
N THR F 74 -20.41 -7.30 33.84
CA THR F 74 -19.74 -6.44 34.78
C THR F 74 -19.56 -7.11 36.12
N ASP F 75 -20.67 -7.43 36.82
CA ASP F 75 -20.58 -8.04 38.12
C ASP F 75 -20.72 -9.58 38.05
N VAL F 76 -19.62 -10.35 37.90
CA VAL F 76 -19.66 -11.82 37.91
C VAL F 76 -18.73 -12.34 38.98
N SER F 77 -19.24 -13.14 39.93
CA SER F 77 -18.45 -13.62 41.06
C SER F 77 -17.20 -14.42 40.67
N ARG F 78 -16.16 -14.40 41.53
CA ARG F 78 -14.96 -15.19 41.38
C ARG F 78 -15.16 -16.64 41.81
N ASN F 79 -16.31 -16.98 42.45
CA ASN F 79 -16.60 -18.33 42.93
C ASN F 79 -16.76 -19.33 41.81
N VAL F 80 -17.08 -18.86 40.59
CA VAL F 80 -17.10 -19.69 39.41
C VAL F 80 -15.70 -20.25 39.09
N PRO F 81 -15.51 -21.47 38.61
CA PRO F 81 -14.18 -21.95 38.25
C PRO F 81 -13.58 -21.14 37.12
N GLU F 82 -12.27 -20.84 37.17
CA GLU F 82 -11.54 -20.12 36.14
C GLU F 82 -11.62 -20.83 34.79
N ALA F 83 -11.51 -22.17 34.78
CA ALA F 83 -11.51 -22.99 33.59
C ALA F 83 -12.84 -22.97 32.84
N ALA F 84 -13.93 -22.50 33.49
CA ALA F 84 -15.23 -22.25 32.88
C ALA F 84 -15.16 -21.23 31.77
N PHE F 85 -14.20 -20.29 31.87
CA PHE F 85 -14.01 -19.19 30.93
C PHE F 85 -13.37 -19.67 29.64
N ARG F 86 -12.84 -20.91 29.61
CA ARG F 86 -12.29 -21.52 28.41
C ARG F 86 -13.32 -22.30 27.65
N THR F 87 -14.58 -22.25 28.09
CA THR F 87 -15.66 -23.00 27.49
C THR F 87 -16.68 -22.01 27.04
N ARG F 88 -17.44 -22.34 25.98
CA ARG F 88 -18.53 -21.52 25.48
C ARG F 88 -19.60 -21.19 26.50
N ALA F 89 -20.18 -20.00 26.36
CA ALA F 89 -21.13 -19.48 27.28
C ALA F 89 -22.40 -19.15 26.54
N TRP F 90 -23.52 -19.17 27.29
CA TRP F 90 -24.81 -18.90 26.72
C TRP F 90 -25.52 -17.86 27.54
N LEU F 91 -26.07 -16.86 26.85
CA LEU F 91 -26.86 -15.79 27.43
C LEU F 91 -28.30 -16.07 27.09
N ASP F 92 -29.19 -15.93 28.09
CA ASP F 92 -30.59 -16.30 28.07
C ASP F 92 -30.88 -17.68 27.49
N PRO F 93 -30.30 -18.77 27.99
CA PRO F 93 -30.56 -20.08 27.45
C PRO F 93 -31.83 -20.68 28.03
N VAL F 94 -32.35 -21.72 27.36
CA VAL F 94 -33.48 -22.49 27.83
C VAL F 94 -33.02 -23.92 28.00
N ILE F 95 -33.38 -24.52 29.15
CA ILE F 95 -33.10 -25.90 29.48
C ILE F 95 -34.42 -26.62 29.34
N ASN F 96 -34.41 -27.78 28.68
CA ASN F 96 -35.58 -28.63 28.54
C ASN F 96 -35.67 -29.54 29.78
N ASP F 97 -36.48 -30.60 29.70
CA ASP F 97 -36.60 -31.70 30.65
C ASP F 97 -35.29 -32.47 30.79
N SER F 98 -34.55 -32.60 29.67
CA SER F 98 -33.21 -33.14 29.61
C SER F 98 -32.12 -32.17 30.10
N GLY F 99 -30.84 -32.61 30.05
CA GLY F 99 -29.71 -31.76 30.43
C GLY F 99 -29.18 -30.89 29.32
N VAL F 100 -29.81 -30.88 28.13
CA VAL F 100 -29.33 -30.10 26.98
C VAL F 100 -30.03 -28.75 26.91
N ILE F 101 -29.50 -27.81 26.12
CA ILE F 101 -30.09 -26.50 25.89
C ILE F 101 -30.50 -26.40 24.43
N VAL F 102 -31.71 -25.86 24.20
CA VAL F 102 -32.29 -25.75 22.86
C VAL F 102 -31.94 -24.41 22.22
N SER F 103 -32.26 -23.32 22.91
CA SER F 103 -32.21 -21.95 22.40
C SER F 103 -31.37 -21.18 23.37
N GLY F 104 -30.75 -20.09 22.88
CA GLY F 104 -30.01 -19.14 23.67
C GLY F 104 -29.05 -18.42 22.78
N ILE F 105 -28.28 -17.50 23.35
CA ILE F 105 -27.39 -16.65 22.61
C ILE F 105 -25.97 -17.12 22.89
N ASN F 106 -25.28 -17.59 21.84
CA ASN F 106 -23.99 -18.24 21.98
C ASN F 106 -22.88 -17.22 22.04
N CYS F 107 -21.97 -17.35 23.01
CA CYS F 107 -20.91 -16.40 23.20
C CYS F 107 -19.66 -17.11 23.68
N ARG F 108 -18.50 -16.50 23.48
CA ARG F 108 -17.23 -17.03 23.94
C ARG F 108 -16.49 -15.93 24.63
N CYS F 109 -15.84 -16.22 25.80
CA CYS F 109 -15.06 -15.23 26.53
C CYS F 109 -13.92 -14.68 25.68
N HIS F 110 -14.00 -13.37 25.35
CA HIS F 110 -13.07 -12.70 24.46
C HIS F 110 -11.95 -12.07 25.26
N VAL F 111 -12.29 -11.33 26.33
CA VAL F 111 -11.31 -10.62 27.13
C VAL F 111 -11.77 -10.68 28.58
N ILE F 112 -10.81 -10.90 29.50
CA ILE F 112 -11.03 -10.96 30.93
C ILE F 112 -10.46 -9.70 31.57
N ASN F 113 -11.26 -9.03 32.42
CA ASN F 113 -10.83 -7.97 33.30
C ASN F 113 -10.99 -8.51 34.72
N ASP F 114 -9.87 -8.67 35.45
CA ASP F 114 -9.84 -9.22 36.78
C ASP F 114 -9.13 -8.31 37.78
N LYS F 115 -9.16 -6.98 37.54
CA LYS F 115 -8.52 -6.00 38.41
C LYS F 115 -9.09 -6.01 39.82
N SER F 116 -10.42 -6.11 39.96
CA SER F 116 -11.06 -6.27 41.24
C SER F 116 -10.83 -7.68 41.81
N GLY F 117 -10.40 -7.78 43.08
CA GLY F 117 -10.01 -9.06 43.68
C GLY F 117 -11.16 -9.94 44.14
N LEU F 118 -12.40 -9.43 44.10
CA LEU F 118 -13.57 -10.10 44.62
C LEU F 118 -14.65 -10.36 43.58
N SER F 119 -14.50 -9.97 42.30
CA SER F 119 -15.48 -10.26 41.26
C SER F 119 -14.71 -10.31 39.99
N TYR F 120 -15.03 -11.05 38.95
CA TYR F 120 -14.51 -10.92 37.61
C TYR F 120 -15.39 -9.90 36.90
N ASP F 121 -14.92 -9.38 35.75
CA ASP F 121 -15.66 -8.57 34.82
C ASP F 121 -15.14 -9.08 33.48
N LEU F 122 -16.01 -9.41 32.52
CA LEU F 122 -15.56 -9.99 31.29
C LEU F 122 -16.39 -9.53 30.12
N ILE F 123 -15.75 -9.48 28.95
CA ILE F 123 -16.43 -9.23 27.71
C ILE F 123 -16.37 -10.51 26.91
N LEU F 124 -17.53 -10.90 26.36
CA LEU F 124 -17.66 -12.13 25.63
C LEU F 124 -18.30 -11.86 24.30
N ARG F 125 -17.67 -12.40 23.24
CA ARG F 125 -18.03 -12.17 21.87
C ARG F 125 -19.02 -13.22 21.46
N LYS F 126 -20.11 -12.79 20.82
CA LYS F 126 -21.05 -13.67 20.18
C LYS F 126 -20.42 -14.51 19.09
N GLU F 127 -20.86 -15.78 19.00
CA GLU F 127 -20.53 -16.61 17.86
C GLU F 127 -21.12 -16.06 16.57
N ARG F 128 -20.45 -16.35 15.44
CA ARG F 128 -20.88 -15.95 14.11
C ARG F 128 -22.19 -16.57 13.71
N GLU F 129 -22.47 -17.78 14.22
CA GLU F 129 -23.72 -18.47 14.05
C GLU F 129 -24.32 -18.66 15.43
N VAL F 130 -25.56 -18.19 15.63
CA VAL F 130 -26.23 -18.22 16.91
C VAL F 130 -27.51 -19.03 16.76
N ARG F 131 -28.11 -19.47 17.88
CA ARG F 131 -29.37 -20.17 17.84
C ARG F 131 -30.56 -19.25 17.70
N VAL F 132 -30.65 -18.21 18.54
CA VAL F 132 -31.69 -17.20 18.51
C VAL F 132 -31.04 -15.81 18.73
N MET G 1 -24.98 2.90 -31.11
CA MET G 1 -25.22 4.37 -31.00
C MET G 1 -25.08 4.96 -29.60
N THR G 2 -26.01 5.84 -29.19
CA THR G 2 -25.99 6.53 -27.92
C THR G 2 -26.11 5.62 -26.70
N LYS G 3 -25.34 5.90 -25.64
CA LYS G 3 -25.35 5.07 -24.44
C LYS G 3 -26.66 5.05 -23.63
N PRO G 4 -27.54 6.05 -23.52
CA PRO G 4 -28.79 5.92 -22.78
C PRO G 4 -29.74 4.89 -23.37
N SER G 5 -29.87 4.83 -24.71
CA SER G 5 -30.68 3.79 -25.34
C SER G 5 -30.08 2.41 -25.12
N LEU G 6 -28.76 2.27 -25.29
CA LEU G 6 -27.99 1.08 -24.99
C LEU G 6 -28.12 0.62 -23.54
N ILE G 7 -28.01 1.51 -22.54
CA ILE G 7 -28.13 1.17 -21.13
C ILE G 7 -29.54 0.76 -20.75
N SER G 8 -30.58 1.41 -21.33
CA SER G 8 -31.96 0.97 -21.18
C SER G 8 -32.18 -0.43 -21.71
N ALA G 9 -31.61 -0.76 -22.89
CA ALA G 9 -31.61 -2.11 -23.38
C ALA G 9 -30.83 -3.08 -22.50
N LYS G 10 -29.68 -2.68 -21.94
CA LYS G 10 -28.91 -3.50 -21.03
C LYS G 10 -29.62 -3.88 -19.73
N ILE G 11 -30.26 -2.92 -19.04
CA ILE G 11 -31.08 -3.20 -17.87
C ILE G 11 -32.31 -4.02 -18.21
N LEU G 12 -32.92 -3.80 -19.40
CA LEU G 12 -34.02 -4.61 -19.89
C LEU G 12 -33.63 -6.06 -20.11
N GLN G 13 -32.45 -6.34 -20.72
CA GLN G 13 -31.93 -7.69 -20.84
C GLN G 13 -31.63 -8.33 -19.49
N HIS G 14 -31.12 -7.53 -18.52
CA HIS G 14 -30.87 -7.96 -17.16
C HIS G 14 -32.11 -8.49 -16.43
N ILE G 15 -33.23 -7.71 -16.44
CA ILE G 15 -34.45 -8.07 -15.73
C ILE G 15 -35.42 -8.85 -16.62
N ASN G 16 -35.00 -9.24 -17.84
CA ASN G 16 -35.88 -9.81 -18.85
C ASN G 16 -36.52 -11.14 -18.46
N SER G 17 -35.69 -12.04 -17.92
CA SER G 17 -36.14 -13.38 -17.58
C SER G 17 -35.22 -14.03 -16.58
N ILE G 18 -34.28 -13.26 -16.00
CA ILE G 18 -33.25 -13.80 -15.14
C ILE G 18 -33.43 -13.24 -13.74
N VAL G 19 -32.98 -12.00 -13.47
CA VAL G 19 -33.09 -11.44 -12.14
C VAL G 19 -34.41 -10.72 -11.97
N TRP G 20 -35.10 -10.97 -10.84
CA TRP G 20 -36.28 -10.24 -10.46
C TRP G 20 -35.85 -9.08 -9.59
N LEU G 21 -36.02 -7.84 -10.07
CA LEU G 21 -35.54 -6.68 -9.35
C LEU G 21 -36.71 -5.93 -8.75
N GLN G 22 -36.91 -6.08 -7.41
CA GLN G 22 -37.99 -5.45 -6.68
C GLN G 22 -37.90 -3.94 -6.58
N SER G 23 -36.66 -3.40 -6.49
CA SER G 23 -36.46 -1.97 -6.39
C SER G 23 -35.10 -1.63 -6.95
N LYS G 24 -34.92 -0.37 -7.36
CA LYS G 24 -33.69 0.10 -7.94
C LYS G 24 -33.21 1.30 -7.15
N GLY G 25 -32.06 1.16 -6.47
CA GLY G 25 -31.61 2.17 -5.54
C GLY G 25 -30.43 1.68 -4.76
N ILE G 26 -29.60 2.63 -4.28
CA ILE G 26 -28.42 2.33 -3.50
C ILE G 26 -28.76 2.28 -2.02
N GLN G 27 -29.23 1.12 -1.56
CA GLN G 27 -29.65 0.93 -0.17
C GLN G 27 -30.06 -0.52 0.04
N GLU G 28 -29.49 -1.23 1.04
CA GLU G 28 -29.93 -2.56 1.40
C GLU G 28 -31.39 -2.59 1.90
N PRO G 29 -32.30 -3.47 1.47
CA PRO G 29 -33.71 -3.30 1.82
C PRO G 29 -34.02 -3.71 3.25
N LEU G 30 -34.86 -2.91 3.94
CA LEU G 30 -35.40 -3.24 5.25
C LEU G 30 -36.86 -3.68 5.18
N LYS G 31 -37.41 -3.87 3.96
CA LYS G 31 -38.72 -4.48 3.80
C LYS G 31 -38.74 -5.93 4.28
N PRO G 32 -39.83 -6.48 4.83
CA PRO G 32 -39.95 -7.91 5.09
C PRO G 32 -39.83 -8.75 3.83
N ASP G 33 -39.62 -10.07 3.97
CA ASP G 33 -39.67 -11.01 2.87
C ASP G 33 -40.97 -10.87 2.07
N VAL G 34 -40.87 -10.80 0.74
CA VAL G 34 -41.98 -10.51 -0.13
C VAL G 34 -42.80 -11.76 -0.39
N ILE G 35 -44.11 -11.71 -0.07
CA ILE G 35 -45.00 -12.85 -0.22
C ILE G 35 -45.72 -12.80 -1.56
N VAL G 36 -45.45 -13.79 -2.43
CA VAL G 36 -46.10 -13.94 -3.72
C VAL G 36 -46.45 -15.41 -3.90
N ASN G 37 -47.71 -15.71 -4.28
CA ASN G 37 -48.24 -17.07 -4.37
C ASN G 37 -48.18 -17.87 -3.06
N ASN G 38 -48.14 -17.16 -1.91
CA ASN G 38 -48.04 -17.71 -0.57
C ASN G 38 -46.64 -18.22 -0.26
N VAL G 39 -45.64 -17.76 -1.04
CA VAL G 39 -44.25 -18.13 -0.88
C VAL G 39 -43.47 -16.88 -0.56
N ALA G 40 -42.57 -16.97 0.44
CA ALA G 40 -41.73 -15.86 0.87
C ALA G 40 -40.41 -15.83 0.13
N TYR G 41 -40.02 -14.65 -0.40
CA TYR G 41 -38.77 -14.47 -1.13
C TYR G 41 -37.96 -13.35 -0.49
N PRO G 42 -36.62 -13.38 -0.54
CA PRO G 42 -35.80 -12.37 0.10
C PRO G 42 -35.92 -11.01 -0.59
N PRO G 43 -35.84 -9.87 0.08
CA PRO G 43 -35.74 -8.58 -0.57
C PRO G 43 -34.51 -8.42 -1.43
N ASN G 44 -34.62 -7.68 -2.55
CA ASN G 44 -33.44 -7.36 -3.32
C ASN G 44 -33.47 -5.95 -3.86
N VAL G 45 -32.29 -5.47 -4.28
CA VAL G 45 -32.11 -4.19 -4.93
C VAL G 45 -31.05 -4.31 -5.98
N ILE G 46 -31.08 -3.35 -6.92
CA ILE G 46 -30.07 -3.20 -7.93
C ILE G 46 -29.53 -1.79 -7.92
N ALA G 47 -28.20 -1.66 -7.94
CA ALA G 47 -27.53 -0.40 -8.10
C ALA G 47 -26.90 -0.37 -9.48
N GLU G 48 -27.35 0.56 -10.33
CA GLU G 48 -26.79 0.80 -11.64
C GLU G 48 -25.67 1.81 -11.45
N LYS G 49 -24.40 1.38 -11.58
CA LYS G 49 -23.28 2.23 -11.30
C LYS G 49 -23.01 3.17 -12.47
N PRO G 50 -22.46 4.37 -12.27
CA PRO G 50 -22.22 5.29 -13.38
C PRO G 50 -21.17 4.76 -14.32
N VAL G 51 -21.39 4.93 -15.64
CA VAL G 51 -20.48 4.45 -16.66
C VAL G 51 -19.08 5.04 -16.54
N THR G 52 -18.06 4.16 -16.48
CA THR G 52 -16.69 4.56 -16.30
C THR G 52 -15.86 3.93 -17.40
N ASN G 53 -14.60 4.37 -17.52
CA ASN G 53 -13.66 3.98 -18.56
C ASN G 53 -14.18 4.28 -19.96
N ILE G 54 -14.87 5.42 -20.14
CA ILE G 54 -15.34 5.88 -21.43
C ILE G 54 -14.17 6.41 -22.25
N GLU G 55 -13.72 5.60 -23.22
CA GLU G 55 -12.55 5.90 -24.01
C GLU G 55 -12.91 5.73 -25.49
N VAL G 56 -12.43 6.67 -26.33
CA VAL G 56 -12.64 6.64 -27.78
C VAL G 56 -11.29 6.48 -28.44
N ILE G 57 -11.04 5.34 -29.11
CA ILE G 57 -9.69 5.02 -29.53
C ILE G 57 -9.41 5.37 -30.98
N THR G 58 -10.45 5.37 -31.85
CA THR G 58 -10.36 5.55 -33.31
C THR G 58 -9.27 4.73 -33.99
N ASN G 59 -8.99 3.53 -33.44
CA ASN G 59 -7.85 2.73 -33.79
C ASN G 59 -8.27 1.27 -33.72
N SER G 60 -9.31 0.92 -34.49
CA SER G 60 -9.80 -0.44 -34.59
C SER G 60 -10.16 -0.68 -36.03
N SER G 61 -10.14 -1.96 -36.45
CA SER G 61 -10.36 -2.36 -37.82
C SER G 61 -11.82 -2.42 -38.17
N MET G 62 -12.69 -2.30 -37.16
CA MET G 62 -14.12 -2.34 -37.29
C MET G 62 -14.71 -0.94 -37.35
N ILE G 63 -13.97 0.05 -37.88
CA ILE G 63 -14.44 1.41 -38.08
C ILE G 63 -14.36 1.71 -39.56
N GLU G 64 -15.50 1.84 -40.25
CA GLU G 64 -15.51 2.08 -41.67
C GLU G 64 -15.57 3.56 -42.01
N ASN G 65 -14.63 4.04 -42.85
CA ASN G 65 -14.67 5.41 -43.33
C ASN G 65 -15.69 5.54 -44.46
N THR G 66 -16.95 5.85 -44.09
CA THR G 66 -18.06 5.94 -45.04
C THR G 66 -18.01 7.22 -45.85
N GLY G 67 -17.18 8.20 -45.41
CA GLY G 67 -16.90 9.42 -46.18
C GLY G 67 -17.90 10.52 -45.96
N GLY G 68 -18.94 10.26 -45.16
CA GLY G 68 -19.91 11.27 -44.73
C GLY G 68 -19.44 12.00 -43.51
N VAL G 69 -19.38 11.31 -42.37
CA VAL G 69 -18.90 11.87 -41.11
C VAL G 69 -18.03 10.82 -40.47
N ARG G 70 -16.96 11.26 -39.78
CA ARG G 70 -16.01 10.36 -39.14
C ARG G 70 -16.63 9.52 -38.03
N GLN G 71 -16.50 8.19 -38.12
CA GLN G 71 -16.98 7.30 -37.09
C GLN G 71 -15.95 7.04 -36.02
N PHE G 72 -16.44 6.53 -34.89
CA PHE G 72 -15.62 6.20 -33.76
C PHE G 72 -16.03 4.86 -33.19
N LEU G 73 -15.10 4.24 -32.44
CA LEU G 73 -15.38 3.08 -31.64
C LEU G 73 -15.13 3.48 -30.21
N CYS G 74 -16.14 3.28 -29.37
CA CYS G 74 -16.14 3.67 -27.99
C CYS G 74 -16.13 2.43 -27.16
N LYS G 75 -15.33 2.45 -26.09
CA LYS G 75 -15.25 1.39 -25.12
C LYS G 75 -15.83 1.93 -23.83
N ALA G 76 -16.60 1.10 -23.12
CA ALA G 76 -17.14 1.49 -21.85
C ALA G 76 -17.25 0.28 -20.96
N VAL G 77 -17.23 0.53 -19.63
CA VAL G 77 -17.47 -0.50 -18.65
C VAL G 77 -18.77 -0.14 -17.96
N PHE G 78 -19.76 -1.04 -18.09
CA PHE G 78 -21.07 -0.84 -17.49
C PHE G 78 -21.18 -1.77 -16.31
N GLU G 79 -21.42 -1.21 -15.13
CA GLU G 79 -21.33 -1.93 -13.88
C GLU G 79 -22.67 -1.93 -13.19
N TYR G 80 -23.20 -3.12 -12.88
CA TYR G 80 -24.44 -3.29 -12.17
C TYR G 80 -24.16 -4.10 -10.91
N THR G 81 -24.77 -3.73 -9.77
CA THR G 81 -24.60 -4.47 -8.52
C THR G 81 -25.96 -4.94 -8.04
N ILE G 82 -26.16 -6.27 -7.85
CA ILE G 82 -27.42 -6.81 -7.34
C ILE G 82 -27.19 -7.33 -5.95
N VAL G 83 -28.03 -6.91 -4.99
CA VAL G 83 -27.91 -7.26 -3.60
C VAL G 83 -29.17 -7.95 -3.15
N TRP G 84 -29.04 -9.13 -2.52
CA TRP G 84 -30.13 -9.87 -1.93
C TRP G 84 -29.92 -9.94 -0.44
N VAL G 85 -30.99 -9.69 0.33
CA VAL G 85 -30.93 -9.69 1.78
C VAL G 85 -31.68 -10.90 2.29
N PHE G 86 -30.99 -11.75 3.05
CA PHE G 86 -31.56 -12.96 3.59
C PHE G 86 -31.64 -12.80 5.10
N SER G 87 -32.87 -12.71 5.62
CA SER G 87 -33.12 -12.55 7.03
C SER G 87 -32.67 -13.73 7.88
N ARG G 88 -32.18 -13.44 9.10
CA ARG G 88 -31.57 -14.46 9.94
C ARG G 88 -32.63 -15.22 10.72
N GLU G 89 -33.86 -14.69 10.71
CA GLU G 89 -35.03 -15.32 11.29
C GLU G 89 -35.31 -16.67 10.65
N VAL G 90 -35.30 -16.73 9.30
CA VAL G 90 -35.42 -17.98 8.58
C VAL G 90 -34.08 -18.67 8.33
N TYR G 91 -33.01 -17.92 7.97
CA TYR G 91 -31.71 -18.50 7.66
C TYR G 91 -30.74 -18.42 8.84
N LYS G 92 -30.80 -19.43 9.73
CA LYS G 92 -30.07 -19.46 10.98
C LYS G 92 -28.56 -19.58 10.84
N THR G 93 -28.10 -20.46 9.93
CA THR G 93 -26.68 -20.69 9.66
C THR G 93 -26.35 -20.18 8.27
N TYR G 94 -25.07 -19.78 8.06
CA TYR G 94 -24.57 -19.28 6.79
C TYR G 94 -24.70 -20.31 5.67
N HIS G 95 -24.38 -21.58 5.92
CA HIS G 95 -24.34 -22.57 4.88
C HIS G 95 -25.70 -22.99 4.33
N GLN G 96 -26.81 -22.68 5.03
CA GLN G 96 -28.13 -23.02 4.54
C GLN G 96 -28.72 -21.92 3.64
N ILE G 97 -28.06 -20.74 3.50
CA ILE G 97 -28.52 -19.73 2.54
C ILE G 97 -28.29 -20.16 1.09
N PRO G 98 -29.09 -19.78 0.10
CA PRO G 98 -29.04 -20.45 -1.20
C PRO G 98 -28.09 -19.71 -2.13
N ARG G 99 -26.79 -19.72 -1.76
CA ARG G 99 -25.69 -19.14 -2.51
C ARG G 99 -25.54 -19.75 -3.89
N SER G 100 -25.75 -21.07 -4.01
CA SER G 100 -25.69 -21.80 -5.26
C SER G 100 -26.67 -21.29 -6.29
N GLN G 101 -27.93 -21.06 -5.88
CA GLN G 101 -28.96 -20.50 -6.73
C GLN G 101 -28.65 -19.08 -7.16
N ILE G 102 -28.07 -18.25 -6.27
CA ILE G 102 -27.61 -16.91 -6.62
C ILE G 102 -26.53 -16.92 -7.68
N GLN G 103 -25.54 -17.83 -7.56
CA GLN G 103 -24.49 -18.02 -8.55
C GLN G 103 -25.02 -18.51 -9.89
N ASP G 104 -26.01 -19.43 -9.88
CA ASP G 104 -26.73 -19.87 -11.06
C ASP G 104 -27.47 -18.72 -11.75
N LEU G 105 -28.16 -17.87 -10.97
CA LEU G 105 -28.85 -16.70 -11.49
C LEU G 105 -27.90 -15.69 -12.12
N LEU G 106 -26.75 -15.47 -11.46
CA LEU G 106 -25.67 -14.63 -11.95
C LEU G 106 -25.05 -15.11 -13.26
N VAL G 107 -24.71 -16.41 -13.36
CA VAL G 107 -24.17 -16.98 -14.59
C VAL G 107 -25.18 -16.97 -15.73
N PHE G 108 -26.48 -17.20 -15.43
CA PHE G 108 -27.53 -17.08 -16.42
C PHE G 108 -27.67 -15.66 -16.97
N CYS G 109 -27.59 -14.62 -16.11
CA CYS G 109 -27.60 -13.24 -16.57
C CYS G 109 -26.40 -12.90 -17.44
N GLN G 110 -25.21 -13.38 -17.05
CA GLN G 110 -24.00 -13.22 -17.84
C GLN G 110 -24.11 -13.83 -19.22
N GLN G 111 -24.63 -15.07 -19.34
CA GLN G 111 -24.86 -15.72 -20.61
C GLN G 111 -25.89 -15.02 -21.48
N PHE G 112 -27.00 -14.54 -20.88
CA PHE G 112 -28.06 -13.87 -21.60
C PHE G 112 -27.63 -12.52 -22.15
N VAL G 113 -26.91 -11.70 -21.34
CA VAL G 113 -26.38 -10.43 -21.79
C VAL G 113 -25.31 -10.59 -22.88
N ILE G 114 -24.41 -11.59 -22.74
CA ILE G 114 -23.41 -11.92 -23.76
C ILE G 114 -24.01 -12.40 -25.08
N SER G 115 -25.03 -13.27 -25.04
CA SER G 115 -25.64 -13.77 -26.27
C SER G 115 -26.44 -12.74 -27.06
N ALA G 116 -27.09 -11.78 -26.38
CA ALA G 116 -28.00 -10.83 -26.98
C ALA G 116 -27.35 -9.67 -27.75
N TYR G 117 -26.33 -9.95 -28.58
CA TYR G 117 -25.60 -8.96 -29.38
C TYR G 117 -26.49 -8.10 -30.25
N GLN G 118 -27.38 -8.75 -31.02
CA GLN G 118 -28.35 -8.09 -31.87
C GLN G 118 -29.52 -7.50 -31.12
N GLY G 119 -29.71 -7.86 -29.83
CA GLY G 119 -30.87 -7.42 -29.06
C GLY G 119 -30.62 -6.20 -28.20
N ILE G 120 -29.35 -5.91 -27.84
CA ILE G 120 -29.04 -4.74 -27.04
C ILE G 120 -28.94 -3.49 -27.91
N ASP G 121 -28.12 -3.53 -28.98
CA ASP G 121 -27.98 -2.42 -29.90
C ASP G 121 -27.42 -2.99 -31.19
N PRO G 122 -27.71 -2.55 -32.41
CA PRO G 122 -27.16 -3.18 -33.60
C PRO G 122 -25.69 -2.86 -33.79
N ASP G 123 -25.21 -1.76 -33.17
CA ASP G 123 -23.87 -1.24 -33.37
C ASP G 123 -22.88 -1.73 -32.33
N ILE G 124 -23.24 -2.78 -31.56
CA ILE G 124 -22.30 -3.40 -30.65
C ILE G 124 -21.28 -4.21 -31.43
N THR G 125 -19.97 -3.97 -31.22
CA THR G 125 -18.95 -4.75 -31.91
C THR G 125 -18.31 -5.77 -30.98
N ASN G 126 -18.28 -5.51 -29.65
CA ASN G 126 -17.76 -6.48 -28.71
C ASN G 126 -18.43 -6.34 -27.35
N ILE G 127 -18.72 -7.48 -26.68
CA ILE G 127 -19.14 -7.53 -25.29
C ILE G 127 -18.28 -8.58 -24.61
N ASP G 128 -17.57 -8.20 -23.54
CA ASP G 128 -16.70 -9.07 -22.79
C ASP G 128 -17.06 -8.93 -21.31
N LEU G 129 -16.64 -9.89 -20.48
CA LEU G 129 -16.98 -9.96 -19.08
C LEU G 129 -15.76 -9.86 -18.21
N LYS G 130 -15.77 -8.92 -17.25
CA LYS G 130 -14.79 -8.98 -16.19
C LYS G 130 -15.14 -10.04 -15.15
N PRO G 131 -14.19 -10.63 -14.41
CA PRO G 131 -14.51 -11.58 -13.34
C PRO G 131 -15.44 -11.02 -12.28
N SER G 132 -16.60 -11.67 -12.06
CA SER G 132 -17.63 -11.21 -11.14
C SER G 132 -17.25 -11.56 -9.72
N GLN G 133 -17.60 -10.68 -8.77
CA GLN G 133 -17.27 -10.87 -7.38
C GLN G 133 -18.55 -11.12 -6.62
N VAL G 134 -18.58 -12.19 -5.79
CA VAL G 134 -19.75 -12.52 -4.99
C VAL G 134 -19.36 -12.44 -3.54
N LEU G 135 -20.05 -11.58 -2.77
CA LEU G 135 -19.71 -11.32 -1.40
C LEU G 135 -20.85 -11.75 -0.50
N VAL G 136 -20.52 -12.29 0.68
CA VAL G 136 -21.50 -12.65 1.70
C VAL G 136 -21.24 -11.76 2.91
N LYS G 137 -21.01 -10.47 2.66
CA LYS G 137 -20.89 -9.47 3.70
C LYS G 137 -22.18 -9.29 4.50
N PRO G 138 -22.20 -8.88 5.75
CA PRO G 138 -23.44 -8.49 6.40
C PRO G 138 -24.12 -7.29 5.75
N THR G 139 -25.44 -7.14 6.00
CA THR G 139 -26.20 -5.94 5.69
C THR G 139 -25.66 -4.69 6.34
N GLU G 140 -26.01 -3.47 5.81
CA GLU G 140 -25.53 -2.20 6.36
C GLU G 140 -25.80 -2.01 7.86
N ASP G 141 -27.08 -2.08 8.27
CA ASP G 141 -27.45 -2.00 9.67
C ASP G 141 -28.70 -2.83 9.96
N VAL G 142 -29.07 -3.70 9.01
CA VAL G 142 -30.26 -4.52 9.08
C VAL G 142 -30.09 -5.71 10.00
N ASN G 143 -30.88 -5.75 11.08
CA ASN G 143 -30.88 -6.82 12.05
C ASN G 143 -32.17 -7.60 11.90
N SER G 144 -32.11 -8.91 12.13
CA SER G 144 -33.31 -9.73 12.04
C SER G 144 -33.82 -10.17 13.37
N ASP G 145 -33.09 -11.06 14.05
CA ASP G 145 -33.42 -11.82 15.22
C ASP G 145 -32.96 -11.17 16.51
N VAL G 146 -33.27 -11.83 17.64
CA VAL G 146 -32.82 -11.43 18.96
C VAL G 146 -31.29 -11.39 19.06
N SER G 147 -30.77 -10.38 19.80
CA SER G 147 -29.37 -10.04 19.97
C SER G 147 -28.90 -9.08 18.90
N ASN G 148 -29.82 -8.71 17.98
CA ASN G 148 -29.60 -7.76 16.91
C ASN G 148 -28.51 -8.21 15.96
N SER G 149 -28.47 -9.50 15.61
CA SER G 149 -27.51 -10.02 14.66
C SER G 149 -27.78 -9.52 13.25
N SER G 150 -26.72 -9.03 12.57
CA SER G 150 -26.84 -8.54 11.20
C SER G 150 -27.29 -9.62 10.23
N SER G 151 -28.23 -9.27 9.35
CA SER G 151 -28.76 -10.14 8.31
C SER G 151 -27.75 -10.45 7.25
N TRP G 152 -27.88 -11.61 6.60
CA TRP G 152 -27.00 -11.99 5.52
C TRP G 152 -27.27 -11.17 4.27
N SER G 153 -26.22 -10.61 3.63
CA SER G 153 -26.36 -9.86 2.40
C SER G 153 -25.50 -10.56 1.36
N VAL G 154 -26.10 -10.90 0.22
CA VAL G 154 -25.36 -11.50 -0.89
C VAL G 154 -25.28 -10.47 -1.98
N VAL G 155 -24.06 -10.04 -2.29
CA VAL G 155 -23.78 -8.96 -3.20
C VAL G 155 -23.06 -9.54 -4.40
N ALA G 156 -23.59 -9.32 -5.60
CA ALA G 156 -22.97 -9.79 -6.81
C ALA G 156 -22.86 -8.66 -7.80
N ASP G 157 -21.63 -8.41 -8.32
CA ASP G 157 -21.44 -7.41 -9.34
C ASP G 157 -21.35 -7.98 -10.73
N LEU G 158 -21.74 -7.20 -11.75
CA LEU G 158 -21.62 -7.55 -13.14
C LEU G 158 -21.03 -6.36 -13.88
N ARG G 159 -19.81 -6.52 -14.41
CA ARG G 159 -19.11 -5.47 -15.10
C ARG G 159 -18.88 -5.89 -16.53
N PHE G 160 -19.61 -5.26 -17.47
CA PHE G 160 -19.57 -5.61 -18.87
C PHE G 160 -18.62 -4.65 -19.57
N MET G 161 -17.53 -5.15 -20.18
CA MET G 161 -16.69 -4.32 -21.03
C MET G 161 -17.25 -4.40 -22.43
N ILE G 162 -17.64 -3.27 -23.00
CA ILE G 162 -18.44 -3.27 -24.21
C ILE G 162 -17.90 -2.24 -25.15
N GLU G 163 -17.74 -2.63 -26.42
CA GLU G 163 -17.18 -1.83 -27.46
C GLU G 163 -18.24 -1.68 -28.51
N PHE G 164 -18.49 -0.45 -28.95
CA PHE G 164 -19.59 -0.15 -29.82
C PHE G 164 -19.25 1.00 -30.72
N LEU G 165 -19.97 1.10 -31.84
CA LEU G 165 -19.78 2.14 -32.82
C LEU G 165 -20.60 3.36 -32.50
N THR G 166 -20.03 4.55 -32.78
CA THR G 166 -20.70 5.83 -32.62
C THR G 166 -20.34 6.74 -33.77
N SER G 167 -21.13 7.83 -33.95
CA SER G 167 -20.79 8.87 -34.90
C SER G 167 -21.22 10.20 -34.32
N LEU G 168 -20.71 11.32 -34.86
CA LEU G 168 -21.07 12.65 -34.39
C LEU G 168 -22.54 12.97 -34.62
N ASP G 169 -23.14 12.44 -35.71
CA ASP G 169 -24.50 12.69 -36.14
C ASP G 169 -25.57 12.12 -35.22
N GLU G 170 -25.20 11.19 -34.33
CA GLU G 170 -26.11 10.51 -33.43
C GLU G 170 -26.50 11.34 -32.23
N PHE G 171 -25.78 12.44 -31.95
CA PHE G 171 -25.99 13.25 -30.77
C PHE G 171 -26.69 14.53 -31.15
N LEU G 172 -27.83 14.84 -30.52
CA LEU G 172 -28.63 15.99 -30.85
C LEU G 172 -28.98 16.70 -29.55
N PRO G 173 -29.46 17.93 -29.53
CA PRO G 173 -29.74 18.62 -28.27
C PRO G 173 -30.96 18.07 -27.55
N ILE G 174 -31.74 17.17 -28.16
CA ILE G 174 -32.86 16.51 -27.53
C ILE G 174 -32.44 15.60 -26.38
N ASP G 175 -31.32 14.86 -26.51
CA ASP G 175 -30.87 13.96 -25.48
C ASP G 175 -30.17 14.67 -24.33
N PHE G 176 -29.81 15.95 -24.49
CA PHE G 176 -29.24 16.76 -23.43
C PHE G 176 -30.24 17.69 -22.75
N ASN G 177 -31.56 17.54 -23.03
CA ASN G 177 -32.64 18.45 -22.67
C ASN G 177 -32.68 18.99 -21.24
N LYS G 178 -32.39 18.15 -20.23
CA LYS G 178 -32.49 18.52 -18.84
C LYS G 178 -31.15 18.84 -18.21
N ILE G 179 -30.05 18.84 -18.98
CA ILE G 179 -28.72 19.12 -18.45
C ILE G 179 -28.12 20.35 -19.11
N GLN G 180 -28.40 20.57 -20.41
CA GLN G 180 -27.77 21.63 -21.17
C GLN G 180 -28.80 22.32 -22.04
N PRO G 181 -28.95 23.64 -22.06
CA PRO G 181 -29.78 24.31 -23.05
C PRO G 181 -29.13 24.23 -24.42
N PRO G 182 -29.83 24.01 -25.53
CA PRO G 182 -29.29 24.27 -26.86
C PRO G 182 -28.86 25.72 -27.03
N THR G 183 -27.83 25.95 -27.88
CA THR G 183 -27.40 27.25 -28.35
C THR G 183 -27.06 28.27 -27.27
N TRP G 184 -26.25 27.83 -26.29
CA TRP G 184 -25.73 28.65 -25.21
C TRP G 184 -24.62 29.62 -25.60
N GLU G 185 -24.22 30.50 -24.65
CA GLU G 185 -23.21 31.52 -24.83
C GLU G 185 -21.82 31.06 -24.36
N LEU G 186 -20.74 31.48 -25.04
CA LEU G 186 -19.39 31.07 -24.67
C LEU G 186 -18.87 31.79 -23.44
N LEU G 187 -18.21 31.03 -22.53
CA LEU G 187 -17.82 31.46 -21.20
C LEU G 187 -16.81 32.59 -21.11
N ASP G 188 -16.12 32.91 -22.21
CA ASP G 188 -15.05 33.89 -22.28
C ASP G 188 -15.28 34.81 -23.49
N ASP G 189 -16.56 34.98 -23.91
CA ASP G 189 -16.97 35.77 -25.07
C ASP G 189 -16.37 35.32 -26.40
N LEU G 190 -16.00 34.03 -26.50
CA LEU G 190 -15.45 33.45 -27.71
C LEU G 190 -16.54 33.06 -28.70
N ASP G 191 -16.19 32.80 -29.96
CA ASP G 191 -17.13 32.30 -30.94
C ASP G 191 -17.19 30.76 -30.96
N PRO G 192 -18.35 30.12 -31.16
CA PRO G 192 -18.39 28.67 -31.24
C PRO G 192 -17.90 28.19 -32.59
N ILE G 193 -17.07 27.13 -32.62
CA ILE G 193 -16.56 26.58 -33.86
C ILE G 193 -17.60 25.63 -34.44
N VAL G 194 -18.26 26.04 -35.53
CA VAL G 194 -19.31 25.23 -36.14
C VAL G 194 -18.72 24.03 -36.85
N PRO G 195 -19.12 22.77 -36.61
CA PRO G 195 -18.64 21.64 -37.37
C PRO G 195 -19.06 21.71 -38.82
N GLU G 196 -18.40 20.93 -39.70
CA GLU G 196 -18.79 20.87 -41.10
C GLU G 196 -20.22 20.44 -41.29
N GLN G 197 -20.86 20.92 -42.36
CA GLN G 197 -22.24 20.62 -42.64
C GLN G 197 -22.28 19.78 -43.89
N PRO G 198 -23.12 18.74 -44.00
CA PRO G 198 -23.18 17.91 -45.19
C PRO G 198 -23.44 18.70 -46.45
N PHE G 199 -22.53 18.64 -47.42
CA PHE G 199 -22.60 19.47 -48.60
C PHE G 199 -23.45 18.78 -49.67
N THR G 200 -24.40 19.53 -50.25
CA THR G 200 -25.30 19.01 -51.27
C THR G 200 -24.91 19.59 -52.61
N LEU G 201 -24.89 18.75 -53.66
CA LEU G 201 -24.43 19.16 -54.98
C LEU G 201 -25.62 19.56 -55.82
N ASN G 202 -25.85 20.88 -55.95
CA ASN G 202 -26.99 21.44 -56.62
C ASN G 202 -26.58 22.23 -57.84
N GLY G 203 -25.44 21.88 -58.45
CA GLY G 203 -24.91 22.56 -59.62
C GLY G 203 -23.47 22.20 -59.82
N LEU G 204 -23.02 22.08 -61.08
CA LEU G 204 -21.63 21.79 -61.38
C LEU G 204 -21.21 22.63 -62.57
N ILE G 205 -20.05 23.30 -62.44
CA ILE G 205 -19.50 24.19 -63.45
C ILE G 205 -18.15 23.63 -63.86
N ILE G 206 -17.96 23.40 -65.17
CA ILE G 206 -16.72 22.89 -65.71
C ILE G 206 -16.18 23.91 -66.69
N SER G 207 -14.91 24.32 -66.51
CA SER G 207 -14.22 25.21 -67.43
C SER G 207 -13.06 24.43 -67.97
N LEU G 208 -13.09 24.04 -69.26
CA LEU G 208 -12.02 23.24 -69.83
C LEU G 208 -11.13 24.09 -70.68
N ASN G 209 -9.86 23.68 -70.83
CA ASN G 209 -8.90 24.45 -71.59
C ASN G 209 -8.37 23.61 -72.73
N LYS G 210 -8.32 24.20 -73.93
CA LYS G 210 -7.69 23.58 -75.08
C LYS G 210 -6.20 23.90 -75.04
N SER G 211 -5.37 22.89 -74.74
CA SER G 211 -3.93 23.03 -74.64
C SER G 211 -3.25 23.10 -75.98
N GLU G 212 -2.06 23.75 -76.01
CA GLU G 212 -1.14 23.72 -77.14
C GLU G 212 -0.62 22.36 -77.58
N LEU G 213 -0.13 22.31 -78.83
CA LEU G 213 0.30 21.12 -79.56
C LEU G 213 1.31 20.19 -78.87
N PRO G 214 2.38 20.60 -78.17
CA PRO G 214 3.33 19.63 -77.62
C PRO G 214 2.79 18.83 -76.44
N LYS G 215 2.24 19.49 -75.40
CA LYS G 215 1.59 18.82 -74.29
C LYS G 215 0.87 19.83 -73.45
N VAL G 216 -0.10 19.38 -72.62
CA VAL G 216 -0.68 20.18 -71.56
C VAL G 216 0.36 20.64 -70.54
N ARG G 217 0.26 21.89 -70.07
CA ARG G 217 1.15 22.45 -69.08
C ARG G 217 0.37 22.93 -67.87
N ALA G 218 -0.66 23.77 -68.10
CA ALA G 218 -1.65 24.15 -67.11
C ALA G 218 -1.17 25.17 -66.07
N ASP G 219 -0.02 25.84 -66.31
CA ASP G 219 0.54 26.79 -65.36
C ASP G 219 0.54 28.19 -65.99
N GLU G 220 1.18 28.35 -67.16
CA GLU G 220 1.20 29.58 -67.92
C GLU G 220 -0.08 29.81 -68.70
N SER G 221 -0.60 31.04 -68.70
CA SER G 221 -1.91 31.33 -69.28
C SER G 221 -1.93 31.49 -70.78
N ASP G 222 -0.79 31.52 -71.48
CA ASP G 222 -0.76 31.70 -72.91
C ASP G 222 -0.70 30.37 -73.67
N THR G 223 -0.55 29.24 -72.94
CA THR G 223 -0.34 27.91 -73.52
C THR G 223 -1.62 27.11 -73.60
N TYR G 224 -2.76 27.73 -73.25
CA TYR G 224 -4.04 27.11 -73.33
C TYR G 224 -5.10 28.14 -73.63
N GLN G 225 -6.13 27.75 -74.41
CA GLN G 225 -7.21 28.63 -74.75
C GLN G 225 -8.47 28.12 -74.09
N LEU G 226 -9.28 29.03 -73.51
CA LEU G 226 -10.60 28.68 -73.03
C LEU G 226 -11.51 28.33 -74.19
N GLU G 227 -12.14 27.15 -74.12
CA GLU G 227 -13.05 26.69 -75.16
C GLU G 227 -14.45 27.07 -74.73
N GLU G 228 -15.02 26.33 -73.77
CA GLU G 228 -16.34 26.60 -73.27
C GLU G 228 -16.42 26.47 -71.77
N ILE G 229 -17.49 27.03 -71.18
CA ILE G 229 -17.79 26.90 -69.77
C ILE G 229 -19.11 26.17 -69.67
N LEU G 230 -19.10 24.97 -69.05
CA LEU G 230 -20.23 24.07 -69.11
C LEU G 230 -20.93 24.03 -67.77
N TYR G 231 -22.26 24.20 -67.77
CA TYR G 231 -23.06 24.06 -66.58
C TYR G 231 -23.86 22.79 -66.73
N ILE G 232 -23.58 21.76 -65.91
CA ILE G 232 -24.12 20.41 -66.10
C ILE G 232 -25.65 20.34 -66.01
N PRO G 233 -26.35 20.98 -65.08
CA PRO G 233 -27.78 21.20 -65.23
C PRO G 233 -28.01 22.54 -65.93
N PRO G 234 -28.70 22.64 -67.07
CA PRO G 234 -28.93 23.91 -67.75
C PRO G 234 -29.57 25.02 -66.91
N THR G 235 -30.30 24.66 -65.85
CA THR G 235 -30.97 25.58 -64.96
C THR G 235 -30.03 26.33 -64.04
N ILE G 236 -28.74 25.96 -63.97
CA ILE G 236 -27.76 26.70 -63.19
C ILE G 236 -27.39 28.03 -63.86
N GLU G 237 -27.59 28.15 -65.19
CA GLU G 237 -27.45 29.41 -65.91
C GLU G 237 -28.42 30.46 -65.37
N ASP G 238 -27.92 31.70 -65.16
CA ASP G 238 -28.64 32.80 -64.56
C ASP G 238 -29.06 32.59 -63.08
N GLN G 239 -28.58 31.52 -62.41
CA GLN G 239 -28.91 31.24 -61.02
C GLN G 239 -27.78 31.58 -60.05
N ILE G 240 -26.54 31.17 -60.35
CA ILE G 240 -25.37 31.43 -59.53
C ILE G 240 -24.17 31.70 -60.47
N MET H 1 -22.52 -28.56 -16.66
CA MET H 1 -23.82 -27.83 -16.53
C MET H 1 -23.92 -26.84 -15.38
N THR H 2 -25.06 -26.85 -14.64
CA THR H 2 -25.32 -25.93 -13.56
C THR H 2 -24.39 -26.06 -12.37
N LYS H 3 -23.96 -24.92 -11.79
CA LYS H 3 -23.04 -24.93 -10.66
C LYS H 3 -23.53 -25.55 -9.35
N PRO H 4 -24.80 -25.57 -8.91
CA PRO H 4 -25.19 -26.25 -7.68
C PRO H 4 -25.00 -27.75 -7.73
N SER H 5 -25.30 -28.41 -8.86
CA SER H 5 -25.03 -29.84 -9.00
C SER H 5 -23.53 -30.12 -9.00
N LEU H 6 -22.76 -29.31 -9.74
CA LEU H 6 -21.30 -29.34 -9.74
C LEU H 6 -20.68 -29.11 -8.37
N ILE H 7 -21.13 -28.12 -7.58
CA ILE H 7 -20.61 -27.84 -6.25
C ILE H 7 -20.94 -28.94 -5.25
N SER H 8 -22.14 -29.54 -5.34
CA SER H 8 -22.51 -30.74 -4.56
C SER H 8 -21.59 -31.90 -4.86
N ALA H 9 -21.27 -32.15 -6.15
CA ALA H 9 -20.27 -33.13 -6.51
C ALA H 9 -18.87 -32.77 -6.02
N LYS H 10 -18.47 -31.49 -6.06
CA LYS H 10 -17.18 -31.04 -5.56
C LYS H 10 -16.98 -31.26 -4.06
N ILE H 11 -17.95 -30.90 -3.21
CA ILE H 11 -17.90 -31.18 -1.78
C ILE H 11 -17.96 -32.67 -1.48
N LEU H 12 -18.73 -33.45 -2.27
CA LEU H 12 -18.76 -34.89 -2.17
C LEU H 12 -17.41 -35.54 -2.47
N GLN H 13 -16.70 -35.10 -3.52
CA GLN H 13 -15.34 -35.55 -3.80
C GLN H 13 -14.36 -35.16 -2.69
N HIS H 14 -14.53 -33.96 -2.10
CA HIS H 14 -13.74 -33.48 -0.97
C HIS H 14 -13.82 -34.39 0.26
N ILE H 15 -15.04 -34.75 0.71
CA ILE H 15 -15.25 -35.54 1.91
C ILE H 15 -15.33 -37.04 1.61
N ASN H 16 -15.05 -37.44 0.35
CA ASN H 16 -15.27 -38.80 -0.13
C ASN H 16 -14.44 -39.87 0.58
N SER H 17 -13.15 -39.58 0.74
CA SER H 17 -12.22 -40.53 1.32
C SER H 17 -10.98 -39.86 1.83
N ILE H 18 -10.98 -38.51 1.88
CA ILE H 18 -9.80 -37.73 2.22
C ILE H 18 -10.05 -36.99 3.51
N VAL H 19 -10.76 -35.85 3.48
CA VAL H 19 -10.99 -35.08 4.68
C VAL H 19 -12.25 -35.54 5.40
N TRP H 20 -12.15 -35.73 6.73
CA TRP H 20 -13.31 -36.01 7.56
C TRP H 20 -13.82 -34.69 8.07
N LEU H 21 -15.04 -34.28 7.65
CA LEU H 21 -15.58 -32.99 8.02
C LEU H 21 -16.68 -33.16 9.04
N GLN H 22 -16.37 -32.86 10.32
CA GLN H 22 -17.30 -32.98 11.42
C GLN H 22 -18.46 -32.00 11.39
N SER H 23 -18.22 -30.78 10.89
CA SER H 23 -19.27 -29.77 10.81
C SER H 23 -18.93 -28.82 9.68
N LYS H 24 -19.95 -28.14 9.16
CA LYS H 24 -19.81 -27.21 8.07
C LYS H 24 -20.36 -25.86 8.49
N GLY H 25 -19.49 -24.85 8.59
CA GLY H 25 -19.86 -23.58 9.15
C GLY H 25 -18.66 -22.70 9.35
N ILE H 26 -18.89 -21.38 9.35
CA ILE H 26 -17.85 -20.40 9.54
C ILE H 26 -17.66 -20.08 11.01
N GLN H 27 -16.86 -20.90 11.70
CA GLN H 27 -16.63 -20.77 13.13
C GLN H 27 -15.62 -21.81 13.59
N GLU H 28 -14.52 -21.41 14.26
CA GLU H 28 -13.58 -22.35 14.86
C GLU H 28 -14.23 -23.21 15.96
N PRO H 29 -14.10 -24.53 16.03
CA PRO H 29 -14.90 -25.30 16.96
C PRO H 29 -14.42 -25.20 18.40
N LEU H 30 -15.38 -25.07 19.35
CA LEU H 30 -15.11 -25.13 20.78
C LEU H 30 -15.55 -26.45 21.40
N LYS H 31 -15.95 -27.43 20.57
CA LYS H 31 -16.19 -28.79 21.04
C LYS H 31 -14.91 -29.45 21.56
N PRO H 32 -14.92 -30.33 22.58
CA PRO H 32 -13.75 -31.13 22.94
C PRO H 32 -13.28 -32.02 21.81
N ASP H 33 -12.05 -32.58 21.92
CA ASP H 33 -11.57 -33.59 21.01
C ASP H 33 -12.55 -34.77 20.87
N VAL H 34 -12.84 -35.17 19.63
CA VAL H 34 -13.87 -36.15 19.35
C VAL H 34 -13.34 -37.56 19.55
N ILE H 35 -14.02 -38.34 20.42
CA ILE H 35 -13.59 -39.69 20.75
C ILE H 35 -14.30 -40.70 19.87
N VAL H 36 -13.54 -41.43 19.04
CA VAL H 36 -14.05 -42.49 18.18
C VAL H 36 -13.08 -43.65 18.26
N ASN H 37 -13.59 -44.88 18.50
CA ASN H 37 -12.78 -46.07 18.74
C ASN H 37 -11.81 -45.98 19.92
N ASN H 38 -12.11 -45.08 20.89
CA ASN H 38 -11.32 -44.80 22.07
C ASN H 38 -10.08 -43.97 21.75
N VAL H 39 -10.10 -43.30 20.58
CA VAL H 39 -9.02 -42.45 20.11
C VAL H 39 -9.55 -41.04 19.98
N ALA H 40 -8.78 -40.05 20.47
CA ALA H 40 -9.15 -38.65 20.42
C ALA H 40 -8.63 -37.97 19.15
N TYR H 41 -9.49 -37.23 18.45
CA TYR H 41 -9.14 -36.53 17.23
C TYR H 41 -9.48 -35.04 17.36
N PRO H 42 -8.74 -34.12 16.73
CA PRO H 42 -9.00 -32.69 16.87
C PRO H 42 -10.32 -32.27 16.24
N PRO H 43 -11.06 -31.30 16.73
CA PRO H 43 -12.21 -30.75 16.04
C PRO H 43 -11.87 -30.11 14.71
N ASN H 44 -12.76 -30.21 13.72
CA ASN H 44 -12.58 -29.50 12.48
C ASN H 44 -13.86 -28.91 11.94
N VAL H 45 -13.71 -27.96 11.00
CA VAL H 45 -14.81 -27.35 10.28
C VAL H 45 -14.37 -27.07 8.87
N ILE H 46 -15.37 -26.92 7.99
CA ILE H 46 -15.18 -26.52 6.63
C ILE H 46 -16.04 -25.31 6.32
N ALA H 47 -15.44 -24.29 5.69
CA ALA H 47 -16.15 -23.15 5.18
C ALA H 47 -16.14 -23.23 3.67
N GLU H 48 -17.33 -23.36 3.06
CA GLU H 48 -17.51 -23.34 1.63
C GLU H 48 -17.70 -21.89 1.23
N LYS H 49 -16.70 -21.27 0.57
CA LYS H 49 -16.73 -19.87 0.27
C LYS H 49 -17.62 -19.60 -0.94
N PRO H 50 -18.26 -18.44 -1.08
CA PRO H 50 -19.12 -18.17 -2.23
C PRO H 50 -18.33 -18.10 -3.51
N VAL H 51 -18.87 -18.68 -4.59
CA VAL H 51 -18.22 -18.71 -5.89
C VAL H 51 -17.93 -17.33 -6.44
N THR H 52 -16.65 -17.08 -6.79
CA THR H 52 -16.20 -15.79 -7.28
C THR H 52 -15.49 -16.00 -8.59
N ASN H 53 -15.19 -14.89 -9.29
CA ASN H 53 -14.62 -14.86 -10.62
C ASN H 53 -15.44 -15.61 -11.66
N ILE H 54 -16.78 -15.52 -11.56
CA ILE H 54 -17.69 -16.11 -12.53
C ILE H 54 -17.67 -15.29 -13.81
N GLU H 55 -16.99 -15.82 -14.84
CA GLU H 55 -16.79 -15.13 -16.09
C GLU H 55 -17.15 -16.05 -17.24
N VAL H 56 -17.85 -15.51 -18.25
CA VAL H 56 -18.26 -16.25 -19.44
C VAL H 56 -17.55 -15.64 -20.63
N ILE H 57 -16.63 -16.39 -21.27
CA ILE H 57 -15.74 -15.77 -22.24
C ILE H 57 -16.20 -15.95 -23.68
N THR H 58 -16.94 -17.03 -23.99
CA THR H 58 -17.36 -17.44 -25.34
C THR H 58 -16.26 -17.40 -26.39
N ASN H 59 -15.01 -17.67 -25.96
CA ASN H 59 -13.82 -17.46 -26.74
C ASN H 59 -12.84 -18.57 -26.41
N SER H 60 -13.28 -19.82 -26.61
CA SER H 60 -12.45 -20.98 -26.40
C SER H 60 -12.76 -21.95 -27.51
N SER H 61 -11.81 -22.84 -27.83
CA SER H 61 -11.90 -23.77 -28.93
C SER H 61 -12.70 -24.99 -28.58
N MET H 62 -13.04 -25.14 -27.29
CA MET H 62 -13.80 -26.25 -26.76
C MET H 62 -15.27 -25.89 -26.63
N ILE H 63 -15.80 -24.99 -27.49
CA ILE H 63 -17.21 -24.63 -27.53
C ILE H 63 -17.73 -24.98 -28.90
N GLU H 64 -18.59 -26.00 -29.01
CA GLU H 64 -19.11 -26.43 -30.29
C GLU H 64 -20.43 -25.76 -30.64
N ASN H 65 -20.49 -25.14 -31.84
CA ASN H 65 -21.75 -24.58 -32.33
C ASN H 65 -22.65 -25.68 -32.88
N THR H 66 -23.48 -26.27 -32.00
CA THR H 66 -24.36 -27.37 -32.35
C THR H 66 -25.56 -26.93 -33.17
N GLY H 67 -25.82 -25.59 -33.21
CA GLY H 67 -26.83 -25.01 -34.08
C GLY H 67 -28.22 -24.99 -33.50
N GLY H 68 -28.39 -25.58 -32.30
CA GLY H 68 -29.64 -25.52 -31.54
C GLY H 68 -29.71 -24.27 -30.71
N VAL H 69 -28.86 -24.17 -29.68
CA VAL H 69 -28.80 -23.02 -28.80
C VAL H 69 -27.33 -22.74 -28.56
N ARG H 70 -26.96 -21.45 -28.45
CA ARG H 70 -25.58 -21.04 -28.26
C ARG H 70 -25.00 -21.52 -26.95
N GLN H 71 -23.84 -22.23 -27.01
CA GLN H 71 -23.15 -22.68 -25.83
C GLN H 71 -22.16 -21.66 -25.33
N PHE H 72 -21.75 -21.86 -24.07
CA PHE H 72 -20.80 -21.01 -23.41
C PHE H 72 -19.80 -21.85 -22.65
N LEU H 73 -18.64 -21.24 -22.36
CA LEU H 73 -17.66 -21.80 -21.45
C LEU H 73 -17.54 -20.82 -20.32
N CYS H 74 -17.73 -21.33 -19.10
CA CYS H 74 -17.75 -20.55 -17.90
C CYS H 74 -16.54 -20.92 -17.09
N LYS H 75 -15.90 -19.91 -16.49
CA LYS H 75 -14.78 -20.09 -15.61
C LYS H 75 -15.25 -19.68 -14.23
N ALA H 76 -14.82 -20.42 -13.21
CA ALA H 76 -15.15 -20.08 -11.85
C ALA H 76 -14.03 -20.50 -10.94
N VAL H 77 -13.93 -19.82 -9.78
CA VAL H 77 -13.01 -20.19 -8.74
C VAL H 77 -13.84 -20.65 -7.56
N PHE H 78 -13.66 -21.92 -7.18
CA PHE H 78 -14.39 -22.51 -6.07
C PHE H 78 -13.43 -22.66 -4.91
N GLU H 79 -13.76 -22.03 -3.78
CA GLU H 79 -12.86 -21.88 -2.68
C GLU H 79 -13.42 -22.57 -1.46
N TYR H 80 -12.66 -23.52 -0.88
CA TYR H 80 -13.03 -24.22 0.33
C TYR H 80 -11.95 -23.98 1.37
N THR H 81 -12.32 -23.75 2.64
CA THR H 81 -11.35 -23.56 3.71
C THR H 81 -11.59 -24.61 4.78
N ILE H 82 -10.57 -25.44 5.11
CA ILE H 82 -10.68 -26.45 6.16
C ILE H 82 -9.83 -26.03 7.33
N VAL H 83 -10.43 -26.01 8.53
CA VAL H 83 -9.75 -25.57 9.74
C VAL H 83 -9.78 -26.71 10.75
N TRP H 84 -8.61 -27.03 11.31
CA TRP H 84 -8.46 -28.01 12.37
C TRP H 84 -7.96 -27.31 13.61
N VAL H 85 -8.57 -27.62 14.77
CA VAL H 85 -8.21 -27.01 16.03
C VAL H 85 -7.51 -28.03 16.89
N PHE H 86 -6.28 -27.73 17.31
CA PHE H 86 -5.48 -28.62 18.11
C PHE H 86 -5.32 -27.99 19.48
N SER H 87 -5.94 -28.61 20.49
CA SER H 87 -5.90 -28.14 21.86
C SER H 87 -4.52 -28.16 22.48
N ARG H 88 -4.21 -27.15 23.33
CA ARG H 88 -2.86 -26.97 23.86
C ARG H 88 -2.64 -27.85 25.07
N GLU H 89 -3.74 -28.43 25.59
CA GLU H 89 -3.72 -29.41 26.66
C GLU H 89 -2.91 -30.64 26.30
N VAL H 90 -3.14 -31.19 25.09
CA VAL H 90 -2.35 -32.29 24.57
C VAL H 90 -1.13 -31.81 23.77
N TYR H 91 -1.25 -30.77 22.93
CA TYR H 91 -0.15 -30.29 22.11
C TYR H 91 0.56 -29.09 22.72
N LYS H 92 1.56 -29.36 23.59
CA LYS H 92 2.24 -28.36 24.39
C LYS H 92 3.12 -27.40 23.58
N THR H 93 3.88 -27.94 22.62
CA THR H 93 4.75 -27.16 21.75
C THR H 93 4.23 -27.18 20.33
N TYR H 94 4.52 -26.13 19.55
CA TYR H 94 4.11 -25.97 18.17
C TYR H 94 4.63 -27.10 17.28
N HIS H 95 5.90 -27.50 17.43
CA HIS H 95 6.50 -28.46 16.54
C HIS H 95 6.00 -29.89 16.68
N GLN H 96 5.30 -30.23 17.79
CA GLN H 96 4.76 -31.56 17.96
C GLN H 96 3.37 -31.72 17.37
N ILE H 97 2.72 -30.63 16.88
CA ILE H 97 1.44 -30.75 16.18
C ILE H 97 1.60 -31.40 14.80
N PRO H 98 0.64 -32.15 14.26
CA PRO H 98 0.92 -33.01 13.11
C PRO H 98 0.64 -32.28 11.82
N ARG H 99 1.41 -31.21 11.56
CA ARG H 99 1.36 -30.39 10.37
C ARG H 99 1.63 -31.18 9.11
N SER H 100 2.57 -32.13 9.17
CA SER H 100 2.93 -33.00 8.06
C SER H 100 1.77 -33.83 7.56
N GLN H 101 0.99 -34.43 8.47
CA GLN H 101 -0.19 -35.19 8.15
C GLN H 101 -1.29 -34.32 7.55
N ILE H 102 -1.46 -33.07 8.04
CA ILE H 102 -2.38 -32.10 7.45
C ILE H 102 -2.03 -31.75 6.01
N GLN H 103 -0.73 -31.53 5.73
CA GLN H 103 -0.23 -31.28 4.39
C GLN H 103 -0.42 -32.47 3.45
N ASP H 104 -0.18 -33.69 3.95
CA ASP H 104 -0.47 -34.94 3.26
C ASP H 104 -1.96 -35.09 2.91
N LEU H 105 -2.85 -34.78 3.87
CA LEU H 105 -4.28 -34.81 3.65
C LEU H 105 -4.74 -33.80 2.61
N LEU H 106 -4.16 -32.58 2.66
CA LEU H 106 -4.38 -31.53 1.70
C LEU H 106 -3.94 -31.88 0.28
N VAL H 107 -2.72 -32.42 0.11
CA VAL H 107 -2.24 -32.85 -1.20
C VAL H 107 -3.03 -34.01 -1.77
N PHE H 108 -3.47 -34.96 -0.91
CA PHE H 108 -4.36 -36.04 -1.32
C PHE H 108 -5.71 -35.54 -1.82
N CYS H 109 -6.32 -34.53 -1.15
CA CYS H 109 -7.56 -33.94 -1.63
C CYS H 109 -7.39 -33.24 -2.96
N GLN H 110 -6.27 -32.50 -3.13
CA GLN H 110 -5.93 -31.86 -4.38
C GLN H 110 -5.80 -32.84 -5.53
N GLN H 111 -5.08 -33.96 -5.33
CA GLN H 111 -4.96 -35.01 -6.33
C GLN H 111 -6.27 -35.68 -6.68
N PHE H 112 -7.11 -35.97 -5.67
CA PHE H 112 -8.38 -36.63 -5.87
C PHE H 112 -9.39 -35.75 -6.63
N VAL H 113 -9.49 -34.46 -6.28
CA VAL H 113 -10.34 -33.52 -6.99
C VAL H 113 -9.87 -33.27 -8.43
N ILE H 114 -8.56 -33.15 -8.66
CA ILE H 114 -7.98 -33.03 -10.00
C ILE H 114 -8.19 -34.26 -10.87
N SER H 115 -8.02 -35.48 -10.34
CA SER H 115 -8.20 -36.69 -11.13
C SER H 115 -9.64 -36.98 -11.53
N ALA H 116 -10.63 -36.62 -10.68
CA ALA H 116 -12.01 -36.97 -10.86
C ALA H 116 -12.78 -36.15 -11.90
N TYR H 117 -12.20 -35.90 -13.09
CA TYR H 117 -12.78 -35.14 -14.18
C TYR H 117 -14.15 -35.62 -14.60
N GLN H 118 -14.27 -36.94 -14.85
CA GLN H 118 -15.51 -37.59 -15.22
C GLN H 118 -16.46 -37.79 -14.05
N GLY H 119 -15.98 -37.62 -12.80
CA GLY H 119 -16.79 -37.87 -11.62
C GLY H 119 -17.46 -36.66 -11.03
N ILE H 120 -16.94 -35.46 -11.29
CA ILE H 120 -17.56 -34.25 -10.78
C ILE H 120 -18.72 -33.79 -11.67
N ASP H 121 -18.48 -33.66 -12.99
CA ASP H 121 -19.52 -33.28 -13.94
C ASP H 121 -19.03 -33.73 -15.31
N PRO H 122 -19.82 -34.16 -16.29
CA PRO H 122 -19.27 -34.59 -17.57
C PRO H 122 -18.79 -33.44 -18.41
N ASP H 123 -19.28 -32.22 -18.13
CA ASP H 123 -19.05 -31.04 -18.94
C ASP H 123 -17.88 -30.20 -18.43
N ILE H 124 -17.05 -30.75 -17.53
CA ILE H 124 -15.85 -30.07 -17.11
C ILE H 124 -14.81 -30.12 -18.21
N THR H 125 -14.26 -28.96 -18.63
CA THR H 125 -13.23 -28.95 -19.66
C THR H 125 -11.85 -28.71 -19.06
N ASN H 126 -11.76 -28.01 -17.91
CA ASN H 126 -10.48 -27.82 -17.25
C ASN H 126 -10.66 -27.69 -15.75
N ILE H 127 -9.74 -28.28 -14.96
CA ILE H 127 -9.61 -28.06 -13.52
C ILE H 127 -8.15 -27.78 -13.25
N ASP H 128 -7.85 -26.63 -12.64
CA ASP H 128 -6.50 -26.21 -12.31
C ASP H 128 -6.49 -25.79 -10.84
N LEU H 129 -5.29 -25.72 -10.23
CA LEU H 129 -5.11 -25.45 -8.83
C LEU H 129 -4.35 -24.17 -8.60
N LYS H 130 -4.90 -23.26 -7.79
CA LYS H 130 -4.11 -22.17 -7.29
C LYS H 130 -3.20 -22.62 -6.14
N PRO H 131 -2.05 -21.99 -5.87
CA PRO H 131 -1.21 -22.33 -4.73
C PRO H 131 -1.94 -22.26 -3.40
N SER H 132 -1.98 -23.37 -2.64
CA SER H 132 -2.70 -23.48 -1.38
C SER H 132 -1.90 -22.85 -0.27
N GLN H 133 -2.60 -22.22 0.69
CA GLN H 133 -1.96 -21.54 1.79
C GLN H 133 -2.27 -22.29 3.05
N VAL H 134 -1.24 -22.60 3.87
CA VAL H 134 -1.41 -23.31 5.12
C VAL H 134 -0.95 -22.41 6.24
N LEU H 135 -1.85 -22.10 7.18
CA LEU H 135 -1.59 -21.17 8.24
C LEU H 135 -1.66 -21.88 9.57
N VAL H 136 -0.77 -21.49 10.51
CA VAL H 136 -0.78 -21.98 11.88
C VAL H 136 -1.10 -20.81 12.80
N LYS H 137 -2.09 -20.00 12.40
CA LYS H 137 -2.61 -18.93 13.22
C LYS H 137 -3.27 -19.44 14.50
N PRO H 138 -3.34 -18.72 15.60
CA PRO H 138 -4.18 -19.12 16.71
C PRO H 138 -5.67 -19.18 16.38
N THR H 139 -6.44 -19.93 17.18
CA THR H 139 -7.90 -19.92 17.18
C THR H 139 -8.49 -18.55 17.45
N GLU H 140 -9.77 -18.31 17.07
CA GLU H 140 -10.44 -17.02 17.27
C GLU H 140 -10.42 -16.51 18.72
N ASP H 141 -10.96 -17.30 19.66
CA ASP H 141 -10.92 -16.96 21.08
C ASP H 141 -10.84 -18.22 21.94
N VAL H 142 -10.53 -19.37 21.31
CA VAL H 142 -10.49 -20.66 21.96
C VAL H 142 -9.22 -20.86 22.76
N ASN H 143 -9.37 -21.01 24.08
CA ASN H 143 -8.27 -21.24 25.00
C ASN H 143 -8.36 -22.67 25.50
N SER H 144 -7.21 -23.30 25.75
CA SER H 144 -7.20 -24.67 26.24
C SER H 144 -6.83 -24.76 27.69
N ASP H 145 -5.56 -24.48 28.01
CA ASP H 145 -4.86 -24.69 29.25
C ASP H 145 -4.85 -23.46 30.15
N VAL H 146 -4.24 -23.62 31.34
CA VAL H 146 -4.03 -22.55 32.30
C VAL H 146 -3.24 -21.39 31.69
N SER H 147 -3.62 -20.14 32.06
CA SER H 147 -3.11 -18.88 31.56
C SER H 147 -3.88 -18.42 30.35
N ASN H 148 -4.87 -19.22 29.92
CA ASN H 148 -5.76 -18.94 28.82
C ASN H 148 -5.02 -18.79 27.50
N SER H 149 -4.02 -19.65 27.24
CA SER H 149 -3.30 -19.63 25.99
C SER H 149 -4.16 -20.10 24.83
N SER H 150 -4.14 -19.33 23.72
CA SER H 150 -4.90 -19.68 22.53
C SER H 150 -4.47 -21.01 21.93
N SER H 151 -5.46 -21.83 21.54
CA SER H 151 -5.25 -23.11 20.90
C SER H 151 -4.69 -22.99 19.52
N TRP H 152 -3.96 -24.02 19.06
CA TRP H 152 -3.42 -24.03 17.72
C TRP H 152 -4.51 -24.25 16.69
N SER H 153 -4.53 -23.43 15.62
CA SER H 153 -5.49 -23.58 14.53
C SER H 153 -4.70 -23.78 13.26
N VAL H 154 -4.98 -24.87 12.53
CA VAL H 154 -4.34 -25.12 11.25
C VAL H 154 -5.38 -24.91 10.18
N VAL H 155 -5.15 -23.90 9.32
CA VAL H 155 -6.08 -23.44 8.33
C VAL H 155 -5.49 -23.74 6.97
N ALA H 156 -6.21 -24.46 6.13
CA ALA H 156 -5.76 -24.77 4.80
C ALA H 156 -6.85 -24.43 3.80
N ASP H 157 -6.51 -23.62 2.78
CA ASP H 157 -7.45 -23.31 1.72
C ASP H 157 -7.23 -24.13 0.47
N LEU H 158 -8.31 -24.37 -0.30
CA LEU H 158 -8.26 -25.02 -1.58
C LEU H 158 -9.08 -24.23 -2.56
N ARG H 159 -8.41 -23.65 -3.58
CA ARG H 159 -9.04 -22.80 -4.56
C ARG H 159 -8.89 -23.45 -5.92
N PHE H 160 -10.00 -23.99 -6.46
CA PHE H 160 -10.01 -24.71 -7.71
C PHE H 160 -10.43 -23.77 -8.81
N MET H 161 -9.58 -23.51 -9.83
CA MET H 161 -10.00 -22.77 -11.01
C MET H 161 -10.53 -23.78 -11.99
N ILE H 162 -11.79 -23.63 -12.39
CA ILE H 162 -12.47 -24.68 -13.11
C ILE H 162 -13.25 -24.07 -14.24
N GLU H 163 -13.11 -24.69 -15.42
CA GLU H 163 -13.70 -24.24 -16.65
C GLU H 163 -14.61 -25.33 -17.11
N PHE H 164 -15.86 -24.97 -17.47
CA PHE H 164 -16.88 -25.94 -17.76
C PHE H 164 -17.83 -25.39 -18.79
N LEU H 165 -18.53 -26.30 -19.47
CA LEU H 165 -19.50 -25.94 -20.48
C LEU H 165 -20.87 -25.72 -19.89
N THR H 166 -21.60 -24.74 -20.46
CA THR H 166 -22.96 -24.41 -20.09
C THR H 166 -23.78 -24.09 -21.33
N SER H 167 -25.11 -24.09 -21.19
CA SER H 167 -25.99 -23.63 -22.25
C SER H 167 -27.18 -22.94 -21.61
N LEU H 168 -27.94 -22.15 -22.38
CA LEU H 168 -29.12 -21.46 -21.88
C LEU H 168 -30.21 -22.42 -21.43
N ASP H 169 -30.33 -23.58 -22.11
CA ASP H 169 -31.37 -24.58 -21.90
C ASP H 169 -31.27 -25.31 -20.56
N GLU H 170 -30.11 -25.23 -19.89
CA GLU H 170 -29.85 -25.91 -18.64
C GLU H 170 -30.47 -25.24 -17.43
N PHE H 171 -30.92 -23.98 -17.57
CA PHE H 171 -31.44 -23.20 -16.47
C PHE H 171 -32.95 -23.11 -16.57
N LEU H 172 -33.67 -23.50 -15.50
CA LEU H 172 -35.10 -23.55 -15.50
C LEU H 172 -35.58 -22.87 -14.23
N PRO H 173 -36.85 -22.50 -14.06
CA PRO H 173 -37.28 -21.81 -12.85
C PRO H 173 -37.32 -22.70 -11.63
N ILE H 174 -37.14 -24.03 -11.78
CA ILE H 174 -37.06 -24.96 -10.67
C ILE H 174 -35.84 -24.73 -9.79
N ASP H 175 -34.67 -24.40 -10.37
CA ASP H 175 -33.46 -24.18 -9.60
C ASP H 175 -33.41 -22.82 -8.92
N PHE H 176 -34.30 -21.89 -9.30
CA PHE H 176 -34.43 -20.60 -8.66
C PHE H 176 -35.58 -20.51 -7.65
N ASN H 177 -36.22 -21.65 -7.30
CA ASN H 177 -37.46 -21.76 -6.55
C ASN H 177 -37.62 -20.91 -5.28
N LYS H 178 -36.55 -20.79 -4.46
CA LYS H 178 -36.61 -20.09 -3.20
C LYS H 178 -36.01 -18.70 -3.26
N ILE H 179 -35.59 -18.21 -4.45
CA ILE H 179 -34.99 -16.89 -4.58
C ILE H 179 -35.82 -16.02 -5.50
N GLN H 180 -36.43 -16.61 -6.55
CA GLN H 180 -37.13 -15.85 -7.57
C GLN H 180 -38.44 -16.54 -7.92
N PRO H 181 -39.60 -15.90 -7.95
CA PRO H 181 -40.81 -16.50 -8.49
C PRO H 181 -40.70 -16.62 -10.00
N PRO H 182 -41.13 -17.69 -10.67
CA PRO H 182 -41.34 -17.68 -12.10
C PRO H 182 -42.34 -16.61 -12.54
N THR H 183 -42.15 -16.07 -13.76
CA THR H 183 -43.10 -15.20 -14.45
C THR H 183 -43.51 -13.95 -13.69
N TRP H 184 -42.50 -13.23 -13.16
CA TRP H 184 -42.65 -11.97 -12.47
C TRP H 184 -42.95 -10.76 -13.38
N GLU H 185 -43.25 -9.60 -12.75
CA GLU H 185 -43.57 -8.35 -13.43
C GLU H 185 -42.35 -7.45 -13.61
N LEU H 186 -42.26 -6.69 -14.73
CA LEU H 186 -41.14 -5.81 -14.98
C LEU H 186 -41.17 -4.55 -14.15
N LEU H 187 -40.00 -4.14 -13.60
CA LEU H 187 -39.85 -3.10 -12.61
C LEU H 187 -40.22 -1.68 -13.05
N ASP H 188 -40.35 -1.44 -14.36
CA ASP H 188 -40.59 -0.15 -14.95
C ASP H 188 -41.73 -0.25 -15.98
N ASP H 189 -42.64 -1.24 -15.79
CA ASP H 189 -43.76 -1.54 -16.68
C ASP H 189 -43.37 -1.90 -18.11
N LEU H 190 -42.14 -2.41 -18.30
CA LEU H 190 -41.63 -2.83 -19.59
C LEU H 190 -42.11 -4.23 -19.96
N ASP H 191 -41.99 -4.64 -21.23
CA ASP H 191 -42.31 -5.98 -21.65
C ASP H 191 -41.09 -6.91 -21.56
N PRO H 192 -41.22 -8.19 -21.18
CA PRO H 192 -40.08 -9.08 -21.16
C PRO H 192 -39.73 -9.54 -22.56
N ILE H 193 -38.42 -9.58 -22.89
CA ILE H 193 -37.98 -10.01 -24.20
C ILE H 193 -37.87 -11.53 -24.19
N VAL H 194 -38.80 -12.21 -24.89
CA VAL H 194 -38.85 -13.66 -24.92
C VAL H 194 -37.69 -14.22 -25.75
N PRO H 195 -36.82 -15.13 -25.29
CA PRO H 195 -35.81 -15.74 -26.12
C PRO H 195 -36.42 -16.57 -27.23
N GLU H 196 -35.62 -16.89 -28.26
CA GLU H 196 -36.07 -17.76 -29.33
C GLU H 196 -36.53 -19.12 -28.83
N GLN H 197 -37.50 -19.71 -29.53
CA GLN H 197 -38.06 -20.99 -29.14
C GLN H 197 -37.66 -21.99 -30.19
N PRO H 198 -37.29 -23.23 -29.86
CA PRO H 198 -36.90 -24.22 -30.85
C PRO H 198 -37.97 -24.47 -31.89
N PHE H 199 -37.64 -24.22 -33.17
CA PHE H 199 -38.62 -24.27 -34.24
C PHE H 199 -38.74 -25.70 -34.76
N THR H 200 -39.98 -26.18 -34.89
CA THR H 200 -40.28 -27.52 -35.37
C THR H 200 -40.82 -27.44 -36.78
N LEU H 201 -40.35 -28.32 -37.68
CA LEU H 201 -40.73 -28.29 -39.07
C LEU H 201 -41.88 -29.24 -39.31
N ASN H 202 -43.10 -28.70 -39.40
CA ASN H 202 -44.33 -29.47 -39.52
C ASN H 202 -45.03 -29.21 -40.83
N GLY H 203 -44.26 -28.82 -41.87
CA GLY H 203 -44.78 -28.52 -43.18
C GLY H 203 -43.77 -27.77 -43.99
N LEU H 204 -43.70 -28.02 -45.31
CA LEU H 204 -42.79 -27.31 -46.19
C LEU H 204 -43.51 -27.00 -47.48
N ILE H 205 -43.41 -25.73 -47.93
CA ILE H 205 -44.06 -25.23 -49.12
C ILE H 205 -42.97 -24.75 -50.06
N ILE H 206 -42.98 -25.26 -51.31
CA ILE H 206 -42.01 -24.88 -52.32
C ILE H 206 -42.78 -24.29 -53.49
N SER H 207 -42.39 -23.08 -53.93
CA SER H 207 -42.95 -22.44 -55.09
C SER H 207 -41.81 -22.27 -56.07
N LEU H 208 -41.80 -23.04 -57.17
CA LEU H 208 -40.70 -22.95 -58.12
C LEU H 208 -41.10 -22.16 -59.33
N ASN H 209 -40.13 -21.54 -60.01
CA ASN H 209 -40.40 -20.73 -61.16
C ASN H 209 -39.69 -21.27 -62.37
N LYS H 210 -40.40 -21.38 -63.50
CA LYS H 210 -39.81 -21.73 -64.77
C LYS H 210 -39.27 -20.47 -65.42
N SER H 211 -37.94 -20.34 -65.46
CA SER H 211 -37.26 -19.19 -66.04
C SER H 211 -37.24 -19.19 -67.54
N GLU H 212 -37.14 -17.98 -68.13
CA GLU H 212 -36.87 -17.79 -69.55
C GLU H 212 -35.59 -18.37 -70.11
N LEU H 213 -35.57 -18.54 -71.45
CA LEU H 213 -34.53 -19.20 -72.22
C LEU H 213 -33.07 -18.75 -72.00
N PRO H 214 -32.67 -17.46 -71.88
CA PRO H 214 -31.26 -17.13 -71.77
C PRO H 214 -30.64 -17.50 -70.43
N LYS H 215 -31.24 -17.11 -69.30
CA LYS H 215 -30.79 -17.51 -67.98
C LYS H 215 -31.82 -17.11 -66.96
N VAL H 216 -31.78 -17.74 -65.76
CA VAL H 216 -32.52 -17.28 -64.59
C VAL H 216 -32.11 -15.86 -64.18
N ARG H 217 -33.09 -15.03 -63.79
CA ARG H 217 -32.85 -13.68 -63.33
C ARG H 217 -33.39 -13.48 -61.93
N ALA H 218 -34.68 -13.83 -61.71
CA ALA H 218 -35.31 -13.92 -60.41
C ALA H 218 -35.66 -12.58 -59.76
N ASP H 219 -35.64 -11.47 -60.52
CA ASP H 219 -35.91 -10.15 -59.98
C ASP H 219 -37.18 -9.59 -60.62
N GLU H 220 -37.24 -9.51 -61.96
CA GLU H 220 -38.39 -9.08 -62.71
C GLU H 220 -39.43 -10.19 -62.84
N SER H 221 -40.72 -9.85 -62.68
CA SER H 221 -41.79 -10.84 -62.63
C SER H 221 -42.26 -11.36 -63.96
N ASP H 222 -41.82 -10.80 -65.10
CA ASP H 222 -42.26 -11.25 -66.40
C ASP H 222 -41.31 -12.27 -67.03
N THR H 223 -40.15 -12.52 -66.39
CA THR H 223 -39.08 -13.37 -66.92
C THR H 223 -39.12 -14.78 -66.37
N TYR H 224 -40.16 -15.09 -65.59
CA TYR H 224 -40.36 -16.41 -65.04
C TYR H 224 -41.83 -16.69 -64.89
N GLN H 225 -42.23 -17.96 -65.10
CA GLN H 225 -43.60 -18.36 -64.97
C GLN H 225 -43.72 -19.29 -63.78
N LEU H 226 -44.76 -19.11 -62.96
CA LEU H 226 -45.08 -20.07 -61.91
C LEU H 226 -45.53 -21.38 -62.52
N GLU H 227 -44.90 -22.50 -62.11
CA GLU H 227 -45.23 -23.81 -62.60
C GLU H 227 -46.19 -24.43 -61.61
N GLU H 228 -45.68 -24.88 -60.45
CA GLU H 228 -46.50 -25.48 -59.43
C GLU H 228 -46.11 -25.01 -58.04
N ILE H 229 -47.01 -25.23 -57.08
CA ILE H 229 -46.75 -24.96 -55.67
C ILE H 229 -46.84 -26.28 -54.95
N LEU H 230 -45.72 -26.72 -54.34
CA LEU H 230 -45.59 -28.07 -53.83
C LEU H 230 -45.65 -28.05 -52.32
N TYR H 231 -46.50 -28.90 -51.74
CA TYR H 231 -46.55 -29.10 -50.30
C TYR H 231 -45.97 -30.46 -50.01
N ILE H 232 -44.80 -30.52 -49.34
CA ILE H 232 -44.03 -31.75 -49.20
C ILE H 232 -44.76 -32.85 -48.43
N PRO H 233 -45.46 -32.62 -47.32
CA PRO H 233 -46.43 -33.57 -46.82
C PRO H 233 -47.81 -33.26 -47.41
N PRO H 234 -48.51 -34.13 -48.13
CA PRO H 234 -49.83 -33.85 -48.70
C PRO H 234 -50.88 -33.34 -47.72
N THR H 235 -50.74 -33.65 -46.43
CA THR H 235 -51.66 -33.24 -45.39
C THR H 235 -51.56 -31.78 -45.02
N ILE H 236 -50.56 -31.03 -45.53
CA ILE H 236 -50.47 -29.59 -45.32
C ILE H 236 -51.50 -28.84 -46.14
N GLU H 237 -52.00 -29.44 -47.25
CA GLU H 237 -53.12 -28.90 -48.03
C GLU H 237 -54.37 -28.76 -47.17
N ASP H 238 -55.07 -27.63 -47.27
CA ASP H 238 -56.22 -27.27 -46.47
C ASP H 238 -55.95 -27.10 -44.96
N GLN H 239 -54.68 -27.11 -44.51
CA GLN H 239 -54.32 -26.95 -43.11
C GLN H 239 -53.78 -25.57 -42.77
N ILE H 240 -52.86 -25.03 -43.58
CA ILE H 240 -52.26 -23.72 -43.39
C ILE H 240 -52.04 -23.07 -44.78
N MET I 1 7.65 -39.15 -3.15
CA MET I 1 6.39 -39.60 -2.49
C MET I 1 5.78 -38.65 -1.47
N THR I 2 5.34 -39.17 -0.30
CA THR I 2 4.68 -38.40 0.73
C THR I 2 5.54 -37.34 1.38
N LYS I 3 4.98 -36.14 1.64
CA LYS I 3 5.72 -35.04 2.22
C LYS I 3 6.25 -35.24 3.65
N PRO I 4 5.68 -35.98 4.61
CA PRO I 4 6.30 -36.16 5.92
C PRO I 4 7.62 -36.91 5.88
N SER I 5 7.75 -37.95 5.04
CA SER I 5 9.03 -38.63 4.88
C SER I 5 10.05 -37.72 4.22
N LEU I 6 9.65 -36.99 3.16
CA LEU I 6 10.44 -35.97 2.51
C LEU I 6 10.90 -34.85 3.44
N ILE I 7 10.02 -34.29 4.29
CA ILE I 7 10.36 -33.23 5.23
C ILE I 7 11.31 -33.71 6.33
N SER I 8 11.14 -34.95 6.83
CA SER I 8 12.08 -35.58 7.74
C SER I 8 13.45 -35.71 7.13
N ALA I 9 13.55 -36.14 5.86
CA ALA I 9 14.80 -36.13 5.14
C ALA I 9 15.37 -34.73 4.92
N LYS I 10 14.52 -33.72 4.63
CA LYS I 10 14.96 -32.34 4.48
C LYS I 10 15.57 -31.73 5.74
N ILE I 11 14.94 -31.87 6.91
CA ILE I 11 15.52 -31.44 8.18
C ILE I 11 16.76 -32.22 8.55
N LEU I 12 16.81 -33.53 8.24
CA LEU I 12 18.00 -34.34 8.42
C LEU I 12 19.18 -33.86 7.58
N GLN I 13 18.97 -33.52 6.30
CA GLN I 13 20.00 -32.91 5.47
C GLN I 13 20.46 -31.55 5.99
N HIS I 14 19.51 -30.74 6.52
CA HIS I 14 19.79 -29.46 7.15
C HIS I 14 20.75 -29.54 8.33
N ILE I 15 20.49 -30.45 9.31
CA ILE I 15 21.30 -30.58 10.52
C ILE I 15 22.42 -31.61 10.36
N ASN I 16 22.61 -32.15 9.14
CA ASN I 16 23.50 -33.28 8.89
C ASN I 16 24.97 -33.02 9.20
N SER I 17 25.46 -31.87 8.75
CA SER I 17 26.86 -31.52 8.90
C SER I 17 27.08 -30.03 8.76
N ILE I 18 26.00 -29.23 8.73
CA ILE I 18 26.07 -27.82 8.46
C ILE I 18 25.61 -27.05 9.68
N VAL I 19 24.29 -26.92 9.91
CA VAL I 19 23.80 -26.17 11.05
C VAL I 19 23.67 -27.04 12.27
N TRP I 20 24.17 -26.57 13.43
CA TRP I 20 23.96 -27.22 14.70
C TRP I 20 22.71 -26.62 15.32
N LEU I 21 21.65 -27.42 15.47
CA LEU I 21 20.38 -26.93 15.96
C LEU I 21 20.15 -27.41 17.38
N GLN I 22 20.35 -26.50 18.37
CA GLN I 22 20.20 -26.80 19.78
C GLN I 22 18.77 -27.09 20.22
N SER I 23 17.79 -26.41 19.60
CA SER I 23 16.39 -26.61 19.94
C SER I 23 15.55 -26.27 18.73
N LYS I 24 14.32 -26.81 18.68
CA LYS I 24 13.41 -26.62 17.60
C LYS I 24 12.11 -26.07 18.15
N GLY I 25 11.77 -24.83 17.79
CA GLY I 25 10.66 -24.14 18.39
C GLY I 25 10.62 -22.70 17.98
N ILE I 26 9.42 -22.10 18.01
CA ILE I 26 9.21 -20.71 17.64
C ILE I 26 9.37 -19.81 18.86
N GLN I 27 10.63 -19.44 19.16
CA GLN I 27 10.96 -18.63 20.33
C GLN I 27 12.44 -18.32 20.34
N GLU I 28 12.86 -17.03 20.42
CA GLU I 28 14.25 -16.68 20.58
C GLU I 28 14.86 -17.20 21.90
N PRO I 29 16.02 -17.83 21.98
CA PRO I 29 16.42 -18.48 23.22
C PRO I 29 16.90 -17.51 24.28
N LEU I 30 16.50 -17.74 25.55
CA LEU I 30 17.00 -17.01 26.70
C LEU I 30 17.98 -17.84 27.52
N LYS I 31 18.39 -19.02 27.02
CA LYS I 31 19.47 -19.78 27.62
C LYS I 31 20.81 -19.05 27.55
N PRO I 32 21.74 -19.15 28.50
CA PRO I 32 23.10 -18.64 28.35
C PRO I 32 23.83 -19.26 27.18
N ASP I 33 24.97 -18.66 26.75
CA ASP I 33 25.86 -19.24 25.78
C ASP I 33 26.26 -20.68 26.16
N VAL I 34 26.17 -21.61 25.21
CA VAL I 34 26.35 -23.03 25.47
C VAL I 34 27.83 -23.37 25.49
N ILE I 35 28.30 -23.97 26.61
CA ILE I 35 29.70 -24.31 26.79
C ILE I 35 29.96 -25.75 26.39
N VAL I 36 30.77 -25.95 25.33
CA VAL I 36 31.18 -27.26 24.87
C VAL I 36 32.67 -27.20 24.56
N ASN I 37 33.45 -28.17 25.07
CA ASN I 37 34.91 -28.18 24.99
C ASN I 37 35.60 -26.96 25.60
N ASN I 38 34.92 -26.28 26.55
CA ASN I 38 35.38 -25.08 27.23
C ASN I 38 35.29 -23.85 26.34
N VAL I 39 34.48 -23.94 25.27
CA VAL I 39 34.26 -22.87 24.32
C VAL I 39 32.79 -22.49 24.37
N ALA I 40 32.50 -21.17 24.40
CA ALA I 40 31.15 -20.66 24.44
C ALA I 40 30.60 -20.40 23.04
N TYR I 41 29.37 -20.87 22.76
CA TYR I 41 28.72 -20.69 21.48
C TYR I 41 27.36 -20.03 21.67
N PRO I 42 26.86 -19.23 20.72
CA PRO I 42 25.60 -18.54 20.88
C PRO I 42 24.41 -19.49 20.89
N PRO I 43 23.32 -19.26 21.61
CA PRO I 43 22.11 -20.04 21.48
C PRO I 43 21.48 -19.96 20.11
N ASN I 44 20.85 -21.06 19.64
CA ASN I 44 20.11 -21.00 18.41
C ASN I 44 18.82 -21.80 18.47
N VAL I 45 17.92 -21.52 17.51
CA VAL I 45 16.68 -22.24 17.32
C VAL I 45 16.37 -22.32 15.86
N ILE I 46 15.53 -23.31 15.52
CA ILE I 46 15.00 -23.48 14.19
C ILE I 46 13.49 -23.52 14.24
N ALA I 47 12.83 -22.76 13.36
CA ALA I 47 11.42 -22.81 13.16
C ALA I 47 11.16 -23.44 11.81
N GLU I 48 10.50 -24.61 11.80
CA GLU I 48 10.06 -25.29 10.61
C GLU I 48 8.69 -24.75 10.26
N LYS I 49 8.58 -23.95 9.19
CA LYS I 49 7.34 -23.29 8.86
C LYS I 49 6.39 -24.24 8.16
N PRO I 50 5.07 -24.09 8.26
CA PRO I 50 4.15 -25.01 7.61
C PRO I 50 4.23 -24.91 6.11
N VAL I 51 4.18 -26.07 5.42
CA VAL I 51 4.27 -26.13 3.97
C VAL I 51 3.17 -25.34 3.27
N THR I 52 3.57 -24.44 2.37
CA THR I 52 2.65 -23.56 1.67
C THR I 52 2.92 -23.69 0.19
N ASN I 53 2.01 -23.11 -0.63
CA ASN I 53 2.00 -23.21 -2.08
C ASN I 53 1.96 -24.64 -2.59
N ILE I 54 1.18 -25.52 -1.90
CA ILE I 54 0.96 -26.88 -2.33
C ILE I 54 0.02 -26.91 -3.52
N GLU I 55 0.59 -27.13 -4.72
CA GLU I 55 -0.14 -27.09 -5.96
C GLU I 55 0.17 -28.34 -6.77
N VAL I 56 -0.87 -28.93 -7.39
CA VAL I 56 -0.74 -30.12 -8.23
C VAL I 56 -1.12 -29.73 -9.64
N ILE I 57 -0.16 -29.76 -10.59
CA ILE I 57 -0.40 -29.15 -11.88
C ILE I 57 -0.81 -30.15 -12.95
N THR I 58 -0.39 -31.43 -12.83
CA THR I 58 -0.58 -32.50 -13.82
C THR I 58 -0.26 -32.10 -15.26
N ASN I 59 0.72 -31.19 -15.42
CA ASN I 59 1.02 -30.52 -16.66
C ASN I 59 2.52 -30.34 -16.75
N SER I 60 3.26 -31.45 -16.66
CA SER I 60 4.70 -31.44 -16.78
C SER I 60 5.09 -32.66 -17.58
N SER I 61 6.25 -32.62 -18.24
CA SER I 61 6.72 -33.65 -19.13
C SER I 61 7.37 -34.79 -18.39
N MET I 62 7.58 -34.60 -17.08
CA MET I 62 8.20 -35.58 -16.20
C MET I 62 7.15 -36.36 -15.45
N ILE I 63 5.96 -36.57 -16.03
CA ILE I 63 4.89 -37.39 -15.45
C ILE I 63 4.60 -38.51 -16.42
N GLU I 64 4.96 -39.76 -16.07
CA GLU I 64 4.74 -40.88 -16.96
C GLU I 64 3.42 -41.58 -16.72
N ASN I 65 2.61 -41.75 -17.78
CA ASN I 65 1.38 -42.51 -17.69
C ASN I 65 1.67 -44.01 -17.72
N THR I 66 1.90 -44.59 -16.52
CA THR I 66 2.25 -46.00 -16.38
C THR I 66 1.07 -46.92 -16.60
N GLY I 67 -0.16 -46.37 -16.58
CA GLY I 67 -1.37 -47.10 -16.94
C GLY I 67 -1.99 -47.85 -15.80
N GLY I 68 -1.34 -47.83 -14.62
CA GLY I 68 -1.90 -48.38 -13.39
C GLY I 68 -2.78 -47.40 -12.68
N VAL I 69 -2.17 -46.32 -12.14
CA VAL I 69 -2.88 -45.27 -11.45
C VAL I 69 -2.27 -43.97 -11.91
N ARG I 70 -3.11 -42.90 -12.06
CA ARG I 70 -2.67 -41.61 -12.53
C ARG I 70 -1.67 -40.95 -11.60
N GLN I 71 -0.50 -40.55 -12.14
CA GLN I 71 0.50 -39.85 -11.37
C GLN I 71 0.31 -38.36 -11.42
N PHE I 72 0.97 -37.68 -10.47
CA PHE I 72 0.92 -36.25 -10.36
C PHE I 72 2.30 -35.71 -10.09
N LEU I 73 2.49 -34.42 -10.38
CA LEU I 73 3.67 -33.68 -9.98
C LEU I 73 3.18 -32.58 -9.08
N CYS I 74 3.77 -32.53 -7.88
CA CYS I 74 3.38 -31.61 -6.85
C CYS I 74 4.51 -30.64 -6.64
N LYS I 75 4.16 -29.37 -6.45
CA LYS I 75 5.09 -28.32 -6.16
C LYS I 75 4.81 -27.87 -4.74
N ALA I 76 5.88 -27.58 -3.98
CA ALA I 76 5.71 -27.09 -2.64
C ALA I 76 6.86 -26.16 -2.31
N VAL I 77 6.60 -25.24 -1.37
CA VAL I 77 7.63 -24.38 -0.83
C VAL I 77 7.82 -24.77 0.62
N PHE I 78 9.04 -25.23 0.95
CA PHE I 78 9.36 -25.65 2.30
C PHE I 78 10.25 -24.58 2.90
N GLU I 79 9.81 -24.00 4.03
CA GLU I 79 10.42 -22.84 4.60
C GLU I 79 10.95 -23.16 5.98
N TYR I 80 12.25 -22.92 6.20
CA TYR I 80 12.89 -23.10 7.48
C TYR I 80 13.50 -21.79 7.91
N THR I 81 13.40 -21.42 9.20
CA THR I 81 13.99 -20.19 9.71
C THR I 81 14.96 -20.54 10.82
N ILE I 82 16.25 -20.15 10.71
CA ILE I 82 17.24 -20.40 11.75
C ILE I 82 17.62 -19.09 12.39
N VAL I 83 17.55 -19.03 13.73
CA VAL I 83 17.81 -17.82 14.48
C VAL I 83 18.95 -18.08 15.44
N TRP I 84 19.96 -17.20 15.44
CA TRP I 84 21.08 -17.24 16.37
C TRP I 84 21.03 -15.99 17.22
N VAL I 85 21.22 -16.14 18.53
CA VAL I 85 21.18 -15.04 19.46
C VAL I 85 22.58 -14.79 19.97
N PHE I 86 23.08 -13.56 19.78
CA PHE I 86 24.41 -13.18 20.18
C PHE I 86 24.28 -12.16 21.29
N SER I 87 24.69 -12.56 22.51
CA SER I 87 24.61 -11.72 23.69
C SER I 87 25.50 -10.49 23.61
N ARG I 88 25.03 -9.36 24.18
CA ARG I 88 25.72 -8.08 24.04
C ARG I 88 26.83 -7.95 25.06
N GLU I 89 26.83 -8.86 26.05
CA GLU I 89 27.86 -8.99 27.06
C GLU I 89 29.22 -9.26 26.43
N VAL I 90 29.29 -10.23 25.50
CA VAL I 90 30.50 -10.49 24.74
C VAL I 90 30.59 -9.66 23.45
N TYR I 91 29.48 -9.48 22.69
CA TYR I 91 29.50 -8.74 21.44
C TYR I 91 29.03 -7.30 21.60
N LYS I 92 29.97 -6.40 21.95
CA LYS I 92 29.69 -5.01 22.29
C LYS I 92 29.20 -4.16 21.13
N THR I 93 29.84 -4.30 19.95
CA THR I 93 29.49 -3.57 18.74
C THR I 93 28.91 -4.53 17.72
N TYR I 94 28.03 -4.01 16.83
CA TYR I 94 27.39 -4.77 15.77
C TYR I 94 28.39 -5.40 14.81
N HIS I 95 29.43 -4.66 14.40
CA HIS I 95 30.33 -5.14 13.38
C HIS I 95 31.26 -6.26 13.81
N GLN I 96 31.42 -6.51 15.13
CA GLN I 96 32.25 -7.59 15.60
C GLN I 96 31.49 -8.92 15.71
N ILE I 97 30.15 -8.96 15.51
CA ILE I 97 29.42 -10.22 15.46
C ILE I 97 29.74 -11.02 14.20
N PRO I 98 29.72 -12.36 14.19
CA PRO I 98 30.33 -13.10 13.09
C PRO I 98 29.29 -13.40 12.02
N ARG I 99 28.78 -12.33 11.39
CA ARG I 99 27.81 -12.38 10.30
C ARG I 99 28.32 -13.13 9.10
N SER I 100 29.63 -12.98 8.78
CA SER I 100 30.28 -13.67 7.68
C SER I 100 30.22 -15.17 7.80
N GLN I 101 30.51 -15.70 9.00
CA GLN I 101 30.42 -17.12 9.28
C GLN I 101 28.99 -17.65 9.20
N ILE I 102 27.98 -16.86 9.64
CA ILE I 102 26.58 -17.20 9.48
C ILE I 102 26.17 -17.32 8.02
N GLN I 103 26.60 -16.37 7.17
CA GLN I 103 26.38 -16.39 5.73
C GLN I 103 27.05 -17.58 5.05
N ASP I 104 28.29 -17.93 5.46
CA ASP I 104 28.99 -19.12 5.04
C ASP I 104 28.25 -20.40 5.40
N LEU I 105 27.72 -20.49 6.64
CA LEU I 105 26.94 -21.61 7.09
C LEU I 105 25.64 -21.78 6.32
N LEU I 106 24.98 -20.65 6.03
CA LEU I 106 23.77 -20.58 5.22
C LEU I 106 23.99 -21.03 3.78
N VAL I 107 25.05 -20.54 3.10
CA VAL I 107 25.37 -20.95 1.74
C VAL I 107 25.77 -22.41 1.66
N PHE I 108 26.49 -22.93 2.68
CA PHE I 108 26.81 -24.34 2.76
C PHE I 108 25.58 -25.23 2.90
N CYS I 109 24.58 -24.82 3.72
CA CYS I 109 23.32 -25.55 3.81
C CYS I 109 22.55 -25.55 2.51
N GLN I 110 22.50 -24.40 1.81
CA GLN I 110 21.89 -24.29 0.51
C GLN I 110 22.51 -25.21 -0.52
N GLN I 111 23.85 -25.26 -0.60
CA GLN I 111 24.55 -26.17 -1.49
C GLN I 111 24.33 -27.64 -1.17
N PHE I 112 24.34 -28.01 0.12
CA PHE I 112 24.15 -29.38 0.55
C PHE I 112 22.73 -29.89 0.28
N VAL I 113 21.70 -29.08 0.57
CA VAL I 113 20.32 -29.43 0.26
C VAL I 113 20.05 -29.53 -1.25
N ILE I 114 20.61 -28.60 -2.05
CA ILE I 114 20.52 -28.66 -3.51
C ILE I 114 21.22 -29.86 -4.13
N SER I 115 22.43 -30.22 -3.66
CA SER I 115 23.14 -31.36 -4.22
C SER I 115 22.52 -32.72 -3.91
N ALA I 116 21.89 -32.89 -2.73
CA ALA I 116 21.39 -34.15 -2.25
C ALA I 116 20.08 -34.64 -2.87
N TYR I 117 19.93 -34.56 -4.21
CA TYR I 117 18.76 -34.96 -4.97
C TYR I 117 18.33 -36.39 -4.69
N GLN I 118 19.28 -37.33 -4.79
CA GLN I 118 19.08 -38.74 -4.52
C GLN I 118 19.00 -39.07 -3.05
N GLY I 119 19.38 -38.13 -2.16
CA GLY I 119 19.42 -38.39 -0.72
C GLY I 119 18.21 -37.94 0.04
N ILE I 120 17.43 -36.98 -0.50
CA ILE I 120 16.22 -36.53 0.17
C ILE I 120 15.04 -37.44 -0.13
N ASP I 121 14.77 -37.72 -1.42
CA ASP I 121 13.71 -38.63 -1.82
C ASP I 121 14.02 -39.07 -3.24
N PRO I 122 13.74 -40.28 -3.73
CA PRO I 122 14.11 -40.64 -5.09
C PRO I 122 13.23 -39.97 -6.13
N ASP I 123 12.04 -39.51 -5.72
CA ASP I 123 11.03 -38.98 -6.61
C ASP I 123 11.07 -37.47 -6.73
N ILE I 124 12.16 -36.83 -6.27
CA ILE I 124 12.35 -35.40 -6.47
C ILE I 124 12.70 -35.13 -7.92
N THR I 125 11.96 -34.24 -8.60
CA THR I 125 12.27 -33.90 -9.98
C THR I 125 12.94 -32.54 -10.09
N ASN I 126 12.67 -31.62 -9.13
CA ASN I 126 13.35 -30.33 -9.14
C ASN I 126 13.47 -29.78 -7.72
N ILE I 127 14.62 -29.15 -7.40
CA ILE I 127 14.82 -28.37 -6.19
C ILE I 127 15.43 -27.05 -6.62
N ASP I 128 14.78 -25.93 -6.27
CA ASP I 128 15.24 -24.60 -6.61
C ASP I 128 15.22 -23.77 -5.32
N LEU I 129 15.93 -22.62 -5.33
CA LEU I 129 16.12 -21.78 -4.17
C LEU I 129 15.54 -20.42 -4.39
N LYS I 130 14.67 -19.97 -3.46
CA LYS I 130 14.31 -18.57 -3.43
C LYS I 130 15.42 -17.73 -2.79
N PRO I 131 15.57 -16.44 -3.11
CA PRO I 131 16.56 -15.57 -2.45
C PRO I 131 16.39 -15.53 -0.93
N SER I 132 17.45 -15.89 -0.18
CA SER I 132 17.43 -15.97 1.27
C SER I 132 17.58 -14.60 1.87
N GLN I 133 16.91 -14.35 3.00
CA GLN I 133 16.94 -13.06 3.65
C GLN I 133 17.66 -13.22 4.97
N VAL I 134 18.64 -12.34 5.24
CA VAL I 134 19.40 -12.38 6.48
C VAL I 134 19.16 -11.08 7.22
N LEU I 135 18.64 -11.18 8.45
CA LEU I 135 18.24 -10.04 9.23
C LEU I 135 19.08 -9.95 10.48
N VAL I 136 19.44 -8.72 10.90
CA VAL I 136 20.14 -8.48 12.15
C VAL I 136 19.21 -7.67 13.05
N LYS I 137 17.93 -8.07 13.09
CA LYS I 137 16.96 -7.50 13.99
C LYS I 137 17.30 -7.77 15.47
N PRO I 138 16.91 -6.97 16.44
CA PRO I 138 17.04 -7.35 17.83
C PRO I 138 16.22 -8.58 18.20
N THR I 139 16.61 -9.25 19.31
CA THR I 139 15.82 -10.28 19.97
C THR I 139 14.43 -9.81 20.39
N GLU I 140 13.47 -10.74 20.62
CA GLU I 140 12.10 -10.40 21.03
C GLU I 140 12.01 -9.52 22.28
N ASP I 141 12.59 -9.98 23.41
CA ASP I 141 12.64 -9.21 24.63
C ASP I 141 13.90 -9.53 25.44
N VAL I 142 14.86 -10.22 24.80
CA VAL I 142 16.08 -10.67 25.42
C VAL I 142 17.10 -9.56 25.58
N ASN I 143 17.44 -9.23 26.84
CA ASN I 143 18.40 -8.22 27.18
C ASN I 143 19.64 -8.89 27.73
N SER I 144 20.82 -8.34 27.48
CA SER I 144 22.05 -8.92 27.99
C SER I 144 22.64 -8.13 29.12
N ASP I 145 23.15 -6.93 28.82
CA ASP I 145 23.97 -6.07 29.62
C ASP I 145 23.17 -5.00 30.35
N VAL I 146 23.89 -4.17 31.14
CA VAL I 146 23.33 -3.03 31.84
C VAL I 146 22.69 -2.04 30.88
N SER I 147 21.54 -1.45 31.32
CA SER I 147 20.67 -0.55 30.57
C SER I 147 19.61 -1.32 29.81
N ASN I 148 19.65 -2.67 29.92
CA ASN I 148 18.71 -3.58 29.32
C ASN I 148 18.68 -3.49 27.80
N SER I 149 19.87 -3.37 27.18
CA SER I 149 19.96 -3.34 25.73
C SER I 149 19.64 -4.67 25.11
N SER I 150 18.78 -4.67 24.07
CA SER I 150 18.39 -5.88 23.37
C SER I 150 19.57 -6.57 22.71
N SER I 151 19.64 -7.90 22.86
CA SER I 151 20.65 -8.76 22.26
C SER I 151 20.55 -8.83 20.77
N TRP I 152 21.67 -9.07 20.09
CA TRP I 152 21.68 -9.23 18.66
C TRP I 152 21.05 -10.54 18.23
N SER I 153 20.12 -10.51 17.25
CA SER I 153 19.50 -11.72 16.72
C SER I 153 19.82 -11.77 15.24
N VAL I 154 20.39 -12.89 14.78
CA VAL I 154 20.66 -13.07 13.36
C VAL I 154 19.69 -14.13 12.87
N VAL I 155 18.81 -13.72 11.94
CA VAL I 155 17.72 -14.52 11.45
C VAL I 155 17.99 -14.80 9.99
N ALA I 156 17.99 -16.08 9.60
CA ALA I 156 18.20 -16.45 8.23
C ALA I 156 17.13 -17.43 7.81
N ASP I 157 16.42 -17.13 6.70
CA ASP I 157 15.44 -18.05 6.17
C ASP I 157 15.94 -18.86 5.00
N LEU I 158 15.40 -20.06 4.81
CA LEU I 158 15.67 -20.92 3.68
C LEU I 158 14.37 -21.44 3.13
N ARG I 159 14.03 -21.03 1.89
CA ARG I 159 12.79 -21.39 1.25
C ARG I 159 13.11 -22.19 0.01
N PHE I 160 12.84 -23.50 0.05
CA PHE I 160 13.15 -24.42 -1.01
C PHE I 160 11.90 -24.63 -1.86
N MET I 161 11.93 -24.26 -3.16
CA MET I 161 10.85 -24.61 -4.06
C MET I 161 11.17 -25.96 -4.65
N ILE I 162 10.29 -26.93 -4.45
CA ILE I 162 10.63 -28.30 -4.72
C ILE I 162 9.47 -28.96 -5.42
N GLU I 163 9.78 -29.69 -6.50
CA GLU I 163 8.84 -30.34 -7.35
C GLU I 163 9.13 -31.81 -7.29
N PHE I 164 8.10 -32.63 -7.07
CA PHE I 164 8.28 -34.03 -6.82
C PHE I 164 7.09 -34.80 -7.33
N LEU I 165 7.31 -36.09 -7.58
CA LEU I 165 6.29 -36.99 -8.06
C LEU I 165 5.49 -37.61 -6.93
N THR I 166 4.19 -37.79 -7.17
CA THR I 166 3.28 -38.43 -6.24
C THR I 166 2.31 -39.31 -7.00
N SER I 167 1.62 -40.23 -6.27
CA SER I 167 0.54 -41.01 -6.85
C SER I 167 -0.50 -41.21 -5.78
N LEU I 168 -1.74 -41.61 -6.17
CA LEU I 168 -2.81 -41.85 -5.23
C LEU I 168 -2.51 -43.01 -4.29
N ASP I 169 -1.78 -44.04 -4.76
CA ASP I 169 -1.47 -45.27 -4.06
C ASP I 169 -0.53 -45.09 -2.87
N GLU I 170 0.16 -43.94 -2.80
CA GLU I 170 1.14 -43.65 -1.77
C GLU I 170 0.53 -43.23 -0.45
N PHE I 171 -0.77 -42.89 -0.44
CA PHE I 171 -1.45 -42.37 0.73
C PHE I 171 -2.35 -43.44 1.32
N LEU I 172 -2.18 -43.75 2.61
CA LEU I 172 -2.91 -44.81 3.26
C LEU I 172 -3.44 -44.26 4.57
N PRO I 173 -4.38 -44.89 5.27
CA PRO I 173 -4.91 -44.32 6.51
C PRO I 173 -3.94 -44.38 7.67
N ILE I 174 -2.79 -45.07 7.53
CA ILE I 174 -1.74 -45.10 8.53
C ILE I 174 -1.09 -43.75 8.75
N ASP I 175 -0.87 -42.95 7.69
CA ASP I 175 -0.23 -41.66 7.83
C ASP I 175 -1.16 -40.57 8.33
N PHE I 176 -2.48 -40.83 8.35
CA PHE I 176 -3.46 -39.92 8.90
C PHE I 176 -3.93 -40.30 10.31
N ASN I 177 -3.26 -41.26 10.97
CA ASN I 177 -3.67 -41.91 12.21
C ASN I 177 -4.17 -41.04 13.36
N LYS I 178 -3.52 -39.88 13.60
CA LYS I 178 -3.84 -39.02 14.72
C LYS I 178 -4.68 -37.82 14.32
N ILE I 179 -5.11 -37.71 13.05
CA ILE I 179 -5.89 -36.57 12.58
C ILE I 179 -7.25 -37.03 12.08
N GLN I 180 -7.34 -38.22 11.46
CA GLN I 180 -8.54 -38.69 10.82
C GLN I 180 -8.75 -40.16 11.13
N PRO I 181 -9.90 -40.64 11.60
CA PRO I 181 -10.18 -42.07 11.69
C PRO I 181 -10.35 -42.66 10.31
N PRO I 182 -9.85 -43.84 9.96
CA PRO I 182 -10.30 -44.55 8.77
C PRO I 182 -11.79 -44.82 8.78
N THR I 183 -12.39 -44.87 7.57
CA THR I 183 -13.76 -45.32 7.34
C THR I 183 -14.84 -44.60 8.13
N TRP I 184 -14.78 -43.25 8.12
CA TRP I 184 -15.74 -42.36 8.72
C TRP I 184 -17.08 -42.23 7.98
N GLU I 185 -18.05 -41.53 8.61
CA GLU I 185 -19.38 -41.31 8.08
C GLU I 185 -19.52 -39.99 7.32
N LEU I 186 -20.33 -39.94 6.25
CA LEU I 186 -20.50 -38.73 5.46
C LEU I 186 -21.37 -37.70 6.15
N LEU I 187 -20.96 -36.42 6.10
CA LEU I 187 -21.52 -35.32 6.85
C LEU I 187 -22.96 -34.93 6.55
N ASP I 188 -23.52 -35.41 5.42
CA ASP I 188 -24.83 -35.07 4.93
C ASP I 188 -25.58 -36.36 4.54
N ASP I 189 -25.21 -37.50 5.17
CA ASP I 189 -25.76 -38.84 4.90
C ASP I 189 -25.57 -39.32 3.46
N LEU I 190 -24.54 -38.81 2.77
CA LEU I 190 -24.21 -39.20 1.41
C LEU I 190 -23.40 -40.50 1.38
N ASP I 191 -23.29 -41.15 0.22
CA ASP I 191 -22.45 -42.30 0.05
C ASP I 191 -21.02 -41.94 -0.36
N PRO I 192 -19.96 -42.62 0.11
CA PRO I 192 -18.62 -42.30 -0.33
C PRO I 192 -18.36 -42.87 -1.72
N ILE I 193 -17.70 -42.09 -2.60
CA ILE I 193 -17.40 -42.54 -3.94
C ILE I 193 -16.11 -43.34 -3.90
N VAL I 194 -16.21 -44.67 -4.07
CA VAL I 194 -15.04 -45.54 -3.99
C VAL I 194 -14.16 -45.36 -5.22
N PRO I 195 -12.85 -45.08 -5.15
CA PRO I 195 -11.99 -45.04 -6.32
C PRO I 195 -11.88 -46.39 -6.98
N GLU I 196 -11.42 -46.42 -8.25
CA GLU I 196 -11.19 -47.66 -8.95
C GLU I 196 -10.22 -48.57 -8.22
N GLN I 197 -10.40 -49.89 -8.38
CA GLN I 197 -9.57 -50.86 -7.71
C GLN I 197 -8.76 -51.57 -8.77
N PRO I 198 -7.48 -51.88 -8.57
CA PRO I 198 -6.68 -52.57 -9.57
C PRO I 198 -7.29 -53.89 -10.01
N PHE I 199 -7.58 -54.02 -11.31
CA PHE I 199 -8.29 -55.17 -11.82
C PHE I 199 -7.32 -56.29 -12.16
N THR I 200 -7.61 -57.51 -11.68
CA THR I 200 -6.78 -58.68 -11.90
C THR I 200 -7.45 -59.58 -12.92
N LEU I 201 -6.68 -60.11 -13.88
CA LEU I 201 -7.21 -60.92 -14.96
C LEU I 201 -7.10 -62.38 -14.60
N ASN I 202 -8.21 -62.98 -14.16
CA ASN I 202 -8.27 -64.34 -13.67
C ASN I 202 -9.14 -65.22 -14.54
N GLY I 203 -9.27 -64.85 -15.84
CA GLY I 203 -10.08 -65.58 -16.79
C GLY I 203 -10.33 -64.74 -18.00
N LEU I 204 -10.38 -65.36 -19.20
CA LEU I 204 -10.67 -64.64 -20.43
C LEU I 204 -11.58 -65.50 -21.27
N ILE I 205 -12.66 -64.88 -21.78
CA ILE I 205 -13.68 -65.52 -22.58
C ILE I 205 -13.70 -64.85 -23.93
N ILE I 206 -13.56 -65.64 -25.02
CA ILE I 206 -13.59 -65.13 -26.38
C ILE I 206 -14.72 -65.80 -27.11
N SER I 207 -15.60 -65.00 -27.74
CA SER I 207 -16.68 -65.51 -28.56
C SER I 207 -16.42 -64.97 -29.95
N LEU I 208 -16.03 -65.84 -30.90
CA LEU I 208 -15.72 -65.38 -32.24
C LEU I 208 -16.85 -65.69 -33.18
N ASN I 209 -16.98 -64.90 -34.27
CA ASN I 209 -18.05 -65.09 -35.21
C ASN I 209 -17.49 -65.37 -36.59
N LYS I 210 -18.03 -66.40 -37.26
CA LYS I 210 -17.70 -66.68 -38.64
C LYS I 210 -18.58 -65.83 -39.53
N SER I 211 -18.00 -64.81 -40.18
CA SER I 211 -18.69 -63.89 -41.05
C SER I 211 -19.01 -64.47 -42.41
N GLU I 212 -20.08 -63.95 -43.04
CA GLU I 212 -20.41 -64.20 -44.44
C GLU I 212 -19.36 -63.83 -45.48
N LEU I 213 -19.51 -64.45 -46.68
CA LEU I 213 -18.57 -64.40 -47.80
C LEU I 213 -18.13 -63.00 -48.28
N PRO I 214 -18.94 -61.94 -48.42
CA PRO I 214 -18.43 -60.69 -48.98
C PRO I 214 -17.50 -59.92 -48.04
N LYS I 215 -17.89 -59.68 -46.78
CA LYS I 215 -17.03 -59.08 -45.79
C LYS I 215 -17.68 -59.18 -44.43
N VAL I 216 -16.89 -59.03 -43.35
CA VAL I 216 -17.41 -58.83 -42.01
C VAL I 216 -18.25 -57.55 -41.90
N ARG I 217 -19.37 -57.63 -41.15
CA ARG I 217 -20.25 -56.50 -40.93
C ARG I 217 -20.40 -56.22 -39.45
N ALA I 218 -20.74 -57.25 -38.66
CA ALA I 218 -20.72 -57.24 -37.21
C ALA I 218 -21.86 -56.46 -36.54
N ASP I 219 -22.92 -56.11 -37.29
CA ASP I 219 -24.03 -55.34 -36.76
C ASP I 219 -25.30 -56.18 -36.79
N GLU I 220 -25.69 -56.70 -37.96
CA GLU I 220 -26.83 -57.58 -38.14
C GLU I 220 -26.51 -59.00 -37.73
N SER I 221 -27.43 -59.67 -37.02
CA SER I 221 -27.18 -60.98 -36.44
C SER I 221 -27.29 -62.14 -37.39
N ASP I 222 -27.77 -61.97 -38.63
CA ASP I 222 -27.93 -63.05 -39.57
C ASP I 222 -26.72 -63.21 -40.50
N THR I 223 -25.76 -62.27 -40.43
CA THR I 223 -24.61 -62.21 -41.34
C THR I 223 -23.36 -62.83 -40.76
N TYR I 224 -23.50 -63.44 -39.57
CA TYR I 224 -22.39 -64.12 -38.93
C TYR I 224 -22.92 -65.28 -38.11
N GLN I 225 -22.15 -66.37 -38.05
CA GLN I 225 -22.52 -67.54 -37.29
C GLN I 225 -21.57 -67.68 -36.14
N LEU I 226 -22.09 -68.01 -34.94
CA LEU I 226 -21.24 -68.36 -33.81
C LEU I 226 -20.55 -69.68 -34.08
N GLU I 227 -19.21 -69.70 -33.94
CA GLU I 227 -18.41 -70.89 -34.15
C GLU I 227 -18.22 -71.55 -32.81
N GLU I 228 -17.32 -70.98 -31.97
CA GLU I 228 -17.05 -71.50 -30.66
C GLU I 228 -16.90 -70.40 -29.63
N ILE I 229 -17.01 -70.79 -28.35
CA ILE I 229 -16.78 -69.88 -27.23
C ILE I 229 -15.58 -70.43 -26.47
N LEU I 230 -14.50 -69.64 -26.40
CA LEU I 230 -13.21 -70.12 -25.94
C LEU I 230 -12.93 -69.56 -24.57
N TYR I 231 -12.56 -70.43 -23.61
CA TYR I 231 -12.12 -70.00 -22.30
C TYR I 231 -10.63 -70.25 -22.23
N ILE I 232 -9.81 -69.18 -22.16
CA ILE I 232 -8.36 -69.28 -22.31
C ILE I 232 -7.68 -70.13 -21.23
N PRO I 233 -8.01 -70.06 -19.95
CA PRO I 233 -7.64 -71.10 -19.01
C PRO I 233 -8.76 -72.14 -18.93
N PRO I 234 -8.58 -73.43 -19.21
CA PRO I 234 -9.64 -74.43 -19.14
C PRO I 234 -10.39 -74.51 -17.83
N THR I 235 -9.79 -74.08 -16.72
CA THR I 235 -10.38 -74.08 -15.40
C THR I 235 -11.45 -73.04 -15.20
N ILE I 236 -11.63 -72.08 -16.14
CA ILE I 236 -12.71 -71.12 -16.07
C ILE I 236 -14.06 -71.74 -16.39
N GLU I 237 -14.08 -72.89 -17.11
CA GLU I 237 -15.28 -73.68 -17.33
C GLU I 237 -15.87 -74.16 -16.01
N ASP I 238 -17.21 -74.04 -15.86
CA ASP I 238 -17.94 -74.35 -14.64
C ASP I 238 -17.60 -73.46 -13.42
N GLN I 239 -16.81 -72.37 -13.60
CA GLN I 239 -16.44 -71.47 -12.52
C GLN I 239 -17.21 -70.15 -12.54
N ILE I 240 -17.33 -69.50 -13.70
CA ILE I 240 -18.04 -68.24 -13.87
C ILE I 240 -18.76 -68.28 -15.25
N MET J 1 35.36 -18.27 -4.10
CA MET J 1 35.21 -19.17 -2.92
C MET J 1 34.33 -18.66 -1.79
N THR J 2 34.77 -18.81 -0.52
CA THR J 2 34.02 -18.43 0.66
C THR J 2 33.75 -16.93 0.78
N LYS J 3 32.54 -16.56 1.21
CA LYS J 3 32.17 -15.16 1.34
C LYS J 3 32.92 -14.32 2.38
N PRO J 4 33.43 -14.77 3.53
CA PRO J 4 34.19 -13.92 4.44
C PRO J 4 35.50 -13.42 3.85
N SER J 5 36.24 -14.26 3.10
CA SER J 5 37.44 -13.80 2.41
C SER J 5 37.10 -12.80 1.31
N LEU J 6 36.06 -13.09 0.51
CA LEU J 6 35.50 -12.19 -0.49
C LEU J 6 35.04 -10.85 0.08
N ILE J 7 34.30 -10.83 1.21
CA ILE J 7 33.81 -9.60 1.83
C ILE J 7 34.95 -8.76 2.41
N SER J 8 35.98 -9.40 3.00
CA SER J 8 37.20 -8.72 3.42
C SER J 8 37.91 -8.05 2.27
N ALA J 9 38.03 -8.74 1.11
CA ALA J 9 38.53 -8.13 -0.09
C ALA J 9 37.64 -7.01 -0.62
N LYS J 10 36.31 -7.14 -0.55
CA LYS J 10 35.39 -6.09 -0.96
C LYS J 10 35.48 -4.80 -0.15
N ILE J 11 35.52 -4.87 1.20
CA ILE J 11 35.75 -3.71 2.04
C ILE J 11 37.13 -3.12 1.85
N LEU J 12 38.16 -3.96 1.62
CA LEU J 12 39.50 -3.50 1.29
C LEU J 12 39.55 -2.71 -0.01
N GLN J 13 38.88 -3.18 -1.08
CA GLN J 13 38.75 -2.42 -2.31
C GLN J 13 38.00 -1.10 -2.13
N HIS J 14 36.96 -1.11 -1.27
CA HIS J 14 36.19 0.08 -0.90
C HIS J 14 37.03 1.19 -0.28
N ILE J 15 37.85 0.87 0.75
CA ILE J 15 38.65 1.85 1.48
C ILE J 15 40.05 1.99 0.89
N ASN J 16 40.33 1.34 -0.26
CA ASN J 16 41.67 1.23 -0.82
C ASN J 16 42.31 2.56 -1.21
N SER J 17 41.53 3.39 -1.91
CA SER J 17 42.03 4.65 -2.41
C SER J 17 40.90 5.61 -2.72
N ILE J 18 39.67 5.27 -2.30
CA ILE J 18 38.49 6.04 -2.66
C ILE J 18 37.89 6.64 -1.40
N VAL J 19 37.13 5.85 -0.61
CA VAL J 19 36.50 6.38 0.58
C VAL J 19 37.41 6.27 1.78
N TRP J 20 37.54 7.36 2.56
CA TRP J 20 38.24 7.35 3.83
C TRP J 20 37.23 7.03 4.91
N LEU J 21 37.35 5.87 5.56
CA LEU J 21 36.37 5.46 6.54
C LEU J 21 36.95 5.58 7.94
N GLN J 22 36.53 6.63 8.68
CA GLN J 22 37.01 6.91 10.02
C GLN J 22 36.58 5.90 11.07
N SER J 23 35.36 5.34 10.92
CA SER J 23 34.85 4.36 11.86
C SER J 23 33.86 3.46 11.15
N LYS J 24 33.64 2.26 11.69
CA LYS J 24 32.75 1.28 11.12
C LYS J 24 31.74 0.89 12.17
N GLY J 25 30.45 1.22 11.93
CA GLY J 25 29.43 1.05 12.93
C GLY J 25 28.15 1.69 12.50
N ILE J 26 27.02 1.19 13.03
CA ILE J 26 25.70 1.69 12.73
C ILE J 26 25.31 2.81 13.69
N GLN J 27 25.75 4.04 13.37
CA GLN J 27 25.51 5.20 14.21
C GLN J 27 26.06 6.45 13.54
N GLU J 28 25.25 7.51 13.35
CA GLU J 28 25.73 8.78 12.85
C GLU J 28 26.77 9.44 13.79
N PRO J 29 27.93 9.94 13.37
CA PRO J 29 28.95 10.35 14.33
C PRO J 29 28.65 11.68 15.00
N LEU J 30 28.89 11.76 16.33
CA LEU J 30 28.82 12.99 17.09
C LEU J 30 30.20 13.54 17.43
N LYS J 31 31.27 12.95 16.86
CA LYS J 31 32.61 13.53 16.95
C LYS J 31 32.70 14.88 16.24
N PRO J 32 33.49 15.86 16.68
CA PRO J 32 33.77 17.07 15.91
C PRO J 32 34.41 16.78 14.56
N ASP J 33 34.42 17.76 13.64
CA ASP J 33 35.17 17.68 12.41
C ASP J 33 36.64 17.29 12.65
N VAL J 34 37.15 16.31 11.89
CA VAL J 34 38.45 15.74 12.12
C VAL J 34 39.53 16.61 11.49
N ILE J 35 40.51 17.05 12.31
CA ILE J 35 41.58 17.93 11.86
C ILE J 35 42.80 17.12 11.46
N VAL J 36 43.17 17.18 10.17
CA VAL J 36 44.35 16.52 9.64
C VAL J 36 45.04 17.50 8.70
N ASN J 37 46.36 17.71 8.85
CA ASN J 37 47.14 18.71 8.12
C ASN J 37 46.64 20.15 8.29
N ASN J 38 45.93 20.43 9.40
CA ASN J 38 45.34 21.71 9.74
C ASN J 38 44.08 22.00 8.92
N VAL J 39 43.49 20.95 8.33
CA VAL J 39 42.29 21.03 7.53
C VAL J 39 41.22 20.22 8.21
N ALA J 40 39.99 20.78 8.29
CA ALA J 40 38.85 20.12 8.91
C ALA J 40 38.04 19.33 7.90
N TYR J 41 37.71 18.07 8.23
CA TYR J 41 36.93 17.20 7.36
C TYR J 41 35.72 16.68 8.11
N PRO J 42 34.59 16.40 7.45
CA PRO J 42 33.38 15.96 8.12
C PRO J 42 33.52 14.56 8.72
N PRO J 43 32.91 14.20 9.84
CA PRO J 43 32.87 12.83 10.31
C PRO J 43 32.18 11.88 9.36
N ASN J 44 32.64 10.62 9.28
CA ASN J 44 31.92 9.63 8.52
C ASN J 44 31.89 8.28 9.19
N VAL J 45 30.97 7.41 8.73
CA VAL J 45 30.86 6.04 9.17
C VAL J 45 30.45 5.19 8.00
N ILE J 46 30.72 3.88 8.13
CA ILE J 46 30.29 2.88 7.20
C ILE J 46 29.53 1.79 7.92
N ALA J 47 28.36 1.42 7.38
CA ALA J 47 27.61 0.28 7.85
C ALA J 47 27.69 -0.80 6.79
N GLU J 48 28.29 -1.95 7.16
CA GLU J 48 28.36 -3.12 6.32
C GLU J 48 27.10 -3.93 6.60
N LYS J 49 26.15 -3.97 5.65
CA LYS J 49 24.88 -4.60 5.88
C LYS J 49 25.00 -6.11 5.73
N PRO J 50 24.19 -6.94 6.41
CA PRO J 50 24.31 -8.39 6.30
C PRO J 50 23.94 -8.86 4.91
N VAL J 51 24.71 -9.84 4.39
CA VAL J 51 24.49 -10.38 3.06
C VAL J 51 23.11 -10.99 2.89
N THR J 52 22.37 -10.54 1.85
CA THR J 52 21.02 -10.98 1.59
C THR J 52 20.95 -11.45 0.16
N ASN J 53 19.81 -12.09 -0.20
CA ASN J 53 19.57 -12.73 -1.48
C ASN J 53 20.60 -13.79 -1.83
N ILE J 54 21.05 -14.57 -0.83
CA ILE J 54 21.95 -15.68 -1.04
C ILE J 54 21.22 -16.85 -1.67
N GLU J 55 21.44 -17.04 -2.98
CA GLU J 55 20.74 -18.03 -3.76
C GLU J 55 21.76 -18.84 -4.55
N VAL J 56 21.55 -20.17 -4.61
CA VAL J 56 22.40 -21.10 -5.34
C VAL J 56 21.57 -21.70 -6.45
N ILE J 57 21.90 -21.42 -7.73
CA ILE J 57 20.99 -21.75 -8.81
C ILE J 57 21.34 -23.04 -9.52
N THR J 58 22.64 -23.43 -9.53
CA THR J 58 23.20 -24.57 -10.27
C THR J 58 22.74 -24.68 -11.73
N ASN J 59 22.48 -23.52 -12.36
CA ASN J 59 21.82 -23.42 -13.63
C ASN J 59 22.45 -22.27 -14.40
N SER J 60 23.78 -22.34 -14.59
CA SER J 60 24.52 -21.35 -15.35
C SER J 60 25.54 -22.10 -16.16
N SER J 61 25.97 -21.50 -17.28
CA SER J 61 26.87 -22.12 -18.23
C SER J 61 28.31 -22.01 -17.80
N MET J 62 28.57 -21.22 -16.74
CA MET J 62 29.88 -21.00 -16.18
C MET J 62 30.13 -21.91 -14.99
N ILE J 63 29.54 -23.11 -14.95
CA ILE J 63 29.76 -24.10 -13.92
C ILE J 63 30.31 -25.34 -14.59
N GLU J 64 31.59 -25.67 -14.37
CA GLU J 64 32.21 -26.82 -15.00
C GLU J 64 32.12 -28.07 -14.15
N ASN J 65 31.58 -29.18 -14.73
CA ASN J 65 31.58 -30.46 -14.05
C ASN J 65 32.95 -31.11 -14.13
N THR J 66 33.81 -30.82 -13.13
CA THR J 66 35.19 -31.31 -13.09
C THR J 66 35.26 -32.77 -12.70
N GLY J 67 34.15 -33.33 -12.16
CA GLY J 67 34.02 -34.76 -11.89
C GLY J 67 34.55 -35.18 -10.56
N GLY J 68 35.14 -34.24 -9.80
CA GLY J 68 35.57 -34.47 -8.42
C GLY J 68 34.45 -34.24 -7.45
N VAL J 69 34.01 -32.99 -7.30
CA VAL J 69 32.91 -32.62 -6.43
C VAL J 69 32.07 -31.62 -7.18
N ARG J 70 30.74 -31.66 -6.99
CA ARG J 70 29.81 -30.79 -7.68
C ARG J 70 30.00 -29.33 -7.33
N GLN J 71 30.19 -28.48 -8.36
CA GLN J 71 30.31 -27.05 -8.17
C GLN J 71 28.99 -26.35 -8.21
N PHE J 72 28.99 -25.12 -7.70
CA PHE J 72 27.82 -24.29 -7.66
C PHE J 72 28.18 -22.87 -8.07
N LEU J 73 27.16 -22.10 -8.49
CA LEU J 73 27.27 -20.69 -8.70
C LEU J 73 26.31 -20.04 -7.74
N CYS J 74 26.84 -19.12 -6.93
CA CYS J 74 26.12 -18.45 -5.89
C CYS J 74 25.98 -17.01 -6.26
N LYS J 75 24.79 -16.46 -6.01
CA LYS J 75 24.49 -15.07 -6.23
C LYS J 75 24.29 -14.45 -4.86
N ALA J 76 24.79 -13.23 -4.67
CA ALA J 76 24.59 -12.52 -3.43
C ALA J 76 24.52 -11.04 -3.70
N VAL J 77 23.84 -10.32 -2.80
CA VAL J 77 23.80 -8.87 -2.83
C VAL J 77 24.54 -8.39 -1.60
N PHE J 78 25.63 -7.65 -1.83
CA PHE J 78 26.44 -7.12 -0.75
C PHE J 78 26.19 -5.64 -0.67
N GLU J 79 25.73 -5.17 0.50
CA GLU J 79 25.22 -3.84 0.67
C GLU J 79 26.07 -3.10 1.68
N TYR J 80 26.62 -1.94 1.28
CA TYR J 80 27.39 -1.08 2.14
C TYR J 80 26.74 0.28 2.18
N THR J 81 26.66 0.93 3.35
CA THR J 81 26.08 2.26 3.47
C THR J 81 27.13 3.21 4.05
N ILE J 82 27.49 4.30 3.34
CA ILE J 82 28.45 5.29 3.84
C ILE J 82 27.71 6.55 4.17
N VAL J 83 27.91 7.07 5.39
CA VAL J 83 27.24 8.26 5.87
C VAL J 83 28.26 9.30 6.24
N TRP J 84 28.10 10.53 5.73
CA TRP J 84 28.91 11.68 6.06
C TRP J 84 28.06 12.70 6.77
N VAL J 85 28.57 13.26 7.87
CA VAL J 85 27.85 14.24 8.66
C VAL J 85 28.51 15.59 8.46
N PHE J 86 27.73 16.57 8.00
CA PHE J 86 28.22 17.91 7.74
C PHE J 86 27.56 18.84 8.73
N SER J 87 28.36 19.38 9.66
CA SER J 87 27.90 20.28 10.69
C SER J 87 27.36 21.59 10.16
N ARG J 88 26.31 22.13 10.81
CA ARG J 88 25.60 23.30 10.31
C ARG J 88 26.31 24.58 10.72
N GLU J 89 27.27 24.45 11.64
CA GLU J 89 28.14 25.52 12.08
C GLU J 89 28.95 26.09 10.93
N VAL J 90 29.58 25.21 10.12
CA VAL J 90 30.27 25.62 8.91
C VAL J 90 29.36 25.65 7.68
N TYR J 91 28.46 24.67 7.49
CA TYR J 91 27.58 24.61 6.32
C TYR J 91 26.19 25.16 6.60
N LYS J 92 26.04 26.49 6.44
CA LYS J 92 24.84 27.22 6.79
C LYS J 92 23.62 26.90 5.93
N THR J 93 23.82 26.80 4.60
CA THR J 93 22.77 26.48 3.64
C THR J 93 23.01 25.12 3.04
N TYR J 94 21.93 24.44 2.61
CA TYR J 94 21.98 23.13 2.00
C TYR J 94 22.82 23.10 0.73
N HIS J 95 22.68 24.11 -0.15
CA HIS J 95 23.33 24.07 -1.44
C HIS J 95 24.83 24.27 -1.40
N GLN J 96 25.41 24.75 -0.28
CA GLN J 96 26.84 24.92 -0.18
C GLN J 96 27.55 23.66 0.33
N ILE J 97 26.82 22.60 0.76
CA ILE J 97 27.45 21.33 1.11
C ILE J 97 28.00 20.59 -0.11
N PRO J 98 29.07 19.81 -0.04
CA PRO J 98 29.76 19.38 -1.25
C PRO J 98 29.22 18.03 -1.72
N ARG J 99 27.93 18.03 -2.11
CA ARG J 99 27.21 16.89 -2.65
C ARG J 99 27.84 16.34 -3.91
N SER J 100 28.34 17.23 -4.78
CA SER J 100 29.01 16.87 -6.02
C SER J 100 30.24 16.02 -5.81
N GLN J 101 31.09 16.38 -4.83
CA GLN J 101 32.26 15.62 -4.46
C GLN J 101 31.91 14.27 -3.87
N ILE J 102 30.82 14.17 -3.06
CA ILE J 102 30.31 12.90 -2.56
C ILE J 102 29.87 11.97 -3.67
N GLN J 103 29.14 12.49 -4.68
CA GLN J 103 28.73 11.74 -5.85
C GLN J 103 29.91 11.27 -6.70
N ASP J 104 30.94 12.12 -6.87
CA ASP J 104 32.20 11.77 -7.50
C ASP J 104 32.93 10.63 -6.77
N LEU J 105 32.99 10.71 -5.43
CA LEU J 105 33.60 9.68 -4.60
C LEU J 105 32.85 8.35 -4.71
N LEU J 106 31.52 8.41 -4.72
CA LEU J 106 30.65 7.27 -4.91
C LEU J 106 30.80 6.59 -6.27
N VAL J 107 30.82 7.37 -7.37
CA VAL J 107 31.04 6.81 -8.71
C VAL J 107 32.43 6.23 -8.88
N PHE J 108 33.47 6.86 -8.27
CA PHE J 108 34.81 6.30 -8.25
C PHE J 108 34.89 4.96 -7.53
N CYS J 109 34.21 4.80 -6.38
CA CYS J 109 34.16 3.53 -5.69
C CYS J 109 33.46 2.45 -6.50
N GLN J 110 32.34 2.81 -7.16
CA GLN J 110 31.64 1.92 -8.06
C GLN J 110 32.49 1.42 -9.20
N GLN J 111 33.24 2.32 -9.87
CA GLN J 111 34.16 1.96 -10.93
C GLN J 111 35.30 1.07 -10.47
N PHE J 112 35.89 1.38 -9.30
CA PHE J 112 37.00 0.63 -8.76
C PHE J 112 36.61 -0.79 -8.34
N VAL J 113 35.46 -0.95 -7.65
CA VAL J 113 34.95 -2.26 -7.29
C VAL J 113 34.55 -3.10 -8.51
N ILE J 114 33.92 -2.49 -9.53
CA ILE J 114 33.59 -3.16 -10.79
C ILE J 114 34.81 -3.60 -11.58
N SER J 115 35.85 -2.76 -11.69
CA SER J 115 37.05 -3.13 -12.44
C SER J 115 37.89 -4.22 -11.82
N ALA J 116 37.94 -4.31 -10.48
CA ALA J 116 38.82 -5.20 -9.75
C ALA J 116 38.38 -6.66 -9.69
N TYR J 117 37.94 -7.25 -10.82
CA TYR J 117 37.47 -8.63 -10.94
C TYR J 117 38.48 -9.65 -10.43
N GLN J 118 39.73 -9.54 -10.90
CA GLN J 118 40.83 -10.39 -10.49
C GLN J 118 41.38 -10.06 -9.11
N GLY J 119 41.02 -8.89 -8.54
CA GLY J 119 41.57 -8.44 -7.27
C GLY J 119 40.71 -8.75 -6.07
N ILE J 120 39.40 -8.97 -6.25
CA ILE J 120 38.53 -9.30 -5.14
C ILE J 120 38.58 -10.79 -4.83
N ASP J 121 38.38 -11.66 -5.84
CA ASP J 121 38.46 -13.10 -5.66
C ASP J 121 38.69 -13.69 -7.04
N PRO J 122 39.41 -14.78 -7.29
CA PRO J 122 39.61 -15.26 -8.65
C PRO J 122 38.36 -15.91 -9.22
N ASP J 123 37.43 -16.34 -8.35
CA ASP J 123 36.27 -17.13 -8.71
C ASP J 123 35.03 -16.27 -8.92
N ILE J 124 35.19 -14.94 -9.03
CA ILE J 124 34.09 -14.07 -9.37
C ILE J 124 33.74 -14.23 -10.84
N THR J 125 32.46 -14.53 -11.16
CA THR J 125 32.05 -14.66 -12.56
C THR J 125 31.28 -13.43 -13.02
N ASN J 126 30.59 -12.71 -12.11
CA ASN J 126 29.90 -11.50 -12.48
C ASN J 126 29.82 -10.53 -11.31
N ILE J 127 29.99 -9.22 -11.57
CA ILE J 127 29.72 -8.15 -10.62
C ILE J 127 28.88 -7.12 -11.36
N ASP J 128 27.69 -6.80 -10.82
CA ASP J 128 26.78 -5.84 -11.39
C ASP J 128 26.37 -4.86 -10.29
N LEU J 129 25.82 -3.71 -10.67
CA LEU J 129 25.48 -2.63 -9.77
C LEU J 129 24.00 -2.35 -9.78
N LYS J 130 23.38 -2.35 -8.58
CA LYS J 130 22.06 -1.79 -8.47
C LYS J 130 22.10 -0.25 -8.45
N PRO J 131 21.05 0.47 -8.87
CA PRO J 131 21.02 1.93 -8.77
C PRO J 131 21.23 2.45 -7.35
N SER J 132 22.25 3.29 -7.14
CA SER J 132 22.63 3.81 -5.83
C SER J 132 21.72 4.94 -5.44
N GLN J 133 21.40 5.05 -4.14
CA GLN J 133 20.52 6.06 -3.64
C GLN J 133 21.31 7.02 -2.79
N VAL J 134 21.18 8.34 -3.03
CA VAL J 134 21.89 9.35 -2.27
C VAL J 134 20.87 10.21 -1.57
N LEU J 135 20.93 10.27 -0.23
CA LEU J 135 19.96 10.96 0.57
C LEU J 135 20.62 12.10 1.31
N VAL J 136 19.89 13.22 1.45
CA VAL J 136 20.34 14.36 2.24
C VAL J 136 19.38 14.52 3.41
N LYS J 137 19.03 13.40 4.05
CA LYS J 137 18.25 13.38 5.26
C LYS J 137 18.97 14.06 6.43
N PRO J 138 18.32 14.63 7.43
CA PRO J 138 19.01 15.05 8.63
C PRO J 138 19.66 13.91 9.40
N THR J 139 20.65 14.23 10.25
CA THR J 139 21.21 13.34 11.25
C THR J 139 20.19 12.78 12.23
N GLU J 140 20.49 11.65 12.92
CA GLU J 140 19.56 11.03 13.87
C GLU J 140 19.07 11.97 14.98
N ASP J 141 20.00 12.56 15.75
CA ASP J 141 19.66 13.54 16.77
C ASP J 141 20.77 14.56 16.95
N VAL J 142 21.71 14.61 15.99
CA VAL J 142 22.87 15.47 16.02
C VAL J 142 22.54 16.90 15.64
N ASN J 143 22.73 17.83 16.59
CA ASN J 143 22.49 19.24 16.40
C ASN J 143 23.83 19.94 16.38
N SER J 144 23.94 21.01 15.59
CA SER J 144 25.19 21.76 15.53
C SER J 144 25.10 23.08 16.22
N ASP J 145 24.34 24.03 15.66
CA ASP J 145 24.24 25.42 15.95
C ASP J 145 23.11 25.76 16.91
N VAL J 146 22.99 27.06 17.25
CA VAL J 146 21.91 27.59 18.06
C VAL J 146 20.54 27.32 17.44
N SER J 147 19.55 27.00 18.31
CA SER J 147 18.18 26.61 17.98
C SER J 147 18.08 25.11 17.83
N ASN J 148 19.22 24.41 17.98
CA ASN J 148 19.33 22.96 17.92
C ASN J 148 18.92 22.40 16.57
N SER J 149 19.31 23.07 15.48
CA SER J 149 19.02 22.59 14.14
C SER J 149 19.81 21.33 13.81
N SER J 150 19.11 20.31 13.27
CA SER J 150 19.75 19.06 12.89
C SER J 150 20.79 19.24 11.81
N SER J 151 21.94 18.58 11.98
CA SER J 151 23.06 18.58 11.04
C SER J 151 22.73 17.87 9.76
N TRP J 152 23.39 18.28 8.66
CA TRP J 152 23.20 17.63 7.39
C TRP J 152 23.84 16.25 7.36
N SER J 153 23.11 15.21 6.90
CA SER J 153 23.66 13.87 6.78
C SER J 153 23.54 13.47 5.32
N VAL J 154 24.64 13.05 4.71
CA VAL J 154 24.63 12.57 3.34
C VAL J 154 24.87 11.09 3.39
N VAL J 155 23.87 10.32 2.94
CA VAL J 155 23.83 8.88 3.04
C VAL J 155 23.88 8.33 1.63
N ALA J 156 24.84 7.46 1.35
CA ALA J 156 24.96 6.84 0.06
C ALA J 156 25.09 5.35 0.22
N ASP J 157 24.22 4.57 -0.47
CA ASP J 157 24.33 3.13 -0.45
C ASP J 157 25.00 2.57 -1.68
N LEU J 158 25.67 1.41 -1.53
CA LEU J 158 26.26 0.66 -2.61
C LEU J 158 25.86 -0.79 -2.50
N ARG J 159 25.08 -1.29 -3.47
CA ARG J 159 24.57 -2.63 -3.46
C ARG J 159 25.13 -3.36 -4.66
N PHE J 160 26.06 -4.30 -4.43
CA PHE J 160 26.74 -5.02 -5.48
C PHE J 160 26.05 -6.36 -5.66
N MET J 161 25.50 -6.65 -6.85
CA MET J 161 24.99 -7.98 -7.15
C MET J 161 26.14 -8.76 -7.74
N ILE J 162 26.51 -9.87 -7.11
CA ILE J 162 27.76 -10.53 -7.43
C ILE J 162 27.52 -12.01 -7.50
N GLU J 163 28.05 -12.63 -8.56
CA GLU J 163 27.89 -14.02 -8.86
C GLU J 163 29.25 -14.63 -8.86
N PHE J 164 29.42 -15.74 -8.15
CA PHE J 164 30.72 -16.33 -7.93
C PHE J 164 30.60 -17.82 -7.81
N LEU J 165 31.72 -18.51 -8.05
CA LEU J 165 31.80 -19.94 -7.98
C LEU J 165 32.12 -20.42 -6.58
N THR J 166 31.52 -21.56 -6.20
CA THR J 166 31.77 -22.21 -4.92
C THR J 166 31.80 -23.72 -5.11
N SER J 167 32.34 -24.44 -4.11
CA SER J 167 32.28 -25.89 -4.09
C SER J 167 32.12 -26.33 -2.66
N LEU J 168 31.70 -27.60 -2.43
CA LEU J 168 31.53 -28.14 -1.10
C LEU J 168 32.84 -28.22 -0.32
N ASP J 169 33.96 -28.47 -1.02
CA ASP J 169 35.28 -28.67 -0.47
C ASP J 169 35.91 -27.42 0.15
N GLU J 170 35.36 -26.24 -0.15
CA GLU J 170 35.87 -24.96 0.31
C GLU J 170 35.49 -24.64 1.74
N PHE J 171 34.52 -25.37 2.32
CA PHE J 171 33.99 -25.10 3.63
C PHE J 171 34.50 -26.11 4.62
N LEU J 172 35.14 -25.66 5.71
CA LEU J 172 35.75 -26.53 6.68
C LEU J 172 35.31 -26.08 8.06
N PRO J 173 35.47 -26.83 9.14
CA PRO J 173 34.99 -26.41 10.45
C PRO J 173 35.82 -25.27 11.05
N ILE J 174 36.96 -24.90 10.44
CA ILE J 174 37.76 -23.78 10.86
C ILE J 174 37.06 -22.45 10.70
N ASP J 175 36.30 -22.24 9.60
CA ASP J 175 35.62 -21.00 9.37
C ASP J 175 34.33 -20.84 10.18
N PHE J 176 33.85 -21.92 10.80
CA PHE J 176 32.70 -21.89 11.69
C PHE J 176 33.07 -21.88 13.17
N ASN J 177 34.36 -21.69 13.52
CA ASN J 177 34.95 -21.86 14.84
C ASN J 177 34.22 -21.26 16.04
N LYS J 178 33.67 -20.04 15.90
CA LYS J 178 33.03 -19.33 16.99
C LYS J 178 31.52 -19.40 16.95
N ILE J 179 30.93 -20.14 16.00
CA ILE J 179 29.48 -20.25 15.88
C ILE J 179 29.02 -21.68 16.07
N GLN J 180 29.81 -22.66 15.62
CA GLN J 180 29.40 -24.05 15.62
C GLN J 180 30.56 -24.93 16.07
N PRO J 181 30.44 -25.84 17.03
CA PRO J 181 31.47 -26.82 17.31
C PRO J 181 31.56 -27.83 16.18
N PRO J 182 32.72 -28.29 15.72
CA PRO J 182 32.81 -29.49 14.90
C PRO J 182 32.23 -30.71 15.59
N THR J 183 31.69 -31.66 14.79
CA THR J 183 31.26 -32.98 15.22
C THR J 183 30.27 -33.03 16.38
N TRP J 184 29.21 -32.21 16.26
CA TRP J 184 28.10 -32.15 17.18
C TRP J 184 27.12 -33.33 17.12
N GLU J 185 26.16 -33.37 18.07
CA GLU J 185 25.16 -34.41 18.20
C GLU J 185 23.85 -34.05 17.51
N LEU J 186 23.13 -35.03 16.91
CA LEU J 186 21.88 -34.76 16.22
C LEU J 186 20.72 -34.52 17.17
N LEU J 187 19.88 -33.50 16.86
CA LEU J 187 18.85 -32.98 17.72
C LEU J 187 17.70 -33.91 18.09
N ASP J 188 17.55 -35.03 17.36
CA ASP J 188 16.47 -35.98 17.49
C ASP J 188 17.03 -37.40 17.55
N ASP J 189 18.30 -37.55 18.01
CA ASP J 189 19.02 -38.82 18.09
C ASP J 189 19.21 -39.53 16.75
N LEU J 190 19.20 -38.77 15.64
CA LEU J 190 19.40 -39.30 14.30
C LEU J 190 20.88 -39.48 13.98
N ASP J 191 21.21 -40.23 12.93
CA ASP J 191 22.57 -40.36 12.47
C ASP J 191 22.95 -39.29 11.44
N PRO J 192 24.16 -38.73 11.42
CA PRO J 192 24.53 -37.77 10.40
C PRO J 192 24.83 -38.46 9.08
N ILE J 193 24.34 -37.89 7.96
CA ILE J 193 24.58 -38.46 6.65
C ILE J 193 25.94 -37.98 6.15
N VAL J 194 26.93 -38.88 6.11
CA VAL J 194 28.28 -38.52 5.71
C VAL J 194 28.34 -38.27 4.21
N PRO J 195 28.83 -37.15 3.67
CA PRO J 195 28.99 -36.97 2.24
C PRO J 195 30.01 -37.93 1.66
N GLU J 196 30.00 -38.11 0.33
CA GLU J 196 30.99 -38.94 -0.33
C GLU J 196 32.41 -38.48 -0.06
N GLN J 197 33.35 -39.43 -0.05
CA GLN J 197 34.73 -39.13 0.23
C GLN J 197 35.51 -39.39 -1.04
N PRO J 198 36.50 -38.56 -1.42
CA PRO J 198 37.27 -38.78 -2.64
C PRO J 198 37.92 -40.15 -2.68
N PHE J 199 37.58 -40.95 -3.70
CA PHE J 199 38.03 -42.33 -3.77
C PHE J 199 39.40 -42.40 -4.45
N THR J 200 40.34 -43.12 -3.83
CA THR J 200 41.70 -43.29 -4.34
C THR J 200 41.85 -44.69 -4.89
N LEU J 201 42.49 -44.82 -6.07
CA LEU J 201 42.61 -46.10 -6.74
C LEU J 201 43.95 -46.72 -6.39
N ASN J 202 43.94 -47.68 -5.47
CA ASN J 202 45.13 -48.30 -4.93
C ASN J 202 45.18 -49.78 -5.27
N GLY J 203 44.54 -50.18 -6.38
CA GLY J 203 44.49 -51.55 -6.82
C GLY J 203 43.40 -51.73 -7.85
N LEU J 204 43.63 -52.60 -8.85
CA LEU J 204 42.62 -52.88 -9.86
C LEU J 204 42.64 -54.37 -10.15
N ILE J 205 41.44 -54.98 -10.16
CA ILE J 205 41.26 -56.40 -10.37
C ILE J 205 40.39 -56.56 -11.61
N ILE J 206 40.87 -57.34 -12.60
CA ILE J 206 40.15 -57.60 -13.83
C ILE J 206 39.93 -59.09 -13.93
N SER J 207 38.68 -59.51 -14.14
CA SER J 207 38.32 -60.90 -14.36
C SER J 207 37.73 -60.96 -15.74
N LEU J 208 38.42 -61.57 -16.72
CA LEU J 208 37.93 -61.61 -18.08
C LEU J 208 37.38 -62.97 -18.39
N ASN J 209 36.44 -63.03 -19.34
CA ASN J 209 35.81 -64.29 -19.69
C ASN J 209 36.03 -64.59 -21.16
N LYS J 210 36.43 -65.83 -21.46
CA LYS J 210 36.54 -66.31 -22.82
C LYS J 210 35.17 -66.80 -23.27
N SER J 211 34.51 -66.06 -24.16
CA SER J 211 33.20 -66.38 -24.68
C SER J 211 33.21 -67.48 -25.71
N GLU J 212 32.07 -68.19 -25.83
CA GLU J 212 31.80 -69.13 -26.91
C GLU J 212 31.83 -68.58 -28.33
N LEU J 213 31.99 -69.50 -29.30
CA LEU J 213 32.20 -69.25 -30.72
C LEU J 213 31.19 -68.33 -31.42
N PRO J 214 29.86 -68.34 -31.25
CA PRO J 214 28.99 -67.48 -32.04
C PRO J 214 29.07 -66.01 -31.66
N LYS J 215 28.94 -65.66 -30.37
CA LYS J 215 29.11 -64.30 -29.91
C LYS J 215 29.15 -64.28 -28.41
N VAL J 216 29.69 -63.20 -27.80
CA VAL J 216 29.55 -62.92 -26.38
C VAL J 216 28.08 -62.76 -25.97
N ARG J 217 27.70 -63.30 -24.81
CA ARG J 217 26.36 -63.19 -24.28
C ARG J 217 26.38 -62.54 -22.90
N ALA J 218 27.21 -63.08 -21.98
CA ALA J 218 27.53 -62.49 -20.70
C ALA J 218 26.43 -62.58 -19.64
N ASP J 219 25.41 -63.44 -19.85
CA ASP J 219 24.30 -63.57 -18.92
C ASP J 219 24.31 -64.98 -18.33
N GLU J 220 24.26 -66.03 -19.17
CA GLU J 220 24.34 -67.41 -18.77
C GLU J 220 25.77 -67.85 -18.47
N SER J 221 25.97 -68.61 -17.38
CA SER J 221 27.30 -68.95 -16.91
C SER J 221 27.98 -70.08 -17.64
N ASP J 222 27.31 -70.81 -18.54
CA ASP J 222 27.91 -71.91 -19.25
C ASP J 222 28.48 -71.51 -20.61
N THR J 223 28.24 -70.26 -21.04
CA THR J 223 28.60 -69.76 -22.37
C THR J 223 29.90 -68.99 -22.37
N TYR J 224 30.59 -68.96 -21.22
CA TYR J 224 31.87 -68.32 -21.11
C TYR J 224 32.72 -69.04 -20.08
N GLN J 225 34.04 -69.09 -20.31
CA GLN J 225 34.96 -69.72 -19.40
C GLN J 225 35.84 -68.66 -18.79
N LEU J 226 36.09 -68.74 -17.48
CA LEU J 226 37.08 -67.90 -16.83
C LEU J 226 38.47 -68.26 -17.31
N GLU J 227 39.23 -67.27 -17.78
CA GLU J 227 40.58 -67.46 -18.27
C GLU J 227 41.52 -67.15 -17.12
N GLU J 228 41.72 -65.86 -16.81
CA GLU J 228 42.57 -65.45 -15.74
C GLU J 228 41.97 -64.31 -14.94
N ILE J 229 42.51 -64.09 -13.73
CA ILE J 229 42.14 -62.97 -12.88
C ILE J 229 43.39 -62.12 -12.72
N LEU J 230 43.34 -60.86 -13.19
CA LEU J 230 44.52 -60.04 -13.33
C LEU J 230 44.51 -58.96 -12.26
N TYR J 231 45.62 -58.82 -11.54
CA TYR J 231 45.80 -57.73 -10.59
C TYR J 231 46.82 -56.79 -11.18
N ILE J 232 46.40 -55.56 -11.54
CA ILE J 232 47.23 -54.64 -12.32
C ILE J 232 48.52 -54.22 -11.62
N PRO J 233 48.57 -53.90 -10.33
CA PRO J 233 49.83 -53.86 -9.60
C PRO J 233 50.09 -55.23 -8.97
N PRO J 234 51.18 -55.94 -9.23
CA PRO J 234 51.44 -57.26 -8.64
C PRO J 234 51.38 -57.33 -7.12
N THR J 235 51.60 -56.20 -6.43
CA THR J 235 51.58 -56.10 -4.99
C THR J 235 50.19 -56.19 -4.39
N ILE J 236 49.12 -56.15 -5.20
CA ILE J 236 47.76 -56.33 -4.70
C ILE J 236 47.49 -57.80 -4.34
N GLU J 237 48.25 -58.75 -4.92
CA GLU J 237 48.21 -60.15 -4.53
C GLU J 237 48.58 -60.32 -3.06
N ASP J 238 47.81 -61.15 -2.32
CA ASP J 238 47.94 -61.36 -0.89
C ASP J 238 47.65 -60.13 -0.01
N GLN J 239 47.14 -59.01 -0.58
CA GLN J 239 46.84 -57.80 0.17
C GLN J 239 45.35 -57.60 0.42
N ILE J 240 44.50 -57.77 -0.60
CA ILE J 240 43.06 -57.63 -0.50
C ILE J 240 42.40 -58.70 -1.40
N MET K 1 32.90 13.19 -18.55
CA MET K 1 33.82 13.03 -17.38
C MET K 1 33.17 13.14 -16.01
N THR K 2 33.81 13.88 -15.07
CA THR K 2 33.36 14.03 -13.71
C THR K 2 32.03 14.75 -13.55
N LYS K 3 31.16 14.26 -12.64
CA LYS K 3 29.85 14.85 -12.44
C LYS K 3 29.79 16.28 -11.89
N PRO K 4 30.70 16.84 -11.07
CA PRO K 4 30.60 18.24 -10.66
C PRO K 4 30.76 19.22 -11.80
N SER K 5 31.67 18.98 -12.76
CA SER K 5 31.78 19.83 -13.93
C SER K 5 30.55 19.72 -14.81
N LEU K 6 30.06 18.49 -15.04
CA LEU K 6 28.81 18.22 -15.73
C LEU K 6 27.58 18.87 -15.09
N ILE K 7 27.41 18.81 -13.75
CA ILE K 7 26.30 19.42 -13.05
C ILE K 7 26.34 20.94 -13.09
N SER K 8 27.55 21.55 -12.99
CA SER K 8 27.73 22.98 -13.20
C SER K 8 27.32 23.42 -14.59
N ALA K 9 27.69 22.65 -15.63
CA ALA K 9 27.19 22.88 -16.97
C ALA K 9 25.68 22.68 -17.10
N LYS K 10 25.10 21.67 -16.42
CA LYS K 10 23.66 21.45 -16.43
C LYS K 10 22.84 22.58 -15.82
N ILE K 11 23.21 23.11 -14.64
CA ILE K 11 22.56 24.27 -14.06
C ILE K 11 22.78 25.53 -14.88
N LEU K 12 23.97 25.69 -15.50
CA LEU K 12 24.24 26.78 -16.42
C LEU K 12 23.34 26.76 -17.65
N GLN K 13 23.12 25.58 -18.27
CA GLN K 13 22.17 25.44 -19.36
C GLN K 13 20.73 25.73 -18.93
N HIS K 14 20.36 25.32 -17.69
CA HIS K 14 19.06 25.60 -17.09
C HIS K 14 18.74 27.09 -16.98
N ILE K 15 19.66 27.90 -16.40
CA ILE K 15 19.45 29.32 -16.17
C ILE K 15 19.96 30.18 -17.33
N ASN K 16 20.39 29.55 -18.44
CA ASN K 16 21.07 30.22 -19.54
C ASN K 16 20.24 31.28 -20.25
N SER K 17 18.99 30.93 -20.57
CA SER K 17 18.11 31.80 -21.31
C SER K 17 16.67 31.43 -21.13
N ILE K 18 16.37 30.52 -20.19
CA ILE K 18 15.04 29.97 -20.01
C ILE K 18 14.51 30.38 -18.65
N VAL K 19 14.91 29.70 -17.56
CA VAL K 19 14.40 30.03 -16.25
C VAL K 19 15.24 31.09 -15.58
N TRP K 20 14.59 32.12 -15.00
CA TRP K 20 15.26 33.12 -14.19
C TRP K 20 15.20 32.64 -12.76
N LEU K 21 16.36 32.31 -12.16
CA LEU K 21 16.40 31.77 -10.82
C LEU K 21 16.92 32.81 -9.85
N GLN K 22 16.00 33.41 -9.06
CA GLN K 22 16.31 34.43 -8.09
C GLN K 22 17.14 33.95 -6.90
N SER K 23 16.92 32.71 -6.46
CA SER K 23 17.65 32.16 -5.34
C SER K 23 17.70 30.66 -5.48
N LYS K 24 18.68 30.02 -4.84
CA LYS K 24 18.88 28.60 -4.89
C LYS K 24 18.89 28.05 -3.47
N GLY K 25 17.88 27.24 -3.13
CA GLY K 25 17.69 26.80 -1.77
C GLY K 25 16.38 26.08 -1.61
N ILE K 26 16.31 25.19 -0.60
CA ILE K 26 15.13 24.42 -0.31
C ILE K 26 14.22 25.17 0.66
N GLN K 27 13.38 26.06 0.11
CA GLN K 27 12.49 26.90 0.91
C GLN K 27 11.62 27.73 -0.01
N GLU K 28 10.27 27.69 0.14
CA GLU K 28 9.38 28.57 -0.60
C GLU K 28 9.60 30.06 -0.27
N PRO K 29 9.73 31.01 -1.19
CA PRO K 29 10.14 32.35 -0.82
C PRO K 29 9.05 33.17 -0.15
N LEU K 30 9.41 33.91 0.92
CA LEU K 30 8.53 34.88 1.56
C LEU K 30 8.89 36.31 1.21
N LYS K 31 9.82 36.52 0.25
CA LYS K 31 10.08 37.84 -0.30
C LYS K 31 8.86 38.41 -1.05
N PRO K 32 8.58 39.71 -1.07
CA PRO K 32 7.57 40.29 -1.94
C PRO K 32 7.86 40.05 -3.41
N ASP K 33 6.86 40.26 -4.30
CA ASP K 33 7.07 40.26 -5.73
C ASP K 33 8.21 41.18 -6.15
N VAL K 34 9.12 40.68 -7.00
CA VAL K 34 10.33 41.38 -7.36
C VAL K 34 10.07 42.40 -8.45
N ILE K 35 10.41 43.68 -8.18
CA ILE K 35 10.16 44.77 -9.11
C ILE K 35 11.39 45.02 -9.97
N VAL K 36 11.26 44.81 -11.29
CA VAL K 36 12.30 45.08 -12.27
C VAL K 36 11.67 45.75 -13.46
N ASN K 37 12.24 46.87 -13.93
CA ASN K 37 11.67 47.72 -14.99
C ASN K 37 10.27 48.26 -14.70
N ASN K 38 9.90 48.35 -13.40
CA ASN K 38 8.61 48.80 -12.90
C ASN K 38 7.53 47.75 -13.09
N VAL K 39 7.95 46.48 -13.28
CA VAL K 39 7.06 45.35 -13.47
C VAL K 39 7.29 44.38 -12.33
N ALA K 40 6.20 43.86 -11.74
CA ALA K 40 6.27 42.92 -10.64
C ALA K 40 6.26 41.47 -11.13
N TYR K 41 7.18 40.64 -10.62
CA TYR K 41 7.29 39.25 -11.00
C TYR K 41 7.23 38.36 -9.75
N PRO K 42 6.71 37.14 -9.82
CA PRO K 42 6.57 36.28 -8.65
C PRO K 42 7.93 35.82 -8.11
N PRO K 43 8.13 35.62 -6.82
CA PRO K 43 9.34 35.00 -6.30
C PRO K 43 9.53 33.58 -6.78
N ASN K 44 10.79 33.15 -6.99
CA ASN K 44 11.05 31.77 -7.29
C ASN K 44 12.29 31.24 -6.60
N VAL K 45 12.40 29.90 -6.55
CA VAL K 45 13.56 29.20 -6.04
C VAL K 45 13.77 27.95 -6.85
N ILE K 46 15.02 27.45 -6.78
CA ILE K 46 15.40 26.19 -7.36
C ILE K 46 16.04 25.31 -6.32
N ALA K 47 15.60 24.05 -6.25
CA ALA K 47 16.23 23.04 -5.44
C ALA K 47 16.93 22.06 -6.35
N GLU K 48 18.27 21.97 -6.23
CA GLU K 48 19.08 21.01 -6.95
C GLU K 48 19.13 19.76 -6.09
N LYS K 49 18.45 18.68 -6.51
CA LYS K 49 18.33 17.50 -5.70
C LYS K 49 19.60 16.66 -5.79
N PRO K 50 19.99 15.88 -4.79
CA PRO K 50 21.21 15.09 -4.86
C PRO K 50 21.10 14.00 -5.90
N VAL K 51 22.19 13.77 -6.66
CA VAL K 51 22.23 12.78 -7.71
C VAL K 51 21.95 11.37 -7.21
N THR K 52 20.96 10.70 -7.83
CA THR K 52 20.54 9.37 -7.43
C THR K 52 20.57 8.48 -8.65
N ASN K 53 20.41 7.16 -8.42
CA ASN K 53 20.52 6.11 -9.42
C ASN K 53 21.85 6.09 -10.14
N ILE K 54 22.96 6.37 -9.40
CA ILE K 54 24.31 6.30 -9.94
C ILE K 54 24.72 4.85 -10.11
N GLU K 55 24.70 4.38 -11.37
CA GLU K 55 24.98 3.00 -11.69
C GLU K 55 26.01 2.94 -12.81
N VAL K 56 26.97 2.01 -12.69
CA VAL K 56 28.02 1.79 -13.68
C VAL K 56 27.83 0.42 -14.26
N ILE K 57 27.49 0.31 -15.56
CA ILE K 57 27.04 -0.97 -16.10
C ILE K 57 28.13 -1.73 -16.82
N THR K 58 29.13 -1.03 -17.40
CA THR K 58 30.20 -1.58 -18.24
C THR K 58 29.73 -2.55 -19.33
N ASN K 59 28.51 -2.32 -19.83
CA ASN K 59 27.79 -3.24 -20.68
C ASN K 59 27.02 -2.43 -21.71
N SER K 60 27.74 -1.60 -22.47
CA SER K 60 27.16 -0.81 -23.53
C SER K 60 28.14 -0.83 -24.68
N SER K 61 27.64 -0.61 -25.91
CA SER K 61 28.41 -0.69 -27.13
C SER K 61 29.19 0.57 -27.39
N MET K 62 28.92 1.62 -26.60
CA MET K 62 29.56 2.91 -26.71
C MET K 62 30.70 3.05 -25.71
N ILE K 63 31.36 1.93 -25.34
CA ILE K 63 32.52 1.93 -24.47
C ILE K 63 33.69 1.35 -25.24
N GLU K 64 34.69 2.16 -25.61
CA GLU K 64 35.81 1.70 -26.38
C GLU K 64 36.98 1.25 -25.52
N ASN K 65 37.46 0.01 -25.74
CA ASN K 65 38.65 -0.47 -25.05
C ASN K 65 39.90 0.11 -25.70
N THR K 66 40.34 1.30 -25.22
CA THR K 66 41.49 2.01 -25.77
C THR K 66 42.81 1.37 -25.38
N GLY K 67 42.78 0.47 -24.37
CA GLY K 67 43.94 -0.33 -24.00
C GLY K 67 44.87 0.33 -23.01
N GLY K 68 44.58 1.60 -22.66
CA GLY K 68 45.30 2.33 -21.61
C GLY K 68 44.73 2.03 -20.25
N VAL K 69 43.50 2.50 -19.99
CA VAL K 69 42.81 2.27 -18.74
C VAL K 69 41.37 1.94 -19.09
N ARG K 70 40.74 1.04 -18.32
CA ARG K 70 39.38 0.60 -18.56
C ARG K 70 38.36 1.72 -18.42
N GLN K 71 37.54 1.94 -19.47
CA GLN K 71 36.49 2.92 -19.43
C GLN K 71 35.19 2.36 -18.91
N PHE K 72 34.30 3.27 -18.52
CA PHE K 72 33.01 2.93 -18.01
C PHE K 72 31.96 3.84 -18.61
N LEU K 73 30.70 3.38 -18.56
CA LEU K 73 29.55 4.19 -18.89
C LEU K 73 28.73 4.26 -17.63
N CYS K 74 28.43 5.49 -17.20
CA CYS K 74 27.73 5.76 -15.98
C CYS K 74 26.39 6.34 -16.33
N LYS K 75 25.36 5.90 -15.60
CA LYS K 75 24.02 6.41 -15.74
C LYS K 75 23.70 7.16 -14.47
N ALA K 76 23.01 8.29 -14.59
CA ALA K 76 22.60 9.05 -13.43
C ALA K 76 21.30 9.73 -13.72
N VAL K 77 20.54 10.03 -12.65
CA VAL K 77 19.33 10.82 -12.74
C VAL K 77 19.61 12.11 -12.00
N PHE K 78 19.53 13.23 -12.74
CA PHE K 78 19.77 14.55 -12.17
C PHE K 78 18.44 15.25 -12.07
N GLU K 79 18.07 15.65 -10.85
CA GLU K 79 16.75 16.12 -10.54
C GLU K 79 16.82 17.55 -10.06
N TYR K 80 16.08 18.45 -10.72
CA TYR K 80 15.98 19.84 -10.35
C TYR K 80 14.52 20.17 -10.10
N THR K 81 14.21 20.95 -9.05
CA THR K 81 12.84 21.35 -8.76
C THR K 81 12.77 22.87 -8.77
N ILE K 82 11.90 23.47 -9.61
CA ILE K 82 11.71 24.92 -9.66
C ILE K 82 10.35 25.26 -9.11
N VAL K 83 10.31 26.19 -8.14
CA VAL K 83 9.08 26.57 -7.47
C VAL K 83 8.87 28.06 -7.66
N TRP K 84 7.66 28.43 -8.10
CA TRP K 84 7.24 29.82 -8.24
C TRP K 84 6.10 30.07 -7.29
N VAL K 85 6.15 31.20 -6.57
CA VAL K 85 5.14 31.56 -5.60
C VAL K 85 4.34 32.73 -6.14
N PHE K 86 3.02 32.55 -6.26
CA PHE K 86 2.14 33.56 -6.78
C PHE K 86 1.24 34.02 -5.65
N SER K 87 1.44 35.28 -5.21
CA SER K 87 0.68 35.87 -4.14
C SER K 87 -0.81 36.02 -4.44
N ARG K 88 -1.66 35.84 -3.41
CA ARG K 88 -3.10 35.81 -3.61
C ARG K 88 -3.68 37.21 -3.63
N GLU K 89 -2.85 38.19 -3.23
CA GLU K 89 -3.16 39.60 -3.29
C GLU K 89 -3.45 40.06 -4.72
N VAL K 90 -2.58 39.67 -5.67
CA VAL K 90 -2.80 39.92 -7.08
C VAL K 90 -3.59 38.80 -7.77
N TYR K 91 -3.31 37.51 -7.47
CA TYR K 91 -3.97 36.39 -8.12
C TYR K 91 -5.11 35.82 -7.28
N LYS K 92 -6.31 36.42 -7.43
CA LYS K 92 -7.48 36.11 -6.61
C LYS K 92 -8.05 34.72 -6.82
N THR K 93 -8.17 34.28 -8.09
CA THR K 93 -8.67 32.96 -8.45
C THR K 93 -7.55 32.12 -9.02
N TYR K 94 -7.67 30.78 -8.87
CA TYR K 94 -6.71 29.81 -9.36
C TYR K 94 -6.52 29.89 -10.88
N HIS K 95 -7.60 30.03 -11.66
CA HIS K 95 -7.51 29.97 -13.09
C HIS K 95 -6.86 31.17 -13.75
N GLN K 96 -6.71 32.30 -13.04
CA GLN K 96 -6.06 33.46 -13.60
C GLN K 96 -4.54 33.45 -13.40
N ILE K 97 -3.97 32.48 -12.63
CA ILE K 97 -2.52 32.34 -12.52
C ILE K 97 -1.90 31.83 -13.83
N PRO K 98 -0.66 32.18 -14.20
CA PRO K 98 -0.20 31.94 -15.57
C PRO K 98 0.49 30.60 -15.67
N ARG K 99 -0.28 29.52 -15.43
CA ARG K 99 0.16 28.14 -15.53
C ARG K 99 0.67 27.77 -16.90
N SER K 100 0.02 28.30 -17.96
CA SER K 100 0.39 28.08 -19.34
C SER K 100 1.80 28.55 -19.66
N GLN K 101 2.17 29.75 -19.19
CA GLN K 101 3.49 30.29 -19.34
C GLN K 101 4.55 29.50 -18.58
N ILE K 102 4.22 29.00 -17.37
CA ILE K 102 5.09 28.10 -16.62
C ILE K 102 5.37 26.80 -17.36
N GLN K 103 4.34 26.19 -17.97
CA GLN K 103 4.47 25.00 -18.79
C GLN K 103 5.31 25.23 -20.04
N ASP K 104 5.11 26.38 -20.71
CA ASP K 104 5.94 26.84 -21.81
C ASP K 104 7.41 27.00 -21.43
N LEU K 105 7.68 27.63 -20.26
CA LEU K 105 9.02 27.79 -19.75
C LEU K 105 9.69 26.45 -19.43
N LEU K 106 8.93 25.52 -18.84
CA LEU K 106 9.35 24.17 -18.56
C LEU K 106 9.70 23.36 -19.81
N VAL K 107 8.83 23.37 -20.84
CA VAL K 107 9.10 22.68 -22.10
C VAL K 107 10.28 23.28 -22.84
N PHE K 108 10.46 24.61 -22.80
CA PHE K 108 11.63 25.27 -23.36
C PHE K 108 12.93 24.84 -22.68
N CYS K 109 12.94 24.72 -21.33
CA CYS K 109 14.11 24.22 -20.63
C CYS K 109 14.45 22.78 -20.97
N GLN K 110 13.41 21.93 -21.09
CA GLN K 110 13.56 20.56 -21.52
C GLN K 110 14.17 20.43 -22.90
N GLN K 111 13.69 21.21 -23.88
CA GLN K 111 14.25 21.24 -25.22
C GLN K 111 15.69 21.73 -25.27
N PHE K 112 16.01 22.80 -24.51
CA PHE K 112 17.33 23.38 -24.49
C PHE K 112 18.37 22.45 -23.85
N VAL K 113 18.03 21.80 -22.72
CA VAL K 113 18.91 20.83 -22.09
C VAL K 113 19.12 19.57 -22.95
N ILE K 114 18.06 19.07 -23.61
CA ILE K 114 18.16 17.95 -24.55
C ILE K 114 19.00 18.26 -25.78
N SER K 115 18.85 19.45 -26.39
CA SER K 115 19.61 19.80 -27.58
C SER K 115 21.10 20.01 -27.34
N ALA K 116 21.48 20.54 -26.17
CA ALA K 116 22.84 20.94 -25.87
C ALA K 116 23.81 19.81 -25.54
N TYR K 117 23.82 18.70 -26.31
CA TYR K 117 24.67 17.54 -26.14
C TYR K 117 26.14 17.87 -26.07
N GLN K 118 26.62 18.65 -27.06
CA GLN K 118 27.99 19.10 -27.14
C GLN K 118 28.31 20.23 -26.18
N GLY K 119 27.29 20.87 -25.57
CA GLY K 119 27.49 22.03 -24.71
C GLY K 119 27.56 21.71 -23.24
N ILE K 120 26.99 20.58 -22.80
CA ILE K 120 27.04 20.20 -21.40
C ILE K 120 28.36 19.51 -21.06
N ASP K 121 28.74 18.46 -21.82
CA ASP K 121 30.00 17.76 -21.63
C ASP K 121 30.30 17.04 -22.93
N PRO K 122 31.52 16.83 -23.42
CA PRO K 122 31.72 16.15 -24.69
C PRO K 122 31.46 14.67 -24.60
N ASP K 123 31.51 14.10 -23.38
CA ASP K 123 31.45 12.68 -23.14
C ASP K 123 30.04 12.20 -22.81
N ILE K 124 29.01 13.03 -23.06
CA ILE K 124 27.64 12.60 -22.92
C ILE K 124 27.26 11.67 -24.06
N THR K 125 26.75 10.47 -23.75
CA THR K 125 26.33 9.55 -24.80
C THR K 125 24.82 9.51 -24.94
N ASN K 126 24.07 9.79 -23.85
CA ASN K 126 22.62 9.84 -23.94
C ASN K 126 22.05 10.81 -22.91
N ILE K 127 21.01 11.58 -23.29
CA ILE K 127 20.20 12.39 -22.39
C ILE K 127 18.75 12.08 -22.72
N ASP K 128 17.97 11.63 -21.72
CA ASP K 128 16.57 11.29 -21.88
C ASP K 128 15.80 12.00 -20.76
N LEU K 129 14.48 12.12 -20.92
CA LEU K 129 13.62 12.86 -20.03
C LEU K 129 12.59 11.96 -19.38
N LYS K 130 12.52 11.98 -18.04
CA LYS K 130 11.38 11.40 -17.37
C LYS K 130 10.16 12.32 -17.46
N PRO K 131 8.91 11.83 -17.41
CA PRO K 131 7.73 12.68 -17.38
C PRO K 131 7.73 13.69 -16.24
N SER K 132 7.63 14.99 -16.55
CA SER K 132 7.70 16.08 -15.58
C SER K 132 6.37 16.23 -14.89
N GLN K 133 6.39 16.58 -13.60
CA GLN K 133 5.20 16.73 -12.80
C GLN K 133 5.04 18.19 -12.46
N VAL K 134 3.84 18.75 -12.69
CA VAL K 134 3.56 20.15 -12.38
C VAL K 134 2.45 20.18 -11.35
N LEU K 135 2.74 20.79 -10.18
CA LEU K 135 1.84 20.81 -9.07
C LEU K 135 1.42 22.23 -8.77
N VAL K 136 0.14 22.42 -8.38
CA VAL K 136 -0.38 23.70 -7.94
C VAL K 136 -0.77 23.57 -6.47
N LYS K 137 0.11 22.93 -5.69
CA LYS K 137 -0.03 22.84 -4.25
C LYS K 137 0.05 24.21 -3.57
N PRO K 138 -0.53 24.47 -2.42
CA PRO K 138 -0.25 25.68 -1.68
C PRO K 138 1.20 25.80 -1.23
N THR K 139 1.65 27.02 -0.93
CA THR K 139 2.91 27.31 -0.24
C THR K 139 3.02 26.65 1.12
N GLU K 140 4.26 26.48 1.66
CA GLU K 140 4.48 25.85 2.96
C GLU K 140 3.69 26.48 4.12
N ASP K 141 3.88 27.79 4.36
CA ASP K 141 3.12 28.51 5.37
C ASP K 141 2.91 29.96 4.96
N VAL K 142 3.17 30.28 3.68
CA VAL K 142 3.09 31.62 3.14
C VAL K 142 1.67 32.05 2.87
N ASN K 143 1.21 33.09 3.59
CA ASN K 143 -0.11 33.66 3.45
C ASN K 143 0.02 35.02 2.79
N SER K 144 -0.96 35.40 1.97
CA SER K 144 -0.92 36.69 1.32
C SER K 144 -1.89 37.67 1.90
N ASP K 145 -3.19 37.44 1.69
CA ASP K 145 -4.32 38.29 1.92
C ASP K 145 -4.98 38.05 3.27
N VAL K 146 -6.04 38.85 3.55
CA VAL K 146 -6.88 38.71 4.73
C VAL K 146 -7.52 37.32 4.81
N SER K 147 -7.61 36.77 6.05
CA SER K 147 -8.07 35.44 6.39
C SER K 147 -6.94 34.45 6.38
N ASN K 148 -5.72 34.92 6.04
CA ASN K 148 -4.50 34.15 6.02
C ASN K 148 -4.56 32.99 5.04
N SER K 149 -5.14 33.22 3.84
CA SER K 149 -5.18 32.20 2.81
C SER K 149 -3.82 31.91 2.23
N SER K 150 -3.47 30.62 2.12
CA SER K 150 -2.20 30.20 1.56
C SER K 150 -2.03 30.63 0.11
N SER K 151 -0.83 31.14 -0.21
CA SER K 151 -0.45 31.56 -1.55
C SER K 151 -0.32 30.41 -2.50
N TRP K 152 -0.53 30.68 -3.80
CA TRP K 152 -0.39 29.66 -4.82
C TRP K 152 1.08 29.33 -5.05
N SER K 153 1.43 28.02 -5.08
CA SER K 153 2.79 27.59 -5.36
C SER K 153 2.74 26.70 -6.58
N VAL K 154 3.53 27.02 -7.60
CA VAL K 154 3.61 26.18 -8.80
C VAL K 154 4.97 25.52 -8.78
N VAL K 155 4.96 24.18 -8.68
CA VAL K 155 6.13 23.37 -8.50
C VAL K 155 6.30 22.53 -9.74
N ALA K 156 7.47 22.60 -10.38
CA ALA K 156 7.75 21.82 -11.55
C ALA K 156 9.08 21.12 -11.38
N ASP K 157 9.10 19.79 -11.57
CA ASP K 157 10.34 19.04 -11.52
C ASP K 157 10.89 18.72 -12.89
N LEU K 158 12.22 18.57 -12.99
CA LEU K 158 12.91 18.14 -14.18
C LEU K 158 13.91 17.08 -13.82
N ARG K 159 13.68 15.85 -14.31
CA ARG K 159 14.51 14.70 -13.99
C ARG K 159 15.13 14.20 -15.27
N PHE K 160 16.45 14.43 -15.44
CA PHE K 160 17.18 14.09 -16.63
C PHE K 160 17.87 12.75 -16.41
N MET K 161 17.55 11.71 -17.21
CA MET K 161 18.31 10.47 -17.17
C MET K 161 19.42 10.61 -18.17
N ILE K 162 20.66 10.49 -17.72
CA ILE K 162 21.79 10.88 -18.53
C ILE K 162 22.86 9.82 -18.40
N GLU K 163 23.41 9.43 -19.55
CA GLU K 163 24.40 8.39 -19.67
C GLU K 163 25.62 9.03 -20.25
N PHE K 164 26.79 8.78 -19.63
CA PHE K 164 28.00 9.46 -19.99
C PHE K 164 29.19 8.57 -19.75
N LEU K 165 30.29 8.88 -20.43
CA LEU K 165 31.52 8.14 -20.32
C LEU K 165 32.39 8.66 -19.20
N THR K 166 33.08 7.73 -18.52
CA THR K 166 34.02 8.02 -17.45
C THR K 166 35.24 7.12 -17.56
N SER K 167 36.32 7.48 -16.87
CA SER K 167 37.48 6.61 -16.74
C SER K 167 38.07 6.81 -15.37
N LEU K 168 38.93 5.88 -14.91
CA LEU K 168 39.58 5.97 -13.61
C LEU K 168 40.51 7.17 -13.51
N ASP K 169 41.16 7.55 -14.63
CA ASP K 169 42.15 8.60 -14.71
C ASP K 169 41.61 10.01 -14.50
N GLU K 170 40.27 10.18 -14.60
CA GLU K 170 39.61 11.46 -14.48
C GLU K 170 39.45 11.94 -13.05
N PHE K 171 39.66 11.05 -12.06
CA PHE K 171 39.44 11.36 -10.67
C PHE K 171 40.77 11.52 -9.96
N LEU K 172 40.97 12.68 -9.30
CA LEU K 172 42.22 13.00 -8.67
C LEU K 172 41.92 13.49 -7.26
N PRO K 173 42.86 13.60 -6.33
CA PRO K 173 42.53 14.03 -4.98
C PRO K 173 42.19 15.50 -4.87
N ILE K 174 42.36 16.30 -5.95
CA ILE K 174 41.97 17.69 -5.99
C ILE K 174 40.46 17.88 -5.90
N ASP K 175 39.65 17.02 -6.54
CA ASP K 175 38.22 17.15 -6.52
C ASP K 175 37.58 16.65 -5.23
N PHE K 176 38.34 15.92 -4.39
CA PHE K 176 37.89 15.47 -3.09
C PHE K 176 38.41 16.33 -1.93
N ASN K 177 39.02 17.50 -2.22
CA ASN K 177 39.77 18.34 -1.29
C ASN K 177 39.15 18.64 0.08
N LYS K 178 37.83 18.89 0.14
CA LYS K 178 37.15 19.28 1.35
C LYS K 178 36.39 18.15 1.99
N ILE K 179 36.47 16.91 1.46
CA ILE K 179 35.74 15.77 2.01
C ILE K 179 36.71 14.70 2.46
N GLN K 180 37.84 14.52 1.76
CA GLN K 180 38.76 13.43 2.02
C GLN K 180 40.20 13.94 1.95
N PRO K 181 41.09 13.70 2.91
CA PRO K 181 42.50 13.99 2.75
C PRO K 181 43.13 13.03 1.76
N PRO K 182 44.02 13.41 0.85
CA PRO K 182 44.87 12.46 0.15
C PRO K 182 45.71 11.61 1.09
N THR K 183 46.01 10.36 0.68
CA THR K 183 46.96 9.47 1.33
C THR K 183 46.72 9.20 2.80
N TRP K 184 45.46 8.85 3.13
CA TRP K 184 45.02 8.46 4.45
C TRP K 184 45.45 7.05 4.89
N GLU K 185 45.18 6.73 6.18
CA GLU K 185 45.52 5.46 6.80
C GLU K 185 44.37 4.46 6.75
N LEU K 186 44.66 3.14 6.59
CA LEU K 186 43.63 2.13 6.53
C LEU K 186 43.02 1.81 7.88
N LEU K 187 41.67 1.66 7.93
CA LEU K 187 40.88 1.58 9.13
C LEU K 187 41.11 0.36 10.03
N ASP K 188 41.78 -0.68 9.50
CA ASP K 188 42.00 -1.94 10.17
C ASP K 188 43.48 -2.34 10.04
N ASP K 189 44.38 -1.33 9.89
CA ASP K 189 45.82 -1.50 9.70
C ASP K 189 46.20 -2.31 8.46
N LEU K 190 45.34 -2.33 7.44
CA LEU K 190 45.58 -3.02 6.19
C LEU K 190 46.45 -2.19 5.25
N ASP K 191 47.01 -2.79 4.19
CA ASP K 191 47.75 -2.08 3.18
C ASP K 191 46.84 -1.61 2.03
N PRO K 192 47.04 -0.42 1.44
CA PRO K 192 46.22 -0.01 0.32
C PRO K 192 46.64 -0.72 -0.96
N ILE K 193 45.69 -1.18 -1.77
CA ILE K 193 45.99 -1.85 -3.02
C ILE K 193 46.21 -0.81 -4.09
N VAL K 194 47.47 -0.63 -4.53
CA VAL K 194 47.81 0.38 -5.51
C VAL K 194 47.31 -0.03 -6.89
N PRO K 195 46.53 0.75 -7.66
CA PRO K 195 46.16 0.41 -9.02
C PRO K 195 47.37 0.35 -9.92
N GLU K 196 47.22 -0.29 -11.10
CA GLU K 196 48.27 -0.32 -12.09
C GLU K 196 48.71 1.07 -12.52
N GLN K 197 50.00 1.20 -12.88
CA GLN K 197 50.55 2.48 -13.27
C GLN K 197 50.90 2.39 -14.73
N PRO K 198 50.67 3.41 -15.56
CA PRO K 198 50.99 3.36 -16.98
C PRO K 198 52.45 3.02 -17.24
N PHE K 199 52.71 1.92 -17.95
CA PHE K 199 54.05 1.42 -18.14
C PHE K 199 54.69 2.08 -19.36
N THR K 200 55.92 2.58 -19.18
CA THR K 200 56.67 3.25 -20.24
C THR K 200 57.76 2.34 -20.73
N LEU K 201 57.95 2.26 -22.06
CA LEU K 201 58.92 1.35 -22.65
C LEU K 201 60.22 2.09 -22.90
N ASN K 202 61.20 1.89 -22.02
CA ASN K 202 62.47 2.60 -22.04
C ASN K 202 63.62 1.66 -22.28
N GLY K 203 63.36 0.52 -22.96
CA GLY K 203 64.36 -0.47 -23.26
C GLY K 203 63.71 -1.76 -23.67
N LEU K 204 64.31 -2.50 -24.62
CA LEU K 204 63.78 -3.78 -25.05
C LEU K 204 64.94 -4.74 -25.24
N ILE K 205 64.80 -5.95 -24.67
CA ILE K 205 65.82 -6.99 -24.70
C ILE K 205 65.21 -8.18 -25.41
N ILE K 206 65.89 -8.68 -26.46
CA ILE K 206 65.45 -9.84 -27.22
C ILE K 206 66.54 -10.89 -27.13
N SER K 207 66.16 -12.11 -26.73
CA SER K 207 67.05 -13.25 -26.69
C SER K 207 66.48 -14.26 -27.65
N LEU K 208 67.13 -14.50 -28.80
CA LEU K 208 66.60 -15.41 -29.79
C LEU K 208 67.35 -16.71 -29.75
N ASN K 209 66.70 -17.81 -30.16
CA ASN K 209 67.30 -19.11 -30.13
C ASN K 209 67.35 -19.70 -31.52
N LYS K 210 68.51 -20.25 -31.90
CA LYS K 210 68.66 -21.00 -33.13
C LYS K 210 68.24 -22.43 -32.89
N SER K 211 67.08 -22.83 -33.43
CA SER K 211 66.53 -24.15 -33.29
C SER K 211 67.20 -25.19 -34.15
N GLU K 212 67.15 -26.46 -33.70
CA GLU K 212 67.53 -27.62 -34.50
C GLU K 212 66.79 -27.85 -35.80
N LEU K 213 67.43 -28.66 -36.68
CA LEU K 213 67.02 -28.92 -38.06
C LEU K 213 65.57 -29.39 -38.29
N PRO K 214 64.91 -30.28 -37.53
CA PRO K 214 63.57 -30.73 -37.89
C PRO K 214 62.49 -29.68 -37.67
N LYS K 215 62.41 -29.05 -36.49
CA LYS K 215 61.50 -27.96 -36.22
C LYS K 215 61.84 -27.34 -34.90
N VAL K 216 61.37 -26.09 -34.66
CA VAL K 216 61.38 -25.47 -33.35
C VAL K 216 60.55 -26.26 -32.33
N ARG K 217 61.05 -26.38 -31.09
CA ARG K 217 60.36 -27.07 -30.02
C ARG K 217 60.14 -26.14 -28.84
N ALA K 218 61.22 -25.48 -28.37
CA ALA K 218 61.19 -24.40 -27.41
C ALA K 218 60.92 -24.82 -25.96
N ASP K 219 61.03 -26.13 -25.64
CA ASP K 219 60.75 -26.64 -24.30
C ASP K 219 62.03 -27.21 -23.70
N GLU K 220 62.68 -28.17 -24.37
CA GLU K 220 63.93 -28.75 -23.98
C GLU K 220 65.11 -27.85 -24.32
N SER K 221 66.09 -27.72 -23.41
CA SER K 221 67.19 -26.78 -23.56
C SER K 221 68.31 -27.22 -24.46
N ASP K 222 68.34 -28.48 -24.92
CA ASP K 222 69.42 -28.97 -25.76
C ASP K 222 69.09 -28.87 -27.25
N THR K 223 67.85 -28.49 -27.59
CA THR K 223 67.34 -28.48 -28.97
C THR K 223 67.41 -27.10 -29.60
N TYR K 224 68.00 -26.14 -28.89
CA TYR K 224 68.19 -24.80 -29.40
C TYR K 224 69.44 -24.20 -28.82
N GLN K 225 70.14 -23.38 -29.62
CA GLN K 225 71.36 -22.72 -29.19
C GLN K 225 71.09 -21.25 -29.10
N LEU K 226 71.57 -20.60 -28.03
CA LEU K 226 71.56 -19.15 -27.94
C LEU K 226 72.49 -18.55 -28.98
N GLU K 227 71.98 -17.61 -29.80
CA GLU K 227 72.76 -16.96 -30.83
C GLU K 227 73.26 -15.66 -30.24
N GLU K 228 72.37 -14.65 -30.13
CA GLU K 228 72.73 -13.37 -29.58
C GLU K 228 71.65 -12.83 -28.66
N ILE K 229 72.03 -11.83 -27.84
CA ILE K 229 71.11 -11.11 -26.98
C ILE K 229 71.12 -9.68 -27.44
N LEU K 230 69.96 -9.17 -27.91
CA LEU K 230 69.88 -7.91 -28.61
C LEU K 230 69.23 -6.88 -27.71
N TYR K 231 69.87 -5.71 -27.57
CA TYR K 231 69.29 -4.58 -26.87
C TYR K 231 68.93 -3.54 -27.90
N ILE K 232 67.62 -3.28 -28.11
CA ILE K 232 67.13 -2.47 -29.22
C ILE K 232 67.63 -1.02 -29.20
N PRO K 233 67.68 -0.29 -28.09
CA PRO K 233 68.48 0.92 -28.01
C PRO K 233 69.88 0.57 -27.49
N PRO K 234 70.99 0.83 -28.17
CA PRO K 234 72.33 0.50 -27.69
C PRO K 234 72.69 1.03 -26.31
N THR K 235 72.04 2.10 -25.85
CA THR K 235 72.27 2.71 -24.56
C THR K 235 71.72 1.91 -23.40
N ILE K 236 70.94 0.84 -23.64
CA ILE K 236 70.48 -0.04 -22.58
C ILE K 236 71.60 -0.92 -22.05
N GLU K 237 72.66 -1.15 -22.86
CA GLU K 237 73.87 -1.84 -22.42
C GLU K 237 74.53 -1.10 -21.26
N ASP K 238 74.95 -1.83 -20.22
CA ASP K 238 75.51 -1.30 -18.98
C ASP K 238 74.54 -0.44 -18.14
N GLN K 239 73.24 -0.38 -18.48
CA GLN K 239 72.25 0.39 -17.74
C GLN K 239 71.35 -0.46 -16.86
N ILE K 240 70.82 -1.57 -17.38
CA ILE K 240 69.95 -2.48 -16.65
C ILE K 240 70.27 -3.93 -17.09
N MET L 1 2.73 23.78 -32.06
CA MET L 1 3.60 24.80 -31.42
C MET L 1 3.47 24.95 -29.91
N THR L 2 3.41 26.20 -29.40
CA THR L 2 3.36 26.50 -27.99
C THR L 2 2.09 26.02 -27.29
N LYS L 3 2.22 25.48 -26.07
CA LYS L 3 1.09 24.96 -25.33
C LYS L 3 0.01 25.96 -24.90
N PRO L 4 0.21 27.26 -24.60
CA PRO L 4 -0.89 28.16 -24.27
C PRO L 4 -1.86 28.39 -25.41
N SER L 5 -1.38 28.52 -26.66
CA SER L 5 -2.27 28.63 -27.81
C SER L 5 -3.04 27.33 -28.03
N LEU L 6 -2.35 26.18 -27.95
CA LEU L 6 -2.94 24.85 -27.98
C LEU L 6 -3.99 24.61 -26.90
N ILE L 7 -3.73 24.98 -25.63
CA ILE L 7 -4.68 24.81 -24.53
C ILE L 7 -5.90 25.70 -24.67
N SER L 8 -5.74 26.95 -25.16
CA SER L 8 -6.85 27.83 -25.50
C SER L 8 -7.73 27.22 -26.57
N ALA L 9 -7.13 26.63 -27.63
CA ALA L 9 -7.88 25.89 -28.61
C ALA L 9 -8.55 24.64 -28.04
N LYS L 10 -7.89 23.90 -27.12
CA LYS L 10 -8.48 22.75 -26.47
C LYS L 10 -9.71 23.05 -25.62
N ILE L 11 -9.68 24.09 -24.76
CA ILE L 11 -10.86 24.53 -24.01
C ILE L 11 -11.94 25.08 -24.91
N LEU L 12 -11.58 25.77 -26.01
CA LEU L 12 -12.52 26.23 -27.01
C LEU L 12 -13.25 25.08 -27.70
N GLN L 13 -12.55 24.01 -28.09
CA GLN L 13 -13.18 22.81 -28.63
C GLN L 13 -14.09 22.11 -27.61
N HIS L 14 -13.68 22.10 -26.32
CA HIS L 14 -14.46 21.58 -25.21
C HIS L 14 -15.83 22.24 -25.05
N ILE L 15 -15.87 23.60 -25.00
CA ILE L 15 -17.10 24.36 -24.77
C ILE L 15 -17.77 24.76 -26.08
N ASN L 16 -17.28 24.26 -27.23
CA ASN L 16 -17.71 24.70 -28.56
C ASN L 16 -19.17 24.43 -28.88
N SER L 17 -19.62 23.21 -28.58
CA SER L 17 -20.97 22.79 -28.89
C SER L 17 -21.39 21.61 -28.06
N ILE L 18 -20.60 21.24 -27.03
CA ILE L 18 -20.82 20.05 -26.25
C ILE L 18 -21.15 20.44 -24.82
N VAL L 19 -20.14 20.77 -23.99
CA VAL L 19 -20.39 21.12 -22.61
C VAL L 19 -20.67 22.60 -22.46
N TRP L 20 -21.73 22.96 -21.71
CA TRP L 20 -22.01 24.32 -21.33
C TRP L 20 -21.33 24.58 -20.00
N LEU L 21 -20.32 25.46 -19.97
CA LEU L 21 -19.55 25.70 -18.77
C LEU L 21 -19.91 27.05 -18.19
N GLN L 22 -20.72 27.05 -17.11
CA GLN L 22 -21.19 28.25 -16.44
C GLN L 22 -20.09 29.04 -15.73
N SER L 23 -19.09 28.34 -15.16
CA SER L 23 -18.01 29.00 -14.47
C SER L 23 -16.79 28.11 -14.53
N LYS L 24 -15.60 28.71 -14.36
CA LYS L 24 -14.34 28.00 -14.42
C LYS L 24 -13.59 28.26 -13.14
N GLY L 25 -13.38 27.21 -12.33
CA GLY L 25 -12.83 27.36 -11.00
C GLY L 25 -12.90 26.08 -10.24
N ILE L 26 -12.00 25.92 -9.26
CA ILE L 26 -11.93 24.74 -8.42
C ILE L 26 -12.81 24.91 -7.19
N GLN L 27 -14.12 24.59 -7.35
CA GLN L 27 -15.09 24.76 -6.28
C GLN L 27 -16.44 24.25 -6.75
N GLU L 28 -17.10 23.32 -6.02
CA GLU L 28 -18.45 22.90 -6.33
C GLU L 28 -19.48 24.04 -6.21
N PRO L 29 -20.39 24.31 -7.14
CA PRO L 29 -21.18 25.53 -7.07
C PRO L 29 -22.28 25.48 -6.03
N LEU L 30 -22.48 26.58 -5.28
CA LEU L 30 -23.59 26.76 -4.36
C LEU L 30 -24.64 27.71 -4.92
N LYS L 31 -24.52 28.11 -6.20
CA LYS L 31 -25.59 28.83 -6.87
C LYS L 31 -26.86 28.00 -7.03
N PRO L 32 -28.08 28.54 -6.99
CA PRO L 32 -29.28 27.80 -7.35
C PRO L 32 -29.25 27.29 -8.78
N ASP L 33 -30.16 26.35 -9.13
CA ASP L 33 -30.36 25.92 -10.50
C ASP L 33 -30.59 27.10 -11.44
N VAL L 34 -29.89 27.12 -12.58
CA VAL L 34 -29.88 28.26 -13.48
C VAL L 34 -31.10 28.22 -14.39
N ILE L 35 -31.91 29.31 -14.38
CA ILE L 35 -33.13 29.38 -15.15
C ILE L 35 -32.88 30.07 -16.49
N VAL L 36 -33.05 29.32 -17.59
CA VAL L 36 -32.92 29.84 -18.94
C VAL L 36 -34.08 29.30 -19.76
N ASN L 37 -34.80 30.17 -20.50
CA ASN L 37 -36.02 29.83 -21.23
C ASN L 37 -37.14 29.25 -20.37
N ASN L 38 -37.13 29.55 -19.05
CA ASN L 38 -38.08 29.09 -18.06
C ASN L 38 -37.84 27.63 -17.68
N VAL L 39 -36.63 27.12 -17.97
CA VAL L 39 -36.22 25.77 -17.67
C VAL L 39 -35.05 25.83 -16.71
N ALA L 40 -35.08 24.99 -15.66
CA ALA L 40 -34.04 24.93 -14.66
C ALA L 40 -32.96 23.90 -15.02
N TYR L 41 -31.68 24.28 -14.93
CA TYR L 41 -30.56 23.41 -15.24
C TYR L 41 -29.60 23.35 -14.05
N PRO L 42 -28.90 22.25 -13.81
CA PRO L 42 -28.02 22.12 -12.66
C PRO L 42 -26.80 23.04 -12.76
N PRO L 43 -26.24 23.58 -11.69
CA PRO L 43 -24.98 24.29 -11.74
C PRO L 43 -23.82 23.42 -12.17
N ASN L 44 -22.83 23.99 -12.90
CA ASN L 44 -21.64 23.27 -13.21
C ASN L 44 -20.40 24.13 -13.13
N VAL L 45 -19.23 23.46 -13.06
CA VAL L 45 -17.92 24.09 -13.09
C VAL L 45 -16.97 23.21 -13.83
N ILE L 46 -15.88 23.83 -14.31
CA ILE L 46 -14.79 23.15 -14.93
C ILE L 46 -13.49 23.52 -14.24
N ALA L 47 -12.67 22.51 -13.91
CA ALA L 47 -11.34 22.70 -13.41
C ALA L 47 -10.37 22.27 -14.49
N GLU L 48 -9.56 23.22 -14.98
CA GLU L 48 -8.50 22.97 -15.93
C GLU L 48 -7.26 22.63 -15.12
N LYS L 49 -6.83 21.36 -15.13
CA LYS L 49 -5.75 20.92 -14.29
C LYS L 49 -4.40 21.30 -14.89
N PRO L 50 -3.34 21.53 -14.13
CA PRO L 50 -2.06 21.92 -14.70
C PRO L 50 -1.45 20.81 -15.52
N VAL L 51 -0.86 21.16 -16.67
CA VAL L 51 -0.26 20.19 -17.58
C VAL L 51 0.86 19.39 -16.93
N THR L 52 0.74 18.05 -17.00
CA THR L 52 1.69 17.14 -16.38
C THR L 52 2.16 16.17 -17.43
N ASN L 53 3.21 15.39 -17.08
CA ASN L 53 3.91 14.46 -17.96
C ASN L 53 4.47 15.13 -19.21
N ILE L 54 5.00 16.37 -19.06
CA ILE L 54 5.66 17.08 -20.13
C ILE L 54 7.03 16.47 -20.39
N GLU L 55 7.13 15.69 -21.48
CA GLU L 55 8.32 14.96 -21.82
C GLU L 55 8.68 15.23 -23.28
N VAL L 56 9.99 15.43 -23.55
CA VAL L 56 10.50 15.66 -24.89
C VAL L 56 11.40 14.50 -25.25
N ILE L 57 11.02 13.68 -26.25
CA ILE L 57 11.70 12.42 -26.46
C ILE L 57 12.75 12.47 -27.55
N THR L 58 12.59 13.37 -28.55
CA THR L 58 13.42 13.48 -29.76
C THR L 58 13.73 12.15 -30.46
N ASN L 59 12.77 11.21 -30.37
CA ASN L 59 12.96 9.83 -30.75
C ASN L 59 11.66 9.33 -31.37
N SER L 60 11.20 10.03 -32.42
CA SER L 60 10.01 9.65 -33.15
C SER L 60 10.29 9.88 -34.61
N SER L 61 9.59 9.17 -35.49
CA SER L 61 9.79 9.19 -36.92
C SER L 61 9.12 10.37 -37.58
N MET L 62 8.30 11.08 -36.81
CA MET L 62 7.56 12.23 -37.26
C MET L 62 8.27 13.52 -36.89
N ILE L 63 9.61 13.51 -36.81
CA ILE L 63 10.43 14.69 -36.55
C ILE L 63 11.35 14.88 -37.73
N GLU L 64 11.14 15.92 -38.55
CA GLU L 64 11.96 16.15 -39.72
C GLU L 64 13.13 17.07 -39.45
N ASN L 65 14.36 16.62 -39.79
CA ASN L 65 15.53 17.46 -39.69
C ASN L 65 15.59 18.44 -40.87
N THR L 66 14.96 19.62 -40.70
CA THR L 66 14.87 20.64 -41.75
C THR L 66 16.18 21.37 -41.95
N GLY L 67 17.13 21.24 -40.99
CA GLY L 67 18.48 21.76 -41.14
C GLY L 67 18.65 23.18 -40.72
N GLY L 68 17.54 23.85 -40.34
CA GLY L 68 17.56 25.19 -39.76
C GLY L 68 17.79 25.16 -38.28
N VAL L 69 16.80 24.65 -37.53
CA VAL L 69 16.89 24.53 -36.09
C VAL L 69 16.31 23.17 -35.74
N ARG L 70 16.89 22.50 -34.71
CA ARG L 70 16.47 21.18 -34.29
C ARG L 70 15.04 21.15 -33.77
N GLN L 71 14.20 20.27 -34.35
CA GLN L 71 12.84 20.10 -33.89
C GLN L 71 12.72 19.05 -32.81
N PHE L 72 11.58 19.09 -32.12
CA PHE L 72 11.29 18.17 -31.06
C PHE L 72 9.86 17.71 -31.17
N LEU L 73 9.56 16.56 -30.54
CA LEU L 73 8.22 16.08 -30.36
C LEU L 73 8.00 16.02 -28.87
N CYS L 74 6.93 16.68 -28.43
CA CYS L 74 6.60 16.83 -27.04
C CYS L 74 5.34 16.05 -26.78
N LYS L 75 5.30 15.36 -25.64
CA LYS L 75 4.14 14.63 -25.19
C LYS L 75 3.64 15.35 -23.95
N ALA L 76 2.32 15.46 -23.81
CA ALA L 76 1.74 16.05 -22.64
C ALA L 76 0.41 15.40 -22.35
N VAL L 77 0.01 15.45 -21.07
CA VAL L 77 -1.29 15.00 -20.64
C VAL L 77 -2.04 16.24 -20.18
N PHE L 78 -3.17 16.54 -20.87
CA PHE L 78 -3.98 17.69 -20.54
C PHE L 78 -5.25 17.17 -19.89
N GLU L 79 -5.50 17.62 -18.65
CA GLU L 79 -6.53 17.07 -17.81
C GLU L 79 -7.56 18.13 -17.49
N TYR L 80 -8.83 17.85 -17.80
CA TYR L 80 -9.94 18.73 -17.51
C TYR L 80 -10.93 17.98 -16.64
N THR L 81 -11.51 18.62 -15.61
CA THR L 81 -12.50 17.98 -14.76
C THR L 81 -13.78 18.80 -14.81
N ILE L 82 -14.92 18.19 -15.21
CA ILE L 82 -16.21 18.88 -15.25
C ILE L 82 -17.09 18.31 -14.17
N VAL L 83 -17.66 19.19 -13.33
CA VAL L 83 -18.48 18.81 -12.20
C VAL L 83 -19.85 19.43 -12.36
N TRP L 84 -20.91 18.61 -12.23
CA TRP L 84 -22.29 19.04 -12.24
C TRP L 84 -22.90 18.75 -10.89
N VAL L 85 -23.63 19.72 -10.33
CA VAL L 85 -24.25 19.59 -9.03
C VAL L 85 -25.75 19.48 -9.22
N PHE L 86 -26.34 18.38 -8.73
CA PHE L 86 -27.75 18.13 -8.85
C PHE L 86 -28.36 18.19 -7.47
N SER L 87 -29.19 19.23 -7.23
CA SER L 87 -29.84 19.45 -5.96
C SER L 87 -30.82 18.36 -5.57
N ARG L 88 -30.90 18.06 -4.27
CA ARG L 88 -31.69 16.92 -3.79
C ARG L 88 -33.14 17.30 -3.63
N GLU L 89 -33.41 18.62 -3.69
CA GLU L 89 -34.75 19.18 -3.69
C GLU L 89 -35.58 18.68 -4.86
N VAL L 90 -35.01 18.70 -6.08
CA VAL L 90 -35.65 18.13 -7.25
C VAL L 90 -35.31 16.65 -7.45
N TYR L 91 -34.03 16.22 -7.24
CA TYR L 91 -33.62 14.85 -7.45
C TYR L 91 -33.58 14.04 -6.16
N LYS L 92 -34.73 13.46 -5.78
CA LYS L 92 -34.93 12.77 -4.52
C LYS L 92 -34.14 11.48 -4.36
N THR L 93 -34.12 10.64 -5.42
CA THR L 93 -33.40 9.38 -5.44
C THR L 93 -32.24 9.47 -6.41
N TYR L 94 -31.18 8.67 -6.15
CA TYR L 94 -29.98 8.61 -6.97
C TYR L 94 -30.28 8.19 -8.41
N HIS L 95 -31.13 7.18 -8.62
CA HIS L 95 -31.35 6.64 -9.94
C HIS L 95 -32.12 7.54 -10.89
N GLN L 96 -32.82 8.58 -10.38
CA GLN L 96 -33.53 9.50 -11.24
C GLN L 96 -32.66 10.65 -11.74
N ILE L 97 -31.41 10.82 -11.26
CA ILE L 97 -30.49 11.82 -11.81
C ILE L 97 -30.03 11.45 -13.22
N PRO L 98 -29.74 12.38 -14.13
CA PRO L 98 -29.61 12.03 -15.54
C PRO L 98 -28.15 11.72 -15.87
N ARG L 99 -27.64 10.65 -15.26
CA ARG L 99 -26.29 10.13 -15.46
C ARG L 99 -26.03 9.73 -16.89
N SER L 100 -27.04 9.14 -17.57
CA SER L 100 -26.95 8.74 -18.96
C SER L 100 -26.66 9.89 -19.90
N GLN L 101 -27.35 11.03 -19.72
CA GLN L 101 -27.12 12.23 -20.48
C GLN L 101 -25.74 12.83 -20.23
N ILE L 102 -25.23 12.79 -18.98
CA ILE L 102 -23.87 13.19 -18.65
C ILE L 102 -22.82 12.36 -19.37
N GLN L 103 -23.00 11.03 -19.41
CA GLN L 103 -22.14 10.11 -20.13
C GLN L 103 -22.16 10.34 -21.64
N ASP L 104 -23.35 10.61 -22.21
CA ASP L 104 -23.52 11.02 -23.59
C ASP L 104 -22.79 12.32 -23.92
N LEU L 105 -22.89 13.33 -23.04
CA LEU L 105 -22.20 14.59 -23.19
C LEU L 105 -20.68 14.44 -23.14
N LEU L 106 -20.20 13.59 -22.22
CA LEU L 106 -18.81 13.23 -22.08
C LEU L 106 -18.23 12.50 -23.30
N VAL L 107 -18.94 11.49 -23.83
CA VAL L 107 -18.50 10.78 -25.04
C VAL L 107 -18.52 11.67 -26.27
N PHE L 108 -19.51 12.59 -26.38
CA PHE L 108 -19.54 13.58 -27.45
C PHE L 108 -18.36 14.54 -27.40
N CYS L 109 -17.95 15.01 -26.20
CA CYS L 109 -16.77 15.84 -26.06
C CYS L 109 -15.49 15.11 -26.44
N GLN L 110 -15.37 13.83 -26.03
CA GLN L 110 -14.26 12.99 -26.41
C GLN L 110 -14.13 12.80 -27.91
N GLN L 111 -15.25 12.52 -28.61
CA GLN L 111 -15.25 12.40 -30.05
C GLN L 111 -14.91 13.69 -30.77
N PHE L 112 -15.44 14.84 -30.30
CA PHE L 112 -15.20 16.13 -30.91
C PHE L 112 -13.75 16.59 -30.76
N VAL L 113 -13.15 16.43 -29.56
CA VAL L 113 -11.75 16.74 -29.34
C VAL L 113 -10.80 15.83 -30.14
N ILE L 114 -11.10 14.52 -30.22
CA ILE L 114 -10.34 13.58 -31.04
C ILE L 114 -10.42 13.86 -32.53
N SER L 115 -11.60 14.19 -33.07
CA SER L 115 -11.73 14.47 -34.49
C SER L 115 -11.07 15.76 -34.96
N ALA L 116 -11.03 16.80 -34.12
CA ALA L 116 -10.57 18.12 -34.48
C ALA L 116 -9.05 18.30 -34.56
N TYR L 117 -8.32 17.36 -35.19
CA TYR L 117 -6.88 17.36 -35.36
C TYR L 117 -6.35 18.64 -35.98
N GLN L 118 -6.94 19.04 -37.13
CA GLN L 118 -6.60 20.25 -37.83
C GLN L 118 -7.14 21.51 -37.19
N GLY L 119 -8.07 21.38 -36.22
CA GLY L 119 -8.72 22.54 -35.61
C GLY L 119 -8.11 22.98 -34.31
N ILE L 120 -7.38 22.10 -33.59
CA ILE L 120 -6.74 22.48 -32.35
C ILE L 120 -5.40 23.16 -32.60
N ASP L 121 -4.51 22.52 -33.40
CA ASP L 121 -3.23 23.11 -33.75
C ASP L 121 -2.76 22.38 -35.00
N PRO L 122 -2.05 22.95 -35.97
CA PRO L 122 -1.66 22.20 -37.16
C PRO L 122 -0.56 21.20 -36.88
N ASP L 123 0.19 21.39 -35.79
CA ASP L 123 1.37 20.62 -35.47
C ASP L 123 1.08 19.47 -34.52
N ILE L 124 -0.20 19.11 -34.32
CA ILE L 124 -0.56 17.93 -33.55
C ILE L 124 -0.25 16.69 -34.35
N THR L 125 0.53 15.75 -33.78
CA THR L 125 0.83 14.50 -34.48
C THR L 125 0.02 13.34 -33.92
N ASN L 126 -0.37 13.39 -32.62
CA ASN L 126 -1.20 12.36 -32.05
C ASN L 126 -2.08 12.91 -30.94
N ILE L 127 -3.35 12.46 -30.85
CA ILE L 127 -4.24 12.69 -29.73
C ILE L 127 -4.82 11.35 -29.35
N ASP L 128 -4.66 10.93 -28.09
CA ASP L 128 -5.17 9.68 -27.58
C ASP L 128 -5.91 9.98 -26.28
N LEU L 129 -6.75 9.03 -25.83
CA LEU L 129 -7.62 9.19 -24.68
C LEU L 129 -7.29 8.20 -23.60
N LYS L 130 -7.06 8.70 -22.37
CA LYS L 130 -7.04 7.81 -21.23
C LYS L 130 -8.47 7.43 -20.81
N PRO L 131 -8.71 6.28 -20.18
CA PRO L 131 -10.04 5.92 -19.67
C PRO L 131 -10.62 6.95 -18.70
N SER L 132 -11.80 7.51 -19.01
CA SER L 132 -12.43 8.57 -18.24
C SER L 132 -13.12 7.98 -17.03
N GLN L 133 -13.11 8.72 -15.91
CA GLN L 133 -13.69 8.25 -14.67
C GLN L 133 -14.89 9.11 -14.37
N VAL L 134 -16.04 8.49 -14.07
CA VAL L 134 -17.26 9.21 -13.75
C VAL L 134 -17.65 8.86 -12.33
N LEU L 135 -17.75 9.87 -11.45
CA LEU L 135 -18.00 9.68 -10.05
C LEU L 135 -19.32 10.30 -9.68
N VAL L 136 -20.06 9.65 -8.76
CA VAL L 136 -21.30 10.19 -8.21
C VAL L 136 -21.08 10.43 -6.72
N LYS L 137 -19.90 11.00 -6.38
CA LYS L 137 -19.60 11.41 -5.03
C LYS L 137 -20.52 12.54 -4.54
N PRO L 138 -20.79 12.71 -3.26
CA PRO L 138 -21.47 13.91 -2.80
C PRO L 138 -20.69 15.19 -3.05
N THR L 139 -21.39 16.34 -3.06
CA THR L 139 -20.81 17.68 -3.03
C THR L 139 -19.90 17.92 -1.82
N GLU L 140 -18.99 18.92 -1.89
CA GLU L 140 -18.06 19.23 -0.79
C GLU L 140 -18.74 19.49 0.56
N ASP L 141 -19.67 20.46 0.62
CA ASP L 141 -20.43 20.75 1.81
C ASP L 141 -21.83 21.27 1.47
N VAL L 142 -22.22 21.13 0.20
CA VAL L 142 -23.48 21.62 -0.32
C VAL L 142 -24.65 20.75 0.05
N ASN L 143 -25.59 21.31 0.83
CA ASN L 143 -26.79 20.63 1.27
C ASN L 143 -27.97 21.24 0.55
N SER L 144 -28.99 20.43 0.24
CA SER L 144 -30.17 20.95 -0.43
C SER L 144 -31.36 21.05 0.48
N ASP L 145 -31.90 19.90 0.89
CA ASP L 145 -33.15 19.67 1.55
C ASP L 145 -33.02 19.58 3.07
N VAL L 146 -34.17 19.39 3.75
CA VAL L 146 -34.24 19.19 5.18
C VAL L 146 -33.44 17.97 5.61
N SER L 147 -32.77 18.09 6.79
CA SER L 147 -31.85 17.11 7.38
C SER L 147 -30.45 17.35 6.91
N ASN L 148 -30.25 18.36 6.04
CA ASN L 148 -28.97 18.78 5.51
C ASN L 148 -28.27 17.69 4.73
N SER L 149 -29.03 16.94 3.90
CA SER L 149 -28.45 15.91 3.07
C SER L 149 -27.61 16.48 1.96
N SER L 150 -26.39 15.95 1.77
CA SER L 150 -25.49 16.40 0.72
C SER L 150 -26.06 16.19 -0.67
N SER L 151 -25.93 17.21 -1.53
CA SER L 151 -26.35 17.20 -2.92
C SER L 151 -25.56 16.25 -3.76
N TRP L 152 -26.17 15.73 -4.83
CA TRP L 152 -25.49 14.86 -5.75
C TRP L 152 -24.48 15.62 -6.60
N SER L 153 -23.23 15.11 -6.71
CA SER L 153 -22.21 15.73 -7.55
C SER L 153 -21.78 14.68 -8.56
N VAL L 154 -21.84 15.04 -9.85
CA VAL L 154 -21.38 14.14 -10.91
C VAL L 154 -20.11 14.74 -11.46
N VAL L 155 -19.00 14.00 -11.30
CA VAL L 155 -17.67 14.45 -11.62
C VAL L 155 -17.17 13.59 -12.76
N ALA L 156 -16.74 14.22 -13.86
CA ALA L 156 -16.21 13.51 -14.98
C ALA L 156 -14.89 14.12 -15.39
N ASP L 157 -13.83 13.30 -15.49
CA ASP L 157 -12.55 13.77 -15.97
C ASP L 157 -12.28 13.44 -17.41
N LEU L 158 -11.49 14.27 -18.09
CA LEU L 158 -11.03 14.04 -19.44
C LEU L 158 -9.55 14.29 -19.51
N ARG L 159 -8.76 13.22 -19.77
CA ARG L 159 -7.32 13.29 -19.81
C ARG L 159 -6.86 12.94 -21.21
N PHE L 160 -6.38 13.94 -21.95
CA PHE L 160 -5.98 13.80 -23.33
C PHE L 160 -4.47 13.62 -23.37
N MET L 161 -3.97 12.47 -23.88
CA MET L 161 -2.54 12.31 -24.12
C MET L 161 -2.28 12.79 -25.52
N ILE L 162 -1.41 13.79 -25.67
CA ILE L 162 -1.30 14.50 -26.91
C ILE L 162 0.16 14.72 -27.22
N GLU L 163 0.52 14.43 -28.48
CA GLU L 163 1.86 14.49 -28.97
C GLU L 163 1.88 15.50 -30.08
N PHE L 164 2.83 16.44 -30.03
CA PHE L 164 2.84 17.55 -30.94
C PHE L 164 4.26 17.98 -31.20
N LEU L 165 4.45 18.68 -32.32
CA LEU L 165 5.73 19.18 -32.74
C LEU L 165 6.03 20.54 -32.15
N THR L 166 7.31 20.78 -31.81
CA THR L 166 7.79 22.05 -31.31
C THR L 166 9.15 22.34 -31.89
N SER L 167 9.59 23.62 -31.79
CA SER L 167 10.95 23.99 -32.15
C SER L 167 11.40 25.07 -31.20
N LEU L 168 12.73 25.33 -31.12
CA LEU L 168 13.27 26.36 -30.26
C LEU L 168 12.81 27.76 -30.66
N ASP L 169 12.61 28.01 -31.97
CA ASP L 169 12.26 29.29 -32.55
C ASP L 169 10.87 29.78 -32.19
N GLU L 170 10.00 28.89 -31.69
CA GLU L 170 8.62 29.19 -31.35
C GLU L 170 8.45 29.93 -30.04
N PHE L 171 9.51 29.95 -29.20
CA PHE L 171 9.45 30.53 -27.87
C PHE L 171 10.17 31.86 -27.85
N LEU L 172 9.49 32.93 -27.42
CA LEU L 172 10.03 34.26 -27.43
C LEU L 172 9.77 34.88 -26.07
N PRO L 173 10.39 35.99 -25.67
CA PRO L 173 10.17 36.54 -24.34
C PRO L 173 8.80 37.18 -24.17
N ILE L 174 8.01 37.33 -25.25
CA ILE L 174 6.65 37.83 -25.19
C ILE L 174 5.72 36.90 -24.44
N ASP L 175 5.85 35.57 -24.60
CA ASP L 175 4.97 34.63 -23.94
C ASP L 175 5.33 34.39 -22.48
N PHE L 176 6.52 34.86 -22.04
CA PHE L 176 6.92 34.80 -20.65
C PHE L 176 6.75 36.11 -19.89
N ASN L 177 6.06 37.11 -20.48
CA ASN L 177 5.98 38.50 -20.04
C ASN L 177 5.70 38.77 -18.56
N LYS L 178 4.80 38.00 -17.93
CA LYS L 178 4.39 38.21 -16.57
C LYS L 178 5.05 37.27 -15.58
N ILE L 179 5.99 36.41 -16.03
CA ILE L 179 6.65 35.45 -15.16
C ILE L 179 8.15 35.70 -15.12
N GLN L 180 8.75 36.13 -16.25
CA GLN L 180 10.17 36.27 -16.37
C GLN L 180 10.51 37.55 -17.11
N PRO L 181 11.39 38.44 -16.64
CA PRO L 181 11.87 39.56 -17.43
C PRO L 181 12.78 39.06 -18.54
N PRO L 182 12.74 39.56 -19.78
CA PRO L 182 13.82 39.33 -20.73
C PRO L 182 15.17 39.83 -20.22
N THR L 183 16.26 39.17 -20.66
CA THR L 183 17.63 39.59 -20.46
C THR L 183 18.05 39.84 -19.03
N TRP L 184 17.73 38.87 -18.14
CA TRP L 184 18.11 38.86 -16.75
C TRP L 184 19.58 38.53 -16.46
N GLU L 185 19.99 38.66 -15.18
CA GLU L 185 21.33 38.43 -14.72
C GLU L 185 21.54 37.00 -14.18
N LEU L 186 22.72 36.39 -14.38
CA LEU L 186 22.99 35.04 -13.91
C LEU L 186 23.22 34.97 -12.42
N LEU L 187 22.63 33.94 -11.77
CA LEU L 187 22.54 33.80 -10.33
C LEU L 187 23.85 33.61 -9.57
N ASP L 188 24.95 33.29 -10.28
CA ASP L 188 26.25 32.98 -9.72
C ASP L 188 27.33 33.77 -10.48
N ASP L 189 26.95 34.92 -11.07
CA ASP L 189 27.82 35.78 -11.88
C ASP L 189 28.41 35.11 -13.12
N LEU L 190 27.74 34.07 -13.63
CA LEU L 190 28.16 33.35 -14.82
C LEU L 190 27.74 34.08 -16.10
N ASP L 191 28.31 33.71 -17.25
CA ASP L 191 27.89 34.24 -18.52
C ASP L 191 26.77 33.42 -19.17
N PRO L 192 25.78 34.00 -19.85
CA PRO L 192 24.76 33.21 -20.51
C PRO L 192 25.29 32.61 -21.79
N ILE L 193 24.97 31.32 -22.06
CA ILE L 193 25.42 30.67 -23.27
C ILE L 193 24.44 30.99 -24.39
N VAL L 194 24.87 31.83 -25.35
CA VAL L 194 24.00 32.26 -26.44
C VAL L 194 23.78 31.12 -27.42
N PRO L 195 22.56 30.71 -27.79
CA PRO L 195 22.34 29.70 -28.82
C PRO L 195 22.83 30.18 -30.17
N GLU L 196 23.02 29.24 -31.12
CA GLU L 196 23.40 29.59 -32.47
C GLU L 196 22.40 30.52 -33.13
N GLN L 197 22.90 31.38 -34.03
CA GLN L 197 22.07 32.35 -34.70
C GLN L 197 22.00 31.97 -36.16
N PRO L 198 20.87 32.06 -36.85
CA PRO L 198 20.77 31.70 -38.26
C PRO L 198 21.77 32.44 -39.13
N PHE L 199 22.65 31.71 -39.81
CA PHE L 199 23.73 32.31 -40.56
C PHE L 199 23.26 32.66 -41.97
N THR L 200 23.55 33.91 -42.39
CA THR L 200 23.16 34.41 -43.71
C THR L 200 24.39 34.48 -44.59
N LEU L 201 24.27 34.04 -45.85
CA LEU L 201 25.40 33.98 -46.76
C LEU L 201 25.43 35.23 -47.61
N ASN L 202 26.30 36.17 -47.26
CA ASN L 202 26.41 37.47 -47.89
C ASN L 202 27.74 37.67 -48.58
N GLY L 203 28.37 36.55 -49.00
CA GLY L 203 29.66 36.58 -49.66
C GLY L 203 30.27 35.21 -49.66
N LEU L 204 30.99 34.84 -50.73
CA LEU L 204 31.66 33.55 -50.81
C LEU L 204 33.01 33.76 -51.45
N ILE L 205 34.06 33.20 -50.82
CA ILE L 205 35.44 33.31 -51.24
C ILE L 205 35.94 31.91 -51.53
N ILE L 206 36.47 31.70 -52.75
CA ILE L 206 37.03 30.42 -53.16
C ILE L 206 38.48 30.62 -53.51
N SER L 207 39.36 29.80 -52.92
CA SER L 207 40.78 29.81 -53.23
C SER L 207 41.09 28.43 -53.76
N LEU L 208 41.37 28.31 -55.08
CA LEU L 208 41.63 27.01 -55.66
C LEU L 208 43.10 26.82 -55.89
N ASN L 209 43.55 25.55 -55.91
CA ASN L 209 44.94 25.26 -56.08
C ASN L 209 45.15 24.40 -57.30
N LYS L 210 46.14 24.76 -58.14
CA LYS L 210 46.56 23.96 -59.26
C LYS L 210 47.55 22.92 -58.78
N SER L 211 47.14 21.65 -58.72
CA SER L 211 47.95 20.55 -58.27
C SER L 211 48.98 20.09 -59.28
N GLU L 212 50.08 19.51 -58.79
CA GLU L 212 51.07 18.80 -59.60
C GLU L 212 50.57 17.61 -60.42
N LEU L 213 51.37 17.26 -61.46
CA LEU L 213 51.07 16.27 -62.48
C LEU L 213 50.63 14.87 -62.01
N PRO L 214 51.17 14.19 -60.99
CA PRO L 214 50.74 12.83 -60.68
C PRO L 214 49.35 12.74 -60.06
N LYS L 215 49.06 13.52 -59.00
CA LYS L 215 47.74 13.59 -58.42
C LYS L 215 47.69 14.73 -57.42
N VAL L 216 46.48 15.20 -57.07
CA VAL L 216 46.27 16.09 -55.94
C VAL L 216 46.69 15.44 -54.61
N ARG L 217 47.33 16.22 -53.73
CA ARG L 217 47.76 15.76 -52.42
C ARG L 217 47.14 16.60 -51.33
N ALA L 218 47.29 17.94 -51.43
CA ALA L 218 46.60 18.92 -50.61
C ALA L 218 47.11 19.05 -49.17
N ASP L 219 48.31 18.51 -48.87
CA ASP L 219 48.86 18.56 -47.52
C ASP L 219 50.15 19.38 -47.53
N GLU L 220 51.13 19.02 -48.37
CA GLU L 220 52.37 19.75 -48.55
C GLU L 220 52.19 20.96 -49.44
N SER L 221 52.80 22.10 -49.06
CA SER L 221 52.58 23.37 -49.75
C SER L 221 53.34 23.56 -51.03
N ASP L 222 54.30 22.68 -51.39
CA ASP L 222 55.08 22.84 -52.59
C ASP L 222 54.50 22.07 -53.78
N THR L 223 53.45 21.26 -53.55
CA THR L 223 52.86 20.36 -54.55
C THR L 223 51.64 20.94 -55.22
N TYR L 224 51.34 22.21 -54.90
CA TYR L 224 50.23 22.90 -55.51
C TYR L 224 50.53 24.38 -55.60
N GLN L 225 50.06 25.03 -56.67
CA GLN L 225 50.26 26.45 -56.86
C GLN L 225 48.93 27.14 -56.74
N LEU L 226 48.90 28.30 -56.05
CA LEU L 226 47.72 29.14 -56.04
C LEU L 226 47.51 29.75 -57.42
N GLU L 227 46.30 29.59 -57.97
CA GLU L 227 45.94 30.12 -59.28
C GLU L 227 45.28 31.46 -59.05
N GLU L 228 44.01 31.45 -58.61
CA GLU L 228 43.27 32.66 -58.34
C GLU L 228 42.45 32.56 -57.08
N ILE L 229 42.03 33.73 -56.57
CA ILE L 229 41.13 33.82 -55.43
C ILE L 229 39.86 34.47 -55.92
N LEU L 230 38.73 33.75 -55.84
CA LEU L 230 37.51 34.15 -56.50
C LEU L 230 36.51 34.62 -55.47
N TYR L 231 35.93 35.81 -55.69
CA TYR L 231 34.86 36.31 -54.86
C TYR L 231 33.59 36.25 -55.68
N ILE L 232 32.63 35.38 -55.29
CA ILE L 232 31.47 35.06 -56.11
C ILE L 232 30.56 36.26 -56.39
N PRO L 233 30.23 37.15 -55.47
CA PRO L 233 29.68 38.44 -55.82
C PRO L 233 30.83 39.45 -55.97
N PRO L 234 31.06 40.14 -57.09
CA PRO L 234 32.15 41.09 -57.24
C PRO L 234 32.21 42.20 -56.21
N THR L 235 31.09 42.53 -55.56
CA THR L 235 30.99 43.55 -54.55
C THR L 235 31.61 43.17 -53.23
N ILE L 236 32.01 41.90 -53.02
CA ILE L 236 32.72 41.49 -51.82
C ILE L 236 34.16 41.98 -51.81
N GLU L 237 34.74 42.29 -52.99
CA GLU L 237 36.03 42.94 -53.11
C GLU L 237 36.04 44.30 -52.41
N ASP L 238 37.09 44.60 -51.64
CA ASP L 238 37.22 45.79 -50.81
C ASP L 238 36.19 45.92 -49.67
N GLN L 239 35.37 44.88 -49.39
CA GLN L 239 34.37 44.91 -48.33
C GLN L 239 34.78 44.13 -47.09
N ILE L 240 35.29 42.90 -47.25
CA ILE L 240 35.73 42.04 -46.16
C ILE L 240 36.99 41.27 -46.63
#